data_9IY3
# 
_entry.id   9IY3 
# 
_audit_conform.dict_name       mmcif_pdbx.dic 
_audit_conform.dict_version    5.404 
_audit_conform.dict_location   http://mmcif.pdb.org/dictionaries/ascii/mmcif_pdbx.dic 
# 
loop_
_database_2.database_id 
_database_2.database_code 
_database_2.pdbx_database_accession 
_database_2.pdbx_DOI 
PDB   9IY3         pdb_00009iy3 10.2210/pdb9iy3/pdb 
WWPDB D_1300049195 ?            ?                   
EMDB  EMD-60983    ?            ?                   
# 
loop_
_pdbx_audit_revision_history.ordinal 
_pdbx_audit_revision_history.data_content_type 
_pdbx_audit_revision_history.major_revision 
_pdbx_audit_revision_history.minor_revision 
_pdbx_audit_revision_history.revision_date 
_pdbx_audit_revision_history.part_number 
1 'Structure model' 1 0 2025-08-13 ? 
2 'EM metadata'     1 0 2025-08-13 ? 
3 FSC               1 0 2025-08-13 ? 
4 'Half map'        1 0 2025-08-13 1 
5 'Half map'        1 0 2025-08-13 2 
6 Image             1 0 2025-08-13 ? 
7 Mask              1 0 2025-08-13 1 
8 'Primary map'     1 0 2025-08-13 ? 
# 
loop_
_pdbx_audit_revision_details.ordinal 
_pdbx_audit_revision_details.revision_ordinal 
_pdbx_audit_revision_details.data_content_type 
_pdbx_audit_revision_details.provider 
_pdbx_audit_revision_details.type 
_pdbx_audit_revision_details.description 
_pdbx_audit_revision_details.details 
1 1 'Structure model' repository 'Initial release' ? ? 
2 2 'EM metadata'     repository 'Initial release' ? ? 
3 3 FSC               repository 'Initial release' ? ? 
4 4 'Half map'        repository 'Initial release' ? ? 
5 5 'Half map'        repository 'Initial release' ? ? 
6 6 Image             repository 'Initial release' ? ? 
7 7 Mask              repository 'Initial release' ? ? 
8 8 'Primary map'     repository 'Initial release' ? ? 
# 
_pdbx_database_status.status_code                     REL 
_pdbx_database_status.status_code_sf                  ? 
_pdbx_database_status.status_code_mr                  ? 
_pdbx_database_status.entry_id                        9IY3 
_pdbx_database_status.recvd_initial_deposition_date   2024-07-29 
_pdbx_database_status.SG_entry                        N 
_pdbx_database_status.deposit_site                    PDBJ 
_pdbx_database_status.process_site                    PDBC 
_pdbx_database_status.status_code_cs                  ? 
_pdbx_database_status.status_code_nmr_data            ? 
_pdbx_database_status.methods_development_category    ? 
_pdbx_database_status.pdb_format_compatible           Y 
# 
loop_
_pdbx_database_related.db_name 
_pdbx_database_related.details 
_pdbx_database_related.db_id 
_pdbx_database_related.content_type 
PDB-Dev .                                                                                      D_1300049198 unspecified            
EMDB    'Iterative acetyltransferase on lasso peptides from Actinomycetes in complex with CoA' EMD-60983    'associated EM volume' 
# 
_pdbx_contact_author.id                 2 
_pdbx_contact_author.email              leids@lzu.edu.cn 
_pdbx_contact_author.name_first         Dongsheng 
_pdbx_contact_author.name_last          Lei 
_pdbx_contact_author.name_mi            ? 
_pdbx_contact_author.role               'principal investigator/group leader' 
_pdbx_contact_author.identifier_ORCID   0000-0003-1640-0693 
# 
loop_
_audit_author.name 
_audit_author.pdbx_ordinal 
_audit_author.identifier_ORCID 
'Wu, S.'    1 ? 
'Xiong, J.' 2 ? 
'Lei, D.'   3 ? 
'Dong, S.'  4 ? 
# 
_citation.abstract                  ? 
_citation.abstract_id_CAS           ? 
_citation.book_id_ISBN              ? 
_citation.book_publisher            ? 
_citation.book_publisher_city       ? 
_citation.book_title                ? 
_citation.coordinate_linkage        ? 
_citation.country                   ? 
_citation.database_id_Medline       ? 
_citation.details                   ? 
_citation.id                        primary 
_citation.journal_abbrev            'To Be Published' 
_citation.journal_id_ASTM           ? 
_citation.journal_id_CSD            0353 
_citation.journal_id_ISSN           ? 
_citation.journal_full              ? 
_citation.journal_issue             ? 
_citation.journal_volume            ? 
_citation.language                  ? 
_citation.page_first                ? 
_citation.page_last                 ? 
_citation.title                     'Iterative acylation on mature lasso peptides by widespread GNATs for lipolasso production' 
_citation.year                      ? 
_citation.database_id_CSD           ? 
_citation.pdbx_database_id_DOI      ? 
_citation.pdbx_database_id_PubMed   ? 
_citation.pdbx_database_id_patent   ? 
_citation.unpublished_flag          ? 
# 
loop_
_citation_author.citation_id 
_citation_author.name 
_citation_author.ordinal 
_citation_author.identifier_ORCID 
primary 'Xiong, J.' 1  ? 
primary 'Wu, S.'    2  ? 
primary 'Liang, Z.' 3  ? 
primary 'Gong, X.'  4  ? 
primary 'Fang, S.'  5  ? 
primary 'Tao, F.'   6  ? 
primary 'Wu, Q.'    7  ? 
primary 'Cui, J.'   8  ? 
primary 'Gao, K.'   9  ? 
primary 'Luo, S.'   10 ? 
primary 'Lei, D.'   11 ? 
primary 'Dong, S.'  12 ? 
# 
loop_
_entity.id 
_entity.type 
_entity.src_method 
_entity.pdbx_description 
_entity.formula_weight 
_entity.pdbx_number_of_molecules 
_entity.pdbx_ec 
_entity.pdbx_mutation 
_entity.pdbx_fragment 
_entity.details 
1 polymer     man 'GCN5-related N-acetyltransferase' 21676.164 1 ? ? ? ? 
2 non-polymer syn 'COENZYME A'                       767.534   1 ? ? ? ? 
# 
_entity_poly.entity_id                      1 
_entity_poly.type                           'polypeptide(L)' 
_entity_poly.nstd_linkage                   no 
_entity_poly.nstd_monomer                   no 
_entity_poly.pdbx_seq_one_letter_code       
;MSPQDDLIVWLRGDRAGLGPFSADLVDQYWRWEQDPSVLIGYGRQTPDSLENRREGYGHQARGTDDQLRFTVYDLTGQDP
VPVGTTAVLIDHHVRTGEFVIQLGAGHRGRGLGTEATRLTLDYAFHVSALACVHLAVLTPNTGAIAAYERAGFRRIGERR
DSGFWLGRRVSETLMDAVPEDFPGPSVVRGFVEGGR
;
_entity_poly.pdbx_seq_one_letter_code_can   
;MSPQDDLIVWLRGDRAGLGPFSADLVDQYWRWEQDPSVLIGYGRQTPDSLENRREGYGHQARGTDDQLRFTVYDLTGQDP
VPVGTTAVLIDHHVRTGEFVIQLGAGHRGRGLGTEATRLTLDYAFHVSALACVHLAVLTPNTGAIAAYERAGFRRIGERR
DSGFWLGRRVSETLMDAVPEDFPGPSVVRGFVEGGR
;
_entity_poly.pdbx_strand_id                 A 
_entity_poly.pdbx_target_identifier         ? 
# 
_pdbx_entity_nonpoly.entity_id   2 
_pdbx_entity_nonpoly.name        'COENZYME A' 
_pdbx_entity_nonpoly.comp_id     COA 
# 
loop_
_entity_poly_seq.entity_id 
_entity_poly_seq.num 
_entity_poly_seq.mon_id 
_entity_poly_seq.hetero 
1 1   MET n 
1 2   SER n 
1 3   PRO n 
1 4   GLN n 
1 5   ASP n 
1 6   ASP n 
1 7   LEU n 
1 8   ILE n 
1 9   VAL n 
1 10  TRP n 
1 11  LEU n 
1 12  ARG n 
1 13  GLY n 
1 14  ASP n 
1 15  ARG n 
1 16  ALA n 
1 17  GLY n 
1 18  LEU n 
1 19  GLY n 
1 20  PRO n 
1 21  PHE n 
1 22  SER n 
1 23  ALA n 
1 24  ASP n 
1 25  LEU n 
1 26  VAL n 
1 27  ASP n 
1 28  GLN n 
1 29  TYR n 
1 30  TRP n 
1 31  ARG n 
1 32  TRP n 
1 33  GLU n 
1 34  GLN n 
1 35  ASP n 
1 36  PRO n 
1 37  SER n 
1 38  VAL n 
1 39  LEU n 
1 40  ILE n 
1 41  GLY n 
1 42  TYR n 
1 43  GLY n 
1 44  ARG n 
1 45  GLN n 
1 46  THR n 
1 47  PRO n 
1 48  ASP n 
1 49  SER n 
1 50  LEU n 
1 51  GLU n 
1 52  ASN n 
1 53  ARG n 
1 54  ARG n 
1 55  GLU n 
1 56  GLY n 
1 57  TYR n 
1 58  GLY n 
1 59  HIS n 
1 60  GLN n 
1 61  ALA n 
1 62  ARG n 
1 63  GLY n 
1 64  THR n 
1 65  ASP n 
1 66  ASP n 
1 67  GLN n 
1 68  LEU n 
1 69  ARG n 
1 70  PHE n 
1 71  THR n 
1 72  VAL n 
1 73  TYR n 
1 74  ASP n 
1 75  LEU n 
1 76  THR n 
1 77  GLY n 
1 78  GLN n 
1 79  ASP n 
1 80  PRO n 
1 81  VAL n 
1 82  PRO n 
1 83  VAL n 
1 84  GLY n 
1 85  THR n 
1 86  THR n 
1 87  ALA n 
1 88  VAL n 
1 89  LEU n 
1 90  ILE n 
1 91  ASP n 
1 92  HIS n 
1 93  HIS n 
1 94  VAL n 
1 95  ARG n 
1 96  THR n 
1 97  GLY n 
1 98  GLU n 
1 99  PHE n 
1 100 VAL n 
1 101 ILE n 
1 102 GLN n 
1 103 LEU n 
1 104 GLY n 
1 105 ALA n 
1 106 GLY n 
1 107 HIS n 
1 108 ARG n 
1 109 GLY n 
1 110 ARG n 
1 111 GLY n 
1 112 LEU n 
1 113 GLY n 
1 114 THR n 
1 115 GLU n 
1 116 ALA n 
1 117 THR n 
1 118 ARG n 
1 119 LEU n 
1 120 THR n 
1 121 LEU n 
1 122 ASP n 
1 123 TYR n 
1 124 ALA n 
1 125 PHE n 
1 126 HIS n 
1 127 VAL n 
1 128 SER n 
1 129 ALA n 
1 130 LEU n 
1 131 ALA n 
1 132 CYS n 
1 133 VAL n 
1 134 HIS n 
1 135 LEU n 
1 136 ALA n 
1 137 VAL n 
1 138 LEU n 
1 139 THR n 
1 140 PRO n 
1 141 ASN n 
1 142 THR n 
1 143 GLY n 
1 144 ALA n 
1 145 ILE n 
1 146 ALA n 
1 147 ALA n 
1 148 TYR n 
1 149 GLU n 
1 150 ARG n 
1 151 ALA n 
1 152 GLY n 
1 153 PHE n 
1 154 ARG n 
1 155 ARG n 
1 156 ILE n 
1 157 GLY n 
1 158 GLU n 
1 159 ARG n 
1 160 ARG n 
1 161 ASP n 
1 162 SER n 
1 163 GLY n 
1 164 PHE n 
1 165 TRP n 
1 166 LEU n 
1 167 GLY n 
1 168 ARG n 
1 169 ARG n 
1 170 VAL n 
1 171 SER n 
1 172 GLU n 
1 173 THR n 
1 174 LEU n 
1 175 MET n 
1 176 ASP n 
1 177 ALA n 
1 178 VAL n 
1 179 PRO n 
1 180 GLU n 
1 181 ASP n 
1 182 PHE n 
1 183 PRO n 
1 184 GLY n 
1 185 PRO n 
1 186 SER n 
1 187 VAL n 
1 188 VAL n 
1 189 ARG n 
1 190 GLY n 
1 191 PHE n 
1 192 VAL n 
1 193 GLU n 
1 194 GLY n 
1 195 GLY n 
1 196 ARG n 
# 
_entity_src_gen.entity_id                          1 
_entity_src_gen.pdbx_src_id                        1 
_entity_src_gen.pdbx_alt_source_flag               sample 
_entity_src_gen.pdbx_seq_type                      'Biological sequence' 
_entity_src_gen.pdbx_beg_seq_num                   1 
_entity_src_gen.pdbx_end_seq_num                   196 
_entity_src_gen.gene_src_common_name               ? 
_entity_src_gen.gene_src_genus                     ? 
_entity_src_gen.pdbx_gene_src_gene                 Amir_6318 
_entity_src_gen.gene_src_species                   ? 
_entity_src_gen.gene_src_strain                    ? 
_entity_src_gen.gene_src_tissue                    ? 
_entity_src_gen.gene_src_tissue_fraction           ? 
_entity_src_gen.gene_src_details                   ? 
_entity_src_gen.pdbx_gene_src_fragment             ? 
_entity_src_gen.pdbx_gene_src_scientific_name      
'Actinosynnema mirum (strain ATCC 29888 / DSM 43827 / JCM 3225 / NBRC 14064 / NCIMB 13271 / NRRL B-12336 / IMRU 3971 / 101)' 
_entity_src_gen.pdbx_gene_src_ncbi_taxonomy_id     446462 
_entity_src_gen.pdbx_gene_src_variant              ? 
_entity_src_gen.pdbx_gene_src_cell_line            ? 
_entity_src_gen.pdbx_gene_src_atcc                 ? 
_entity_src_gen.pdbx_gene_src_organ                ? 
_entity_src_gen.pdbx_gene_src_organelle            ? 
_entity_src_gen.pdbx_gene_src_cell                 ? 
_entity_src_gen.pdbx_gene_src_cellular_location    ? 
_entity_src_gen.host_org_common_name               ? 
_entity_src_gen.pdbx_host_org_scientific_name      'Escherichia coli' 
_entity_src_gen.pdbx_host_org_ncbi_taxonomy_id     562 
_entity_src_gen.host_org_genus                     ? 
_entity_src_gen.pdbx_host_org_gene                 ? 
_entity_src_gen.pdbx_host_org_organ                ? 
_entity_src_gen.host_org_species                   ? 
_entity_src_gen.pdbx_host_org_tissue               ? 
_entity_src_gen.pdbx_host_org_tissue_fraction      ? 
_entity_src_gen.pdbx_host_org_strain               ? 
_entity_src_gen.pdbx_host_org_variant              ? 
_entity_src_gen.pdbx_host_org_cell_line            ? 
_entity_src_gen.pdbx_host_org_atcc                 ? 
_entity_src_gen.pdbx_host_org_culture_collection   ? 
_entity_src_gen.pdbx_host_org_cell                 ? 
_entity_src_gen.pdbx_host_org_organelle            ? 
_entity_src_gen.pdbx_host_org_cellular_location    ? 
_entity_src_gen.pdbx_host_org_vector_type          ? 
_entity_src_gen.pdbx_host_org_vector               ? 
_entity_src_gen.host_org_details                   ? 
_entity_src_gen.expression_system_id               ? 
_entity_src_gen.plasmid_name                       ? 
_entity_src_gen.plasmid_details                    ? 
_entity_src_gen.pdbx_description                   ? 
# 
loop_
_chem_comp.id 
_chem_comp.type 
_chem_comp.mon_nstd_flag 
_chem_comp.name 
_chem_comp.pdbx_synonyms 
_chem_comp.formula 
_chem_comp.formula_weight 
ALA 'L-peptide linking' y ALANINE         ? 'C3 H7 N O2'          89.093  
ARG 'L-peptide linking' y ARGININE        ? 'C6 H15 N4 O2 1'      175.209 
ASN 'L-peptide linking' y ASPARAGINE      ? 'C4 H8 N2 O3'         132.118 
ASP 'L-peptide linking' y 'ASPARTIC ACID' ? 'C4 H7 N O4'          133.103 
COA non-polymer         . 'COENZYME A'    ? 'C21 H36 N7 O16 P3 S' 767.534 
CYS 'L-peptide linking' y CYSTEINE        ? 'C3 H7 N O2 S'        121.158 
GLN 'L-peptide linking' y GLUTAMINE       ? 'C5 H10 N2 O3'        146.144 
GLU 'L-peptide linking' y 'GLUTAMIC ACID' ? 'C5 H9 N O4'          147.129 
GLY 'peptide linking'   y GLYCINE         ? 'C2 H5 N O2'          75.067  
HIS 'L-peptide linking' y HISTIDINE       ? 'C6 H10 N3 O2 1'      156.162 
ILE 'L-peptide linking' y ISOLEUCINE      ? 'C6 H13 N O2'         131.173 
LEU 'L-peptide linking' y LEUCINE         ? 'C6 H13 N O2'         131.173 
MET 'L-peptide linking' y METHIONINE      ? 'C5 H11 N O2 S'       149.211 
PHE 'L-peptide linking' y PHENYLALANINE   ? 'C9 H11 N O2'         165.189 
PRO 'L-peptide linking' y PROLINE         ? 'C5 H9 N O2'          115.130 
SER 'L-peptide linking' y SERINE          ? 'C3 H7 N O3'          105.093 
THR 'L-peptide linking' y THREONINE       ? 'C4 H9 N O3'          119.119 
TRP 'L-peptide linking' y TRYPTOPHAN      ? 'C11 H12 N2 O2'       204.225 
TYR 'L-peptide linking' y TYROSINE        ? 'C9 H11 N O3'         181.189 
VAL 'L-peptide linking' y VALINE          ? 'C5 H11 N O2'         117.146 
# 
loop_
_pdbx_poly_seq_scheme.asym_id 
_pdbx_poly_seq_scheme.entity_id 
_pdbx_poly_seq_scheme.seq_id 
_pdbx_poly_seq_scheme.mon_id 
_pdbx_poly_seq_scheme.ndb_seq_num 
_pdbx_poly_seq_scheme.pdb_seq_num 
_pdbx_poly_seq_scheme.auth_seq_num 
_pdbx_poly_seq_scheme.pdb_mon_id 
_pdbx_poly_seq_scheme.auth_mon_id 
_pdbx_poly_seq_scheme.pdb_strand_id 
_pdbx_poly_seq_scheme.pdb_ins_code 
_pdbx_poly_seq_scheme.hetero 
A 1 1   MET 1   1   ?   ?   ?   A . n 
A 1 2   SER 2   2   ?   ?   ?   A . n 
A 1 3   PRO 3   3   ?   ?   ?   A . n 
A 1 4   GLN 4   4   ?   ?   ?   A . n 
A 1 5   ASP 5   5   5   ASP ASP A . n 
A 1 6   ASP 6   6   6   ASP ASP A . n 
A 1 7   LEU 7   7   7   LEU LEU A . n 
A 1 8   ILE 8   8   8   ILE ILE A . n 
A 1 9   VAL 9   9   9   VAL VAL A . n 
A 1 10  TRP 10  10  10  TRP TRP A . n 
A 1 11  LEU 11  11  11  LEU LEU A . n 
A 1 12  ARG 12  12  12  ARG ARG A . n 
A 1 13  GLY 13  13  13  GLY GLY A . n 
A 1 14  ASP 14  14  14  ASP ASP A . n 
A 1 15  ARG 15  15  15  ARG ARG A . n 
A 1 16  ALA 16  16  16  ALA ALA A . n 
A 1 17  GLY 17  17  17  GLY GLY A . n 
A 1 18  LEU 18  18  18  LEU LEU A . n 
A 1 19  GLY 19  19  19  GLY GLY A . n 
A 1 20  PRO 20  20  20  PRO PRO A . n 
A 1 21  PHE 21  21  21  PHE PHE A . n 
A 1 22  SER 22  22  22  SER SER A . n 
A 1 23  ALA 23  23  23  ALA ALA A . n 
A 1 24  ASP 24  24  24  ASP ASP A . n 
A 1 25  LEU 25  25  25  LEU LEU A . n 
A 1 26  VAL 26  26  26  VAL VAL A . n 
A 1 27  ASP 27  27  27  ASP ASP A . n 
A 1 28  GLN 28  28  28  GLN GLN A . n 
A 1 29  TYR 29  29  29  TYR TYR A . n 
A 1 30  TRP 30  30  30  TRP TRP A . n 
A 1 31  ARG 31  31  31  ARG ARG A . n 
A 1 32  TRP 32  32  32  TRP TRP A . n 
A 1 33  GLU 33  33  33  GLU GLU A . n 
A 1 34  GLN 34  34  34  GLN GLN A . n 
A 1 35  ASP 35  35  35  ASP ASP A . n 
A 1 36  PRO 36  36  36  PRO PRO A . n 
A 1 37  SER 37  37  37  SER SER A . n 
A 1 38  VAL 38  38  38  VAL VAL A . n 
A 1 39  LEU 39  39  39  LEU LEU A . n 
A 1 40  ILE 40  40  40  ILE ILE A . n 
A 1 41  GLY 41  41  41  GLY GLY A . n 
A 1 42  TYR 42  42  42  TYR TYR A . n 
A 1 43  GLY 43  43  43  GLY GLY A . n 
A 1 44  ARG 44  44  44  ARG ARG A . n 
A 1 45  GLN 45  45  45  GLN GLN A . n 
A 1 46  THR 46  46  46  THR THR A . n 
A 1 47  PRO 47  47  47  PRO PRO A . n 
A 1 48  ASP 48  48  48  ASP ASP A . n 
A 1 49  SER 49  49  49  SER SER A . n 
A 1 50  LEU 50  50  50  LEU LEU A . n 
A 1 51  GLU 51  51  51  GLU GLU A . n 
A 1 52  ASN 52  52  52  ASN ASN A . n 
A 1 53  ARG 53  53  53  ARG ARG A . n 
A 1 54  ARG 54  54  54  ARG ARG A . n 
A 1 55  GLU 55  55  55  GLU GLU A . n 
A 1 56  GLY 56  56  56  GLY GLY A . n 
A 1 57  TYR 57  57  57  TYR TYR A . n 
A 1 58  GLY 58  58  58  GLY GLY A . n 
A 1 59  HIS 59  59  59  HIS HIS A . n 
A 1 60  GLN 60  60  60  GLN GLN A . n 
A 1 61  ALA 61  61  61  ALA ALA A . n 
A 1 62  ARG 62  62  62  ARG ARG A . n 
A 1 63  GLY 63  63  63  GLY GLY A . n 
A 1 64  THR 64  64  64  THR THR A . n 
A 1 65  ASP 65  65  65  ASP ASP A . n 
A 1 66  ASP 66  66  66  ASP ASP A . n 
A 1 67  GLN 67  67  67  GLN GLN A . n 
A 1 68  LEU 68  68  68  LEU LEU A . n 
A 1 69  ARG 69  69  69  ARG ARG A . n 
A 1 70  PHE 70  70  70  PHE PHE A . n 
A 1 71  THR 71  71  71  THR THR A . n 
A 1 72  VAL 72  72  72  VAL VAL A . n 
A 1 73  TYR 73  73  73  TYR TYR A . n 
A 1 74  ASP 74  74  74  ASP ASP A . n 
A 1 75  LEU 75  75  75  LEU LEU A . n 
A 1 76  THR 76  76  76  THR THR A . n 
A 1 77  GLY 77  77  77  GLY GLY A . n 
A 1 78  GLN 78  78  78  GLN GLN A . n 
A 1 79  ASP 79  79  79  ASP ASP A . n 
A 1 80  PRO 80  80  80  PRO PRO A . n 
A 1 81  VAL 81  81  81  VAL VAL A . n 
A 1 82  PRO 82  82  82  PRO PRO A . n 
A 1 83  VAL 83  83  83  VAL VAL A . n 
A 1 84  GLY 84  84  84  GLY GLY A . n 
A 1 85  THR 85  85  85  THR THR A . n 
A 1 86  THR 86  86  86  THR THR A . n 
A 1 87  ALA 87  87  87  ALA ALA A . n 
A 1 88  VAL 88  88  88  VAL VAL A . n 
A 1 89  LEU 89  89  89  LEU LEU A . n 
A 1 90  ILE 90  90  90  ILE ILE A . n 
A 1 91  ASP 91  91  91  ASP ASP A . n 
A 1 92  HIS 92  92  92  HIS HIS A . n 
A 1 93  HIS 93  93  93  HIS HIS A . n 
A 1 94  VAL 94  94  94  VAL VAL A . n 
A 1 95  ARG 95  95  95  ARG ARG A . n 
A 1 96  THR 96  96  96  THR THR A . n 
A 1 97  GLY 97  97  97  GLY GLY A . n 
A 1 98  GLU 98  98  98  GLU GLU A . n 
A 1 99  PHE 99  99  99  PHE PHE A . n 
A 1 100 VAL 100 100 100 VAL VAL A . n 
A 1 101 ILE 101 101 101 ILE ILE A . n 
A 1 102 GLN 102 102 102 GLN GLN A . n 
A 1 103 LEU 103 103 103 LEU LEU A . n 
A 1 104 GLY 104 104 104 GLY GLY A . n 
A 1 105 ALA 105 105 105 ALA ALA A . n 
A 1 106 GLY 106 106 106 GLY GLY A . n 
A 1 107 HIS 107 107 107 HIS HIS A . n 
A 1 108 ARG 108 108 108 ARG ARG A . n 
A 1 109 GLY 109 109 109 GLY GLY A . n 
A 1 110 ARG 110 110 110 ARG ARG A . n 
A 1 111 GLY 111 111 111 GLY GLY A . n 
A 1 112 LEU 112 112 112 LEU LEU A . n 
A 1 113 GLY 113 113 113 GLY GLY A . n 
A 1 114 THR 114 114 114 THR THR A . n 
A 1 115 GLU 115 115 115 GLU GLU A . n 
A 1 116 ALA 116 116 116 ALA ALA A . n 
A 1 117 THR 117 117 117 THR THR A . n 
A 1 118 ARG 118 118 118 ARG ARG A . n 
A 1 119 LEU 119 119 119 LEU LEU A . n 
A 1 120 THR 120 120 120 THR THR A . n 
A 1 121 LEU 121 121 121 LEU LEU A . n 
A 1 122 ASP 122 122 122 ASP ASP A . n 
A 1 123 TYR 123 123 123 TYR TYR A . n 
A 1 124 ALA 124 124 124 ALA ALA A . n 
A 1 125 PHE 125 125 125 PHE PHE A . n 
A 1 126 HIS 126 126 126 HIS HIS A . n 
A 1 127 VAL 127 127 127 VAL VAL A . n 
A 1 128 SER 128 128 128 SER SER A . n 
A 1 129 ALA 129 129 129 ALA ALA A . n 
A 1 130 LEU 130 130 130 LEU LEU A . n 
A 1 131 ALA 131 131 131 ALA ALA A . n 
A 1 132 CYS 132 132 132 CYS CYS A . n 
A 1 133 VAL 133 133 133 VAL VAL A . n 
A 1 134 HIS 134 134 134 HIS HIS A . n 
A 1 135 LEU 135 135 135 LEU LEU A . n 
A 1 136 ALA 136 136 136 ALA ALA A . n 
A 1 137 VAL 137 137 137 VAL VAL A . n 
A 1 138 LEU 138 138 138 LEU LEU A . n 
A 1 139 THR 139 139 139 THR THR A . n 
A 1 140 PRO 140 140 140 PRO PRO A . n 
A 1 141 ASN 141 141 141 ASN ASN A . n 
A 1 142 THR 142 142 142 THR THR A . n 
A 1 143 GLY 143 143 143 GLY GLY A . n 
A 1 144 ALA 144 144 144 ALA ALA A . n 
A 1 145 ILE 145 145 145 ILE ILE A . n 
A 1 146 ALA 146 146 146 ALA ALA A . n 
A 1 147 ALA 147 147 147 ALA ALA A . n 
A 1 148 TYR 148 148 148 TYR TYR A . n 
A 1 149 GLU 149 149 149 GLU GLU A . n 
A 1 150 ARG 150 150 150 ARG ARG A . n 
A 1 151 ALA 151 151 151 ALA ALA A . n 
A 1 152 GLY 152 152 152 GLY GLY A . n 
A 1 153 PHE 153 153 153 PHE PHE A . n 
A 1 154 ARG 154 154 154 ARG ARG A . n 
A 1 155 ARG 155 155 155 ARG ARG A . n 
A 1 156 ILE 156 156 156 ILE ILE A . n 
A 1 157 GLY 157 157 157 GLY GLY A . n 
A 1 158 GLU 158 158 158 GLU GLU A . n 
A 1 159 ARG 159 159 159 ARG ARG A . n 
A 1 160 ARG 160 160 160 ARG ARG A . n 
A 1 161 ASP 161 161 161 ASP ASP A . n 
A 1 162 SER 162 162 162 SER SER A . n 
A 1 163 GLY 163 163 163 GLY GLY A . n 
A 1 164 PHE 164 164 164 PHE PHE A . n 
A 1 165 TRP 165 165 165 TRP TRP A . n 
A 1 166 LEU 166 166 166 LEU LEU A . n 
A 1 167 GLY 167 167 167 GLY GLY A . n 
A 1 168 ARG 168 168 168 ARG ARG A . n 
A 1 169 ARG 169 169 169 ARG ARG A . n 
A 1 170 VAL 170 170 170 VAL VAL A . n 
A 1 171 SER 171 171 171 SER SER A . n 
A 1 172 GLU 172 172 172 GLU GLU A . n 
A 1 173 THR 173 173 173 THR THR A . n 
A 1 174 LEU 174 174 174 LEU LEU A . n 
A 1 175 MET 175 175 175 MET MET A . n 
A 1 176 ASP 176 176 176 ASP ASP A . n 
A 1 177 ALA 177 177 177 ALA ALA A . n 
A 1 178 VAL 178 178 178 VAL VAL A . n 
A 1 179 PRO 179 179 179 PRO PRO A . n 
A 1 180 GLU 180 180 180 GLU GLU A . n 
A 1 181 ASP 181 181 181 ASP ASP A . n 
A 1 182 PHE 182 182 182 PHE PHE A . n 
A 1 183 PRO 183 183 183 PRO PRO A . n 
A 1 184 GLY 184 184 184 GLY GLY A . n 
A 1 185 PRO 185 185 185 PRO PRO A . n 
A 1 186 SER 186 186 186 SER SER A . n 
A 1 187 VAL 187 187 187 VAL VAL A . n 
A 1 188 VAL 188 188 188 VAL VAL A . n 
A 1 189 ARG 189 189 189 ARG ARG A . n 
A 1 190 GLY 190 190 190 GLY GLY A . n 
A 1 191 PHE 191 191 191 PHE PHE A . n 
A 1 192 VAL 192 192 192 VAL VAL A . n 
A 1 193 GLU 193 193 193 GLU GLU A . n 
A 1 194 GLY 194 194 ?   ?   ?   A . n 
A 1 195 GLY 195 195 ?   ?   ?   A . n 
A 1 196 ARG 196 196 ?   ?   ?   A . n 
# 
_pdbx_entity_instance_feature.ordinal        1 
_pdbx_entity_instance_feature.comp_id        COA 
_pdbx_entity_instance_feature.asym_id        ? 
_pdbx_entity_instance_feature.seq_num        ? 
_pdbx_entity_instance_feature.auth_comp_id   COA 
_pdbx_entity_instance_feature.auth_asym_id   ? 
_pdbx_entity_instance_feature.auth_seq_num   ? 
_pdbx_entity_instance_feature.feature_type   'SUBJECT OF INVESTIGATION' 
_pdbx_entity_instance_feature.details        ? 
# 
_pdbx_nonpoly_scheme.asym_id         B 
_pdbx_nonpoly_scheme.entity_id       2 
_pdbx_nonpoly_scheme.mon_id          COA 
_pdbx_nonpoly_scheme.ndb_seq_num     1 
_pdbx_nonpoly_scheme.pdb_seq_num     501 
_pdbx_nonpoly_scheme.auth_seq_num    501 
_pdbx_nonpoly_scheme.pdb_mon_id      COA 
_pdbx_nonpoly_scheme.auth_mon_id     COA 
_pdbx_nonpoly_scheme.pdb_strand_id   A 
_pdbx_nonpoly_scheme.pdb_ins_code    . 
# 
_cell.angle_alpha                  90.00 
_cell.angle_alpha_esd              ? 
_cell.angle_beta                   90.00 
_cell.angle_beta_esd               ? 
_cell.angle_gamma                  90.00 
_cell.angle_gamma_esd              ? 
_cell.entry_id                     9IY3 
_cell.details                      ? 
_cell.formula_units_Z              ? 
_cell.length_a                     1.00 
_cell.length_a_esd                 ? 
_cell.length_b                     1.00 
_cell.length_b_esd                 ? 
_cell.length_c                     1.00 
_cell.length_c_esd                 ? 
_cell.volume                       ? 
_cell.volume_esd                   ? 
_cell.Z_PDB                        ? 
_cell.reciprocal_angle_alpha       ? 
_cell.reciprocal_angle_beta        ? 
_cell.reciprocal_angle_gamma       ? 
_cell.reciprocal_angle_alpha_esd   ? 
_cell.reciprocal_angle_beta_esd    ? 
_cell.reciprocal_angle_gamma_esd   ? 
_cell.reciprocal_length_a          ? 
_cell.reciprocal_length_b          ? 
_cell.reciprocal_length_c          ? 
_cell.reciprocal_length_a_esd      ? 
_cell.reciprocal_length_b_esd      ? 
_cell.reciprocal_length_c_esd      ? 
_cell.pdbx_unique_axis             ? 
_cell.pdbx_esd_method              ? 
# 
_symmetry.entry_id                         9IY3 
_symmetry.cell_setting                     ? 
_symmetry.Int_Tables_number                1 
_symmetry.space_group_name_Hall            ? 
_symmetry.space_group_name_H-M             'P 1' 
_symmetry.pdbx_full_space_group_name_H-M   ? 
# 
_exptl.absorpt_coefficient_mu     ? 
_exptl.absorpt_correction_T_max   ? 
_exptl.absorpt_correction_T_min   ? 
_exptl.absorpt_correction_type    ? 
_exptl.absorpt_process_details    ? 
_exptl.entry_id                   9IY3 
_exptl.crystals_number            ? 
_exptl.details                    ? 
_exptl.method                     'ELECTRON MICROSCOPY' 
_exptl.method_details             ? 
# 
_refine.pdbx_refine_id                           'ELECTRON MICROSCOPY' 
_refine.entry_id                                 9IY3 
_refine.pdbx_diffrn_id                           ? 
_refine.pdbx_TLS_residual_ADP_flag               ? 
_refine.ls_number_reflns_obs                     ? 
_refine.ls_number_reflns_all                     ? 
_refine.pdbx_ls_sigma_I                          ? 
_refine.pdbx_ls_sigma_F                          ? 
_refine.pdbx_data_cutoff_high_absF               ? 
_refine.pdbx_data_cutoff_low_absF                ? 
_refine.pdbx_data_cutoff_high_rms_absF           ? 
_refine.ls_d_res_low                             ? 
_refine.ls_d_res_high                            . 
_refine.ls_percent_reflns_obs                    ? 
_refine.ls_R_factor_obs                          ? 
_refine.ls_R_factor_all                          ? 
_refine.ls_R_factor_R_work                       ? 
_refine.ls_R_factor_R_free                       ? 
_refine.ls_R_factor_R_free_error                 ? 
_refine.ls_R_factor_R_free_error_details         ? 
_refine.ls_percent_reflns_R_free                 ? 
_refine.ls_number_reflns_R_free                  ? 
_refine.ls_number_parameters                     ? 
_refine.ls_number_restraints                     ? 
_refine.occupancy_min                            ? 
_refine.occupancy_max                            ? 
_refine.correlation_coeff_Fo_to_Fc               ? 
_refine.correlation_coeff_Fo_to_Fc_free          ? 
_refine.B_iso_mean                               ? 
_refine.aniso_B[1][1]                            ? 
_refine.aniso_B[2][2]                            ? 
_refine.aniso_B[3][3]                            ? 
_refine.aniso_B[1][2]                            ? 
_refine.aniso_B[1][3]                            ? 
_refine.aniso_B[2][3]                            ? 
_refine.solvent_model_details                    ? 
_refine.solvent_model_param_ksol                 ? 
_refine.solvent_model_param_bsol                 ? 
_refine.pdbx_solvent_vdw_probe_radii             ? 
_refine.pdbx_solvent_ion_probe_radii             ? 
_refine.pdbx_solvent_shrinkage_radii             ? 
_refine.pdbx_ls_cross_valid_method               ? 
_refine.details                                  ? 
_refine.pdbx_starting_model                      ? 
_refine.pdbx_method_to_determine_struct          ? 
_refine.pdbx_isotropic_thermal_model             ? 
_refine.pdbx_stereochemistry_target_values       ? 
_refine.pdbx_stereochem_target_val_spec_case     ? 
_refine.pdbx_R_Free_selection_details            ? 
_refine.pdbx_overall_ESU_R                       ? 
_refine.pdbx_overall_ESU_R_Free                  ? 
_refine.overall_SU_ML                            ? 
_refine.pdbx_overall_phase_error                 ? 
_refine.overall_SU_B                             ? 
_refine.overall_SU_R_Cruickshank_DPI             ? 
_refine.pdbx_overall_SU_R_free_Cruickshank_DPI   ? 
_refine.pdbx_overall_SU_R_Blow_DPI               ? 
_refine.pdbx_overall_SU_R_free_Blow_DPI          ? 
# 
loop_
_refine_ls_restr.pdbx_refine_id 
_refine_ls_restr.criterion 
_refine_ls_restr.dev_ideal 
_refine_ls_restr.dev_ideal_target 
_refine_ls_restr.number 
_refine_ls_restr.rejects 
_refine_ls_restr.type 
_refine_ls_restr.weight 
_refine_ls_restr.pdbx_restraint_function 
'ELECTRON MICROSCOPY' ? 0.002  ? 1568 ? f_bond_d           ? ? 
'ELECTRON MICROSCOPY' ? 0.509  ? 2140 ? f_angle_d          ? ? 
'ELECTRON MICROSCOPY' ? 13.865 ? 225  ? f_dihedral_angle_d ? ? 
'ELECTRON MICROSCOPY' ? 0.039  ? 225  ? f_chiral_restr     ? ? 
'ELECTRON MICROSCOPY' ? 0.004  ? 280  ? f_plane_restr      ? ? 
# 
_struct.entry_id                     9IY3 
_struct.title                        'Iterative acetyltransferase on lasso peptides from Actinomycetes in complex with CoA' 
_struct.pdbx_model_details           ? 
_struct.pdbx_formula_weight          ? 
_struct.pdbx_formula_weight_method   ? 
_struct.pdbx_model_type_details      ? 
_struct.pdbx_CASP_flag               N 
# 
_struct_keywords.entry_id        9IY3 
_struct_keywords.text            'GCN5-related N-acetyltransferases, Actinomycetes, CoA, TRANSFERASE' 
_struct_keywords.pdbx_keywords   TRANSFERASE 
# 
loop_
_struct_asym.id 
_struct_asym.pdbx_blank_PDB_chainid_flag 
_struct_asym.pdbx_modified 
_struct_asym.entity_id 
_struct_asym.details 
A N N 1 ? 
B N N 2 ? 
# 
_struct_ref.id                         1 
_struct_ref.db_name                    UNP 
_struct_ref.db_code                    C6WJ45_ACTMD 
_struct_ref.pdbx_db_accession          C6WJ45 
_struct_ref.pdbx_db_isoform            ? 
_struct_ref.entity_id                  1 
_struct_ref.pdbx_seq_one_letter_code   
;MSPQDDLIVWLRGDRAGLGPFSADLVDQYWRWEQDPSVLIGYGRQTPDSLENRREGYGHQARGTDDQLRFTVYDLTGQDP
VPVGTTAVLIDHHVRTGEFVIQLGAGHRGRGLGTEATRLTLDYAFHVSALACVHLAVLTPNTGAIAAYERAGFRRIGERR
DSGFWLGRRVSETLMDAVPEDFPGPSVVRGFVEGGR
;
_struct_ref.pdbx_align_begin           1 
# 
_struct_ref_seq.align_id                      1 
_struct_ref_seq.ref_id                        1 
_struct_ref_seq.pdbx_PDB_id_code              9IY3 
_struct_ref_seq.pdbx_strand_id                A 
_struct_ref_seq.seq_align_beg                 1 
_struct_ref_seq.pdbx_seq_align_beg_ins_code   ? 
_struct_ref_seq.seq_align_end                 196 
_struct_ref_seq.pdbx_seq_align_end_ins_code   ? 
_struct_ref_seq.pdbx_db_accession             C6WJ45 
_struct_ref_seq.db_align_beg                  1 
_struct_ref_seq.pdbx_db_align_beg_ins_code    ? 
_struct_ref_seq.db_align_end                  196 
_struct_ref_seq.pdbx_db_align_end_ins_code    ? 
_struct_ref_seq.pdbx_auth_seq_align_beg       1 
_struct_ref_seq.pdbx_auth_seq_align_end       196 
# 
_pdbx_struct_assembly.id                   1 
_pdbx_struct_assembly.details              author_defined_assembly 
_pdbx_struct_assembly.method_details       'UCSF CHIMERA 1.16_b42360.' 
_pdbx_struct_assembly.oligomeric_details   monomeric 
_pdbx_struct_assembly.oligomeric_count     1 
# 
loop_
_pdbx_struct_assembly_gen.assembly_id 
_pdbx_struct_assembly_gen.oper_expression 
_pdbx_struct_assembly_gen.asym_id_list 
1 1  A,B 
1 2  A,B 
1 3  A,B 
1 4  A,B 
1 5  A,B 
1 6  A,B 
1 7  A,B 
1 8  A,B 
1 9  A,B 
1 10 A,B 
1 11 A,B 
1 12 A,B 
1 13 A,B 
1 14 A,B 
# 
_pdbx_struct_assembly_auth_evidence.id                     1 
_pdbx_struct_assembly_auth_evidence.assembly_id            1 
_pdbx_struct_assembly_auth_evidence.experimental_support   'electron microscopy' 
_pdbx_struct_assembly_auth_evidence.details                'not applicable' 
# 
loop_
_pdbx_struct_oper_list.id 
_pdbx_struct_oper_list.type 
_pdbx_struct_oper_list.name 
_pdbx_struct_oper_list.symmetry_operation 
_pdbx_struct_oper_list.matrix[1][1] 
_pdbx_struct_oper_list.matrix[1][2] 
_pdbx_struct_oper_list.matrix[1][3] 
_pdbx_struct_oper_list.vector[1] 
_pdbx_struct_oper_list.matrix[2][1] 
_pdbx_struct_oper_list.matrix[2][2] 
_pdbx_struct_oper_list.matrix[2][3] 
_pdbx_struct_oper_list.vector[2] 
_pdbx_struct_oper_list.matrix[3][1] 
_pdbx_struct_oper_list.matrix[3][2] 
_pdbx_struct_oper_list.matrix[3][3] 
_pdbx_struct_oper_list.vector[3] 
1  'identity operation'       1_555 x,y,z 1.0         -0.0        -0.0        0.0      -0.0        1.0         -0.0        0.0       -0.0        -0.0        1.0         0.0       
2  'point symmetry operation' ?     ?     0.66723395  0.60259954  0.43780383  26.40466 -0.71093594 0.69056656  0.13299435  22.16059  -0.22219021 -0.39998900 0.88917949  0.42071   
3  'point symmetry operation' ?     ?     -0.08048519 0.64309341  0.76154657  57.56085 -0.99485970 -0.00472465 -0.10115344 18.74777  -0.06145312 -0.76577327 0.64016784  -13.93610 
4  'point symmetry operation' ?     ?     -0.68010926 0.09098811  0.72744276  70.00733 -0.63796997 -0.56230479 -0.52612548 -7.66845  0.36117325  -0.82190928 0.44047605  -32.25940 
5  'point symmetry operation' ?     ?     -0.68010926 -0.63796997 0.36117325  54.37162 0.09098811  -0.56230479 -0.82190928 -37.19608 0.72744276  -0.52612548 0.44047605  -40.75136 
6  'point symmetry operation' ?     ?     -0.08048519 -0.99485970 -0.06145312 22.42777 0.64309341  -0.00472465 -0.76577327 -47.60032 0.76154657  -0.10115344 0.64016784  -33.01742 
7  'point symmetry operation' ?     ?     0.66723395  -0.71093594 -0.22219021 -1.76984 0.60259954  0.69056656  -0.39998900 -31.04654 0.43780383  0.13299435  0.88917949  -14.88139 
8  'point symmetry operation' ?     ?     0.23170094  -0.57172799 -0.78704624 14.17995 -0.57172799 -0.73461667 0.36532924  -8.25503  -0.78704624 0.36532924  -0.49708427 28.18779  
9  'point symmetry operation' ?     ?     0.73593468  0.05961649  -0.67442240 7.29699  0.05961649  -0.99795241 -0.02316131 -39.47715 -0.67442240 -0.02316131 -0.73798227 15.29289  
10 'point symmetry operation' ?     ?     0.59850709  0.75440554  -0.26955839 27.76659 0.75440554  -0.64396306 -0.12721646 -60.02786 -0.26955839 -0.12721646 -0.95454403 -3.33874  
11 'point symmetry operation' ?     ?     -0.07709671 0.98944803  0.12267481  60.17463 0.98944803  0.06079053  0.13151994  -54.43211 0.12267481  0.13151994  -0.98369382 -13.67709 
12 'point symmetry operation' ?     ?     -0.78213349 0.58775222  0.20691770  80.11715 0.58775222  0.58561474  0.55821418  -26.90361 0.20691770  0.55821418  -0.80348125 -7.93714  
13 'point symmetry operation' ?     ?     -0.98569536 -0.14819628 -0.08026642 72.57716 -0.14819628 0.53530564  0.83155631  1.82815   -0.08026642 0.83155631  -0.54961028 9.55875   
14 'point symmetry operation' ?     ?     -0.53449615 -0.66421345 -0.52262214 43.23240 -0.66421345 -0.05225301 0.74571422  10.12754  -0.52262214 0.74571422  -0.41325084 25.63583 
# 
loop_
_struct_conf.conf_type_id 
_struct_conf.id 
_struct_conf.pdbx_PDB_helix_id 
_struct_conf.beg_label_comp_id 
_struct_conf.beg_label_asym_id 
_struct_conf.beg_label_seq_id 
_struct_conf.pdbx_beg_PDB_ins_code 
_struct_conf.end_label_comp_id 
_struct_conf.end_label_asym_id 
_struct_conf.end_label_seq_id 
_struct_conf.pdbx_end_PDB_ins_code 
_struct_conf.beg_auth_comp_id 
_struct_conf.beg_auth_asym_id 
_struct_conf.beg_auth_seq_id 
_struct_conf.end_auth_comp_id 
_struct_conf.end_auth_asym_id 
_struct_conf.end_auth_seq_id 
_struct_conf.pdbx_PDB_helix_class 
_struct_conf.details 
_struct_conf.pdbx_PDB_helix_length 
HELX_P HELX_P1 AA1 SER A 22  ? ASP A 24  ? SER A 22  ASP A 24  5 ? 3  
HELX_P HELX_P2 AA2 LEU A 25  ? GLN A 34  ? LEU A 25  GLN A 34  1 ? 10 
HELX_P HELX_P3 AA3 ASP A 35  ? GLY A 43  ? ASP A 35  GLY A 43  1 ? 9  
HELX_P HELX_P4 AA4 SER A 49  ? GLY A 63  ? SER A 49  GLY A 63  1 ? 15 
HELX_P HELX_P5 AA5 ALA A 105 ? ARG A 108 ? ALA A 105 ARG A 108 5 ? 4  
HELX_P HELX_P6 AA6 GLY A 111 ? VAL A 127 ? GLY A 111 VAL A 127 1 ? 17 
HELX_P HELX_P7 AA7 ASN A 141 ? GLY A 152 ? ASN A 141 GLY A 152 1 ? 12 
HELX_P HELX_P8 AA8 VAL A 178 ? PHE A 182 ? VAL A 178 PHE A 182 5 ? 5  
HELX_P HELX_P9 AA9 SER A 186 ? GLU A 193 ? SER A 186 GLU A 193 1 ? 8  
# 
_struct_conf_type.id          HELX_P 
_struct_conf_type.criteria    ? 
_struct_conf_type.reference   ? 
# 
_struct_sheet.id               AA1 
_struct_sheet.type             ? 
_struct_sheet.number_strands   8 
_struct_sheet.details          ? 
# 
loop_
_struct_sheet_order.sheet_id 
_struct_sheet_order.range_id_1 
_struct_sheet_order.range_id_2 
_struct_sheet_order.offset 
_struct_sheet_order.sense 
AA1 1 2 ? anti-parallel 
AA1 2 3 ? anti-parallel 
AA1 3 4 ? anti-parallel 
AA1 4 5 ? anti-parallel 
AA1 5 6 ? parallel      
AA1 6 7 ? anti-parallel 
AA1 7 8 ? anti-parallel 
# 
loop_
_struct_sheet_range.sheet_id 
_struct_sheet_range.id 
_struct_sheet_range.beg_label_comp_id 
_struct_sheet_range.beg_label_asym_id 
_struct_sheet_range.beg_label_seq_id 
_struct_sheet_range.pdbx_beg_PDB_ins_code 
_struct_sheet_range.end_label_comp_id 
_struct_sheet_range.end_label_asym_id 
_struct_sheet_range.end_label_seq_id 
_struct_sheet_range.pdbx_end_PDB_ins_code 
_struct_sheet_range.beg_auth_comp_id 
_struct_sheet_range.beg_auth_asym_id 
_struct_sheet_range.beg_auth_seq_id 
_struct_sheet_range.end_auth_comp_id 
_struct_sheet_range.end_auth_asym_id 
_struct_sheet_range.end_auth_seq_id 
AA1 1 LEU A 11  ? ARG A 12  ? LEU A 11  ARG A 12  
AA1 2 ALA A 16  ? GLY A 19  ? ALA A 16  GLY A 19  
AA1 3 GLN A 67  ? ASP A 74  ? GLN A 67  ASP A 74  
AA1 4 VAL A 81  ? ASP A 91  ? VAL A 81  ASP A 91  
AA1 5 THR A 96  ? LEU A 103 ? THR A 96  LEU A 103 
AA1 6 CYS A 132 ? LEU A 138 ? CYS A 132 LEU A 138 
AA1 7 ARG A 168 ? ALA A 177 ? ARG A 168 ALA A 177 
AA1 8 ARG A 154 ? TRP A 165 ? ARG A 154 TRP A 165 
# 
loop_
_pdbx_struct_sheet_hbond.sheet_id 
_pdbx_struct_sheet_hbond.range_id_1 
_pdbx_struct_sheet_hbond.range_id_2 
_pdbx_struct_sheet_hbond.range_1_label_atom_id 
_pdbx_struct_sheet_hbond.range_1_label_comp_id 
_pdbx_struct_sheet_hbond.range_1_label_asym_id 
_pdbx_struct_sheet_hbond.range_1_label_seq_id 
_pdbx_struct_sheet_hbond.range_1_PDB_ins_code 
_pdbx_struct_sheet_hbond.range_1_auth_atom_id 
_pdbx_struct_sheet_hbond.range_1_auth_comp_id 
_pdbx_struct_sheet_hbond.range_1_auth_asym_id 
_pdbx_struct_sheet_hbond.range_1_auth_seq_id 
_pdbx_struct_sheet_hbond.range_2_label_atom_id 
_pdbx_struct_sheet_hbond.range_2_label_comp_id 
_pdbx_struct_sheet_hbond.range_2_label_asym_id 
_pdbx_struct_sheet_hbond.range_2_label_seq_id 
_pdbx_struct_sheet_hbond.range_2_PDB_ins_code 
_pdbx_struct_sheet_hbond.range_2_auth_atom_id 
_pdbx_struct_sheet_hbond.range_2_auth_comp_id 
_pdbx_struct_sheet_hbond.range_2_auth_asym_id 
_pdbx_struct_sheet_hbond.range_2_auth_seq_id 
AA1 1 2 N LEU A 11  ? N LEU A 11  O LEU A 18  ? O LEU A 18  
AA1 2 3 N GLY A 17  ? N GLY A 17  O TYR A 73  ? O TYR A 73  
AA1 3 4 N VAL A 72  ? N VAL A 72  O VAL A 83  ? O VAL A 83  
AA1 4 5 N ASP A 91  ? N ASP A 91  O THR A 96  ? O THR A 96  
AA1 5 6 N GLY A 97  ? N GLY A 97  O HIS A 134 ? O HIS A 134 
AA1 6 7 N VAL A 137 ? N VAL A 137 O THR A 173 ? O THR A 173 
AA1 7 8 O LEU A 174 ? O LEU A 174 N ILE A 156 ? N ILE A 156 
# 
_pdbx_entry_details.entry_id                   9IY3 
_pdbx_entry_details.nonpolymer_details         ? 
_pdbx_entry_details.sequence_details           ? 
_pdbx_entry_details.compound_details           ? 
_pdbx_entry_details.source_details             ? 
_pdbx_entry_details.has_ligand_of_interest     Y 
_pdbx_entry_details.has_protein_modification   N 
# 
_em_3d_fitting.id                1 
_em_3d_fitting.entry_id          9IY3 
_em_3d_fitting.method            ? 
_em_3d_fitting.target_criteria   ? 
_em_3d_fitting.details           ? 
_em_3d_fitting.overall_b_value   ? 
_em_3d_fitting.ref_space         ? 
_em_3d_fitting.ref_protocol      ? 
# 
_em_3d_reconstruction.entry_id                    9IY3 
_em_3d_reconstruction.id                          1 
_em_3d_reconstruction.method                      ? 
_em_3d_reconstruction.algorithm                   ? 
_em_3d_reconstruction.citation_id                 ? 
_em_3d_reconstruction.details                     ? 
_em_3d_reconstruction.resolution                  2.17 
_em_3d_reconstruction.resolution_method           'FSC 0.143 CUT-OFF' 
_em_3d_reconstruction.magnification_calibration   ? 
_em_3d_reconstruction.nominal_pixel_size          ? 
_em_3d_reconstruction.actual_pixel_size           ? 
_em_3d_reconstruction.num_particles               1440000 
_em_3d_reconstruction.euler_angles_details        ? 
_em_3d_reconstruction.num_class_averages          ? 
_em_3d_reconstruction.refinement_type             ? 
_em_3d_reconstruction.image_processing_id         1 
_em_3d_reconstruction.symmetry_type               POINT 
# 
_em_buffer.id            1 
_em_buffer.specimen_id   1 
_em_buffer.name          ? 
_em_buffer.details       ? 
_em_buffer.pH            7.5 
# 
loop_
_em_entity_assembly.id 
_em_entity_assembly.parent_id 
_em_entity_assembly.source 
_em_entity_assembly.type 
_em_entity_assembly.name 
_em_entity_assembly.details 
_em_entity_assembly.synonym 
_em_entity_assembly.oligomeric_details 
_em_entity_assembly.entity_id_list 
1 0 'MULTIPLE SOURCES' COMPLEX 'Complex of iterative acetyltransferase and CoA' ? ? ? 1 
2 1 RECOMBINANT        COMPLEX 'Iterative acetyltransferase'                    ? ? ? 1 
# 
_em_imaging.entry_id                        9IY3 
_em_imaging.id                              1 
_em_imaging.astigmatism                     ? 
_em_imaging.electron_beam_tilt_params       ? 
_em_imaging.residual_tilt                   ? 
_em_imaging.microscope_model                'FEI TITAN KRIOS' 
_em_imaging.specimen_holder_type            ? 
_em_imaging.specimen_holder_model           ? 
_em_imaging.details                         ? 
_em_imaging.date                            ? 
_em_imaging.accelerating_voltage            300 
_em_imaging.illumination_mode               'FLOOD BEAM' 
_em_imaging.mode                            'BRIGHT FIELD' 
_em_imaging.nominal_cs                      ? 
_em_imaging.nominal_defocus_min             800 
_em_imaging.nominal_defocus_max             2000 
_em_imaging.calibrated_defocus_min          ? 
_em_imaging.calibrated_defocus_max          ? 
_em_imaging.tilt_angle_min                  ? 
_em_imaging.tilt_angle_max                  ? 
_em_imaging.nominal_magnification           ? 
_em_imaging.calibrated_magnification        ? 
_em_imaging.electron_source                 'FIELD EMISSION GUN' 
_em_imaging.citation_id                     ? 
_em_imaging.temperature                     ? 
_em_imaging.detector_distance               ? 
_em_imaging.recording_temperature_minimum   ? 
_em_imaging.recording_temperature_maximum   ? 
_em_imaging.alignment_procedure             ? 
_em_imaging.c2_aperture_diameter            ? 
_em_imaging.specimen_id                     1 
_em_imaging.cryogen                         ? 
# 
_em_vitrification.entry_id              9IY3 
_em_vitrification.id                    1 
_em_vitrification.specimen_id           1 
_em_vitrification.cryogen_name          ETHANE 
_em_vitrification.humidity              ? 
_em_vitrification.temp                  ? 
_em_vitrification.chamber_temperature   ? 
_em_vitrification.instrument            ? 
_em_vitrification.method                ? 
_em_vitrification.time_resolved_state   ? 
_em_vitrification.citation_id           ? 
_em_vitrification.details               ? 
# 
_em_experiment.entry_id                9IY3 
_em_experiment.id                      1 
_em_experiment.reconstruction_method   'SINGLE PARTICLE' 
_em_experiment.aggregation_state       PARTICLE 
_em_experiment.entity_assembly_id      1 
# 
_em_single_particle_entity.entry_id              9IY3 
_em_single_particle_entity.id                    1 
_em_single_particle_entity.image_processing_id   1 
_em_single_particle_entity.point_symmetry        D7 
# 
loop_
_pdbx_unobs_or_zero_occ_residues.id 
_pdbx_unobs_or_zero_occ_residues.PDB_model_num 
_pdbx_unobs_or_zero_occ_residues.polymer_flag 
_pdbx_unobs_or_zero_occ_residues.occupancy_flag 
_pdbx_unobs_or_zero_occ_residues.auth_asym_id 
_pdbx_unobs_or_zero_occ_residues.auth_comp_id 
_pdbx_unobs_or_zero_occ_residues.auth_seq_id 
_pdbx_unobs_or_zero_occ_residues.PDB_ins_code 
_pdbx_unobs_or_zero_occ_residues.label_asym_id 
_pdbx_unobs_or_zero_occ_residues.label_comp_id 
_pdbx_unobs_or_zero_occ_residues.label_seq_id 
1 1 Y 1 A MET 1   ? A MET 1   
2 1 Y 1 A SER 2   ? A SER 2   
3 1 Y 1 A PRO 3   ? A PRO 3   
4 1 Y 1 A GLN 4   ? A GLN 4   
5 1 Y 1 A GLY 194 ? A GLY 194 
6 1 Y 1 A GLY 195 ? A GLY 195 
7 1 Y 1 A ARG 196 ? A ARG 196 
# 
loop_
_chem_comp_atom.comp_id 
_chem_comp_atom.atom_id 
_chem_comp_atom.type_symbol 
_chem_comp_atom.pdbx_aromatic_flag 
_chem_comp_atom.pdbx_stereo_config 
_chem_comp_atom.pdbx_ordinal 
ALA N    N N N 1   
ALA CA   C N S 2   
ALA C    C N N 3   
ALA O    O N N 4   
ALA CB   C N N 5   
ALA OXT  O N N 6   
ALA H    H N N 7   
ALA H2   H N N 8   
ALA HA   H N N 9   
ALA HB1  H N N 10  
ALA HB2  H N N 11  
ALA HB3  H N N 12  
ALA HXT  H N N 13  
ARG N    N N N 14  
ARG CA   C N S 15  
ARG C    C N N 16  
ARG O    O N N 17  
ARG CB   C N N 18  
ARG CG   C N N 19  
ARG CD   C N N 20  
ARG NE   N N N 21  
ARG CZ   C N N 22  
ARG NH1  N N N 23  
ARG NH2  N N N 24  
ARG OXT  O N N 25  
ARG H    H N N 26  
ARG H2   H N N 27  
ARG HA   H N N 28  
ARG HB2  H N N 29  
ARG HB3  H N N 30  
ARG HG2  H N N 31  
ARG HG3  H N N 32  
ARG HD2  H N N 33  
ARG HD3  H N N 34  
ARG HE   H N N 35  
ARG HH11 H N N 36  
ARG HH12 H N N 37  
ARG HH21 H N N 38  
ARG HH22 H N N 39  
ARG HXT  H N N 40  
ASN N    N N N 41  
ASN CA   C N S 42  
ASN C    C N N 43  
ASN O    O N N 44  
ASN CB   C N N 45  
ASN CG   C N N 46  
ASN OD1  O N N 47  
ASN ND2  N N N 48  
ASN OXT  O N N 49  
ASN H    H N N 50  
ASN H2   H N N 51  
ASN HA   H N N 52  
ASN HB2  H N N 53  
ASN HB3  H N N 54  
ASN HD21 H N N 55  
ASN HD22 H N N 56  
ASN HXT  H N N 57  
ASP N    N N N 58  
ASP CA   C N S 59  
ASP C    C N N 60  
ASP O    O N N 61  
ASP CB   C N N 62  
ASP CG   C N N 63  
ASP OD1  O N N 64  
ASP OD2  O N N 65  
ASP OXT  O N N 66  
ASP H    H N N 67  
ASP H2   H N N 68  
ASP HA   H N N 69  
ASP HB2  H N N 70  
ASP HB3  H N N 71  
ASP HD2  H N N 72  
ASP HXT  H N N 73  
COA N1A  N Y N 74  
COA C2A  C Y N 75  
COA N3A  N Y N 76  
COA C4A  C Y N 77  
COA C5A  C Y N 78  
COA C6A  C Y N 79  
COA N6A  N N N 80  
COA N7A  N Y N 81  
COA C8A  C Y N 82  
COA N9A  N Y N 83  
COA C1B  C N R 84  
COA C2B  C N R 85  
COA O2B  O N N 86  
COA C3B  C N S 87  
COA O3B  O N N 88  
COA P3B  P N N 89  
COA O7A  O N N 90  
COA O8A  O N N 91  
COA O9A  O N N 92  
COA C4B  C N R 93  
COA O4B  O N N 94  
COA C5B  C N N 95  
COA O5B  O N N 96  
COA P1A  P N S 97  
COA O1A  O N N 98  
COA O2A  O N N 99  
COA O3A  O N N 100 
COA P2A  P N S 101 
COA O4A  O N N 102 
COA O5A  O N N 103 
COA O6A  O N N 104 
COA CBP  C N N 105 
COA CCP  C N N 106 
COA CDP  C N N 107 
COA CEP  C N N 108 
COA CAP  C N R 109 
COA OAP  O N N 110 
COA C9P  C N N 111 
COA O9P  O N N 112 
COA N8P  N N N 113 
COA C7P  C N N 114 
COA C6P  C N N 115 
COA C5P  C N N 116 
COA O5P  O N N 117 
COA N4P  N N N 118 
COA C3P  C N N 119 
COA C2P  C N N 120 
COA S1P  S N N 121 
COA H2A  H N N 122 
COA H61A H N N 123 
COA H62A H N N 124 
COA H8A  H N N 125 
COA H1B  H N N 126 
COA H2B  H N N 127 
COA HO2A H N N 128 
COA H3B  H N N 129 
COA HOA8 H N N 130 
COA HOA9 H N N 131 
COA H4B  H N N 132 
COA H51A H N N 133 
COA H52A H N N 134 
COA HOA2 H N N 135 
COA HOA5 H N N 136 
COA H121 H N N 137 
COA H122 H N N 138 
COA H131 H N N 139 
COA H132 H N N 140 
COA H133 H N N 141 
COA H141 H N N 142 
COA H142 H N N 143 
COA H143 H N N 144 
COA H10  H N N 145 
COA HO1  H N N 146 
COA HN8  H N N 147 
COA H71  H N N 148 
COA H72  H N N 149 
COA H61  H N N 150 
COA H62  H N N 151 
COA HN4  H N N 152 
COA H31  H N N 153 
COA H32  H N N 154 
COA H21  H N N 155 
COA H22  H N N 156 
COA HS1  H N N 157 
CYS N    N N N 158 
CYS CA   C N R 159 
CYS C    C N N 160 
CYS O    O N N 161 
CYS CB   C N N 162 
CYS SG   S N N 163 
CYS OXT  O N N 164 
CYS H    H N N 165 
CYS H2   H N N 166 
CYS HA   H N N 167 
CYS HB2  H N N 168 
CYS HB3  H N N 169 
CYS HG   H N N 170 
CYS HXT  H N N 171 
GLN N    N N N 172 
GLN CA   C N S 173 
GLN C    C N N 174 
GLN O    O N N 175 
GLN CB   C N N 176 
GLN CG   C N N 177 
GLN CD   C N N 178 
GLN OE1  O N N 179 
GLN NE2  N N N 180 
GLN OXT  O N N 181 
GLN H    H N N 182 
GLN H2   H N N 183 
GLN HA   H N N 184 
GLN HB2  H N N 185 
GLN HB3  H N N 186 
GLN HG2  H N N 187 
GLN HG3  H N N 188 
GLN HE21 H N N 189 
GLN HE22 H N N 190 
GLN HXT  H N N 191 
GLU N    N N N 192 
GLU CA   C N S 193 
GLU C    C N N 194 
GLU O    O N N 195 
GLU CB   C N N 196 
GLU CG   C N N 197 
GLU CD   C N N 198 
GLU OE1  O N N 199 
GLU OE2  O N N 200 
GLU OXT  O N N 201 
GLU H    H N N 202 
GLU H2   H N N 203 
GLU HA   H N N 204 
GLU HB2  H N N 205 
GLU HB3  H N N 206 
GLU HG2  H N N 207 
GLU HG3  H N N 208 
GLU HE2  H N N 209 
GLU HXT  H N N 210 
GLY N    N N N 211 
GLY CA   C N N 212 
GLY C    C N N 213 
GLY O    O N N 214 
GLY OXT  O N N 215 
GLY H    H N N 216 
GLY H2   H N N 217 
GLY HA2  H N N 218 
GLY HA3  H N N 219 
GLY HXT  H N N 220 
HIS N    N N N 221 
HIS CA   C N S 222 
HIS C    C N N 223 
HIS O    O N N 224 
HIS CB   C N N 225 
HIS CG   C Y N 226 
HIS ND1  N Y N 227 
HIS CD2  C Y N 228 
HIS CE1  C Y N 229 
HIS NE2  N Y N 230 
HIS OXT  O N N 231 
HIS H    H N N 232 
HIS H2   H N N 233 
HIS HA   H N N 234 
HIS HB2  H N N 235 
HIS HB3  H N N 236 
HIS HD1  H N N 237 
HIS HD2  H N N 238 
HIS HE1  H N N 239 
HIS HE2  H N N 240 
HIS HXT  H N N 241 
ILE N    N N N 242 
ILE CA   C N S 243 
ILE C    C N N 244 
ILE O    O N N 245 
ILE CB   C N S 246 
ILE CG1  C N N 247 
ILE CG2  C N N 248 
ILE CD1  C N N 249 
ILE OXT  O N N 250 
ILE H    H N N 251 
ILE H2   H N N 252 
ILE HA   H N N 253 
ILE HB   H N N 254 
ILE HG12 H N N 255 
ILE HG13 H N N 256 
ILE HG21 H N N 257 
ILE HG22 H N N 258 
ILE HG23 H N N 259 
ILE HD11 H N N 260 
ILE HD12 H N N 261 
ILE HD13 H N N 262 
ILE HXT  H N N 263 
LEU N    N N N 264 
LEU CA   C N S 265 
LEU C    C N N 266 
LEU O    O N N 267 
LEU CB   C N N 268 
LEU CG   C N N 269 
LEU CD1  C N N 270 
LEU CD2  C N N 271 
LEU OXT  O N N 272 
LEU H    H N N 273 
LEU H2   H N N 274 
LEU HA   H N N 275 
LEU HB2  H N N 276 
LEU HB3  H N N 277 
LEU HG   H N N 278 
LEU HD11 H N N 279 
LEU HD12 H N N 280 
LEU HD13 H N N 281 
LEU HD21 H N N 282 
LEU HD22 H N N 283 
LEU HD23 H N N 284 
LEU HXT  H N N 285 
MET N    N N N 286 
MET CA   C N S 287 
MET C    C N N 288 
MET O    O N N 289 
MET CB   C N N 290 
MET CG   C N N 291 
MET SD   S N N 292 
MET CE   C N N 293 
MET OXT  O N N 294 
MET H    H N N 295 
MET H2   H N N 296 
MET HA   H N N 297 
MET HB2  H N N 298 
MET HB3  H N N 299 
MET HG2  H N N 300 
MET HG3  H N N 301 
MET HE1  H N N 302 
MET HE2  H N N 303 
MET HE3  H N N 304 
MET HXT  H N N 305 
PHE N    N N N 306 
PHE CA   C N S 307 
PHE C    C N N 308 
PHE O    O N N 309 
PHE CB   C N N 310 
PHE CG   C Y N 311 
PHE CD1  C Y N 312 
PHE CD2  C Y N 313 
PHE CE1  C Y N 314 
PHE CE2  C Y N 315 
PHE CZ   C Y N 316 
PHE OXT  O N N 317 
PHE H    H N N 318 
PHE H2   H N N 319 
PHE HA   H N N 320 
PHE HB2  H N N 321 
PHE HB3  H N N 322 
PHE HD1  H N N 323 
PHE HD2  H N N 324 
PHE HE1  H N N 325 
PHE HE2  H N N 326 
PHE HZ   H N N 327 
PHE HXT  H N N 328 
PRO N    N N N 329 
PRO CA   C N S 330 
PRO C    C N N 331 
PRO O    O N N 332 
PRO CB   C N N 333 
PRO CG   C N N 334 
PRO CD   C N N 335 
PRO OXT  O N N 336 
PRO H    H N N 337 
PRO HA   H N N 338 
PRO HB2  H N N 339 
PRO HB3  H N N 340 
PRO HG2  H N N 341 
PRO HG3  H N N 342 
PRO HD2  H N N 343 
PRO HD3  H N N 344 
PRO HXT  H N N 345 
SER N    N N N 346 
SER CA   C N S 347 
SER C    C N N 348 
SER O    O N N 349 
SER CB   C N N 350 
SER OG   O N N 351 
SER OXT  O N N 352 
SER H    H N N 353 
SER H2   H N N 354 
SER HA   H N N 355 
SER HB2  H N N 356 
SER HB3  H N N 357 
SER HG   H N N 358 
SER HXT  H N N 359 
THR N    N N N 360 
THR CA   C N S 361 
THR C    C N N 362 
THR O    O N N 363 
THR CB   C N R 364 
THR OG1  O N N 365 
THR CG2  C N N 366 
THR OXT  O N N 367 
THR H    H N N 368 
THR H2   H N N 369 
THR HA   H N N 370 
THR HB   H N N 371 
THR HG1  H N N 372 
THR HG21 H N N 373 
THR HG22 H N N 374 
THR HG23 H N N 375 
THR HXT  H N N 376 
TRP N    N N N 377 
TRP CA   C N S 378 
TRP C    C N N 379 
TRP O    O N N 380 
TRP CB   C N N 381 
TRP CG   C Y N 382 
TRP CD1  C Y N 383 
TRP CD2  C Y N 384 
TRP NE1  N Y N 385 
TRP CE2  C Y N 386 
TRP CE3  C Y N 387 
TRP CZ2  C Y N 388 
TRP CZ3  C Y N 389 
TRP CH2  C Y N 390 
TRP OXT  O N N 391 
TRP H    H N N 392 
TRP H2   H N N 393 
TRP HA   H N N 394 
TRP HB2  H N N 395 
TRP HB3  H N N 396 
TRP HD1  H N N 397 
TRP HE1  H N N 398 
TRP HE3  H N N 399 
TRP HZ2  H N N 400 
TRP HZ3  H N N 401 
TRP HH2  H N N 402 
TRP HXT  H N N 403 
TYR N    N N N 404 
TYR CA   C N S 405 
TYR C    C N N 406 
TYR O    O N N 407 
TYR CB   C N N 408 
TYR CG   C Y N 409 
TYR CD1  C Y N 410 
TYR CD2  C Y N 411 
TYR CE1  C Y N 412 
TYR CE2  C Y N 413 
TYR CZ   C Y N 414 
TYR OH   O N N 415 
TYR OXT  O N N 416 
TYR H    H N N 417 
TYR H2   H N N 418 
TYR HA   H N N 419 
TYR HB2  H N N 420 
TYR HB3  H N N 421 
TYR HD1  H N N 422 
TYR HD2  H N N 423 
TYR HE1  H N N 424 
TYR HE2  H N N 425 
TYR HH   H N N 426 
TYR HXT  H N N 427 
VAL N    N N N 428 
VAL CA   C N S 429 
VAL C    C N N 430 
VAL O    O N N 431 
VAL CB   C N N 432 
VAL CG1  C N N 433 
VAL CG2  C N N 434 
VAL OXT  O N N 435 
VAL H    H N N 436 
VAL H2   H N N 437 
VAL HA   H N N 438 
VAL HB   H N N 439 
VAL HG11 H N N 440 
VAL HG12 H N N 441 
VAL HG13 H N N 442 
VAL HG21 H N N 443 
VAL HG22 H N N 444 
VAL HG23 H N N 445 
VAL HXT  H N N 446 
# 
loop_
_chem_comp_bond.comp_id 
_chem_comp_bond.atom_id_1 
_chem_comp_bond.atom_id_2 
_chem_comp_bond.value_order 
_chem_comp_bond.pdbx_aromatic_flag 
_chem_comp_bond.pdbx_stereo_config 
_chem_comp_bond.pdbx_ordinal 
ALA N   CA   sing N N 1   
ALA N   H    sing N N 2   
ALA N   H2   sing N N 3   
ALA CA  C    sing N N 4   
ALA CA  CB   sing N N 5   
ALA CA  HA   sing N N 6   
ALA C   O    doub N N 7   
ALA C   OXT  sing N N 8   
ALA CB  HB1  sing N N 9   
ALA CB  HB2  sing N N 10  
ALA CB  HB3  sing N N 11  
ALA OXT HXT  sing N N 12  
ARG N   CA   sing N N 13  
ARG N   H    sing N N 14  
ARG N   H2   sing N N 15  
ARG CA  C    sing N N 16  
ARG CA  CB   sing N N 17  
ARG CA  HA   sing N N 18  
ARG C   O    doub N N 19  
ARG C   OXT  sing N N 20  
ARG CB  CG   sing N N 21  
ARG CB  HB2  sing N N 22  
ARG CB  HB3  sing N N 23  
ARG CG  CD   sing N N 24  
ARG CG  HG2  sing N N 25  
ARG CG  HG3  sing N N 26  
ARG CD  NE   sing N N 27  
ARG CD  HD2  sing N N 28  
ARG CD  HD3  sing N N 29  
ARG NE  CZ   sing N N 30  
ARG NE  HE   sing N N 31  
ARG CZ  NH1  sing N N 32  
ARG CZ  NH2  doub N N 33  
ARG NH1 HH11 sing N N 34  
ARG NH1 HH12 sing N N 35  
ARG NH2 HH21 sing N N 36  
ARG NH2 HH22 sing N N 37  
ARG OXT HXT  sing N N 38  
ASN N   CA   sing N N 39  
ASN N   H    sing N N 40  
ASN N   H2   sing N N 41  
ASN CA  C    sing N N 42  
ASN CA  CB   sing N N 43  
ASN CA  HA   sing N N 44  
ASN C   O    doub N N 45  
ASN C   OXT  sing N N 46  
ASN CB  CG   sing N N 47  
ASN CB  HB2  sing N N 48  
ASN CB  HB3  sing N N 49  
ASN CG  OD1  doub N N 50  
ASN CG  ND2  sing N N 51  
ASN ND2 HD21 sing N N 52  
ASN ND2 HD22 sing N N 53  
ASN OXT HXT  sing N N 54  
ASP N   CA   sing N N 55  
ASP N   H    sing N N 56  
ASP N   H2   sing N N 57  
ASP CA  C    sing N N 58  
ASP CA  CB   sing N N 59  
ASP CA  HA   sing N N 60  
ASP C   O    doub N N 61  
ASP C   OXT  sing N N 62  
ASP CB  CG   sing N N 63  
ASP CB  HB2  sing N N 64  
ASP CB  HB3  sing N N 65  
ASP CG  OD1  doub N N 66  
ASP CG  OD2  sing N N 67  
ASP OD2 HD2  sing N N 68  
ASP OXT HXT  sing N N 69  
COA N1A C2A  sing Y N 70  
COA N1A C6A  doub Y N 71  
COA C2A N3A  doub Y N 72  
COA C2A H2A  sing N N 73  
COA N3A C4A  sing Y N 74  
COA C4A C5A  doub Y N 75  
COA C4A N9A  sing Y N 76  
COA C5A C6A  sing Y N 77  
COA C5A N7A  sing Y N 78  
COA C6A N6A  sing N N 79  
COA N6A H61A sing N N 80  
COA N6A H62A sing N N 81  
COA N7A C8A  doub Y N 82  
COA C8A N9A  sing Y N 83  
COA C8A H8A  sing N N 84  
COA N9A C1B  sing N N 85  
COA C1B C2B  sing N N 86  
COA C1B O4B  sing N N 87  
COA C1B H1B  sing N N 88  
COA C2B O2B  sing N N 89  
COA C2B C3B  sing N N 90  
COA C2B H2B  sing N N 91  
COA O2B HO2A sing N N 92  
COA C3B O3B  sing N N 93  
COA C3B C4B  sing N N 94  
COA C3B H3B  sing N N 95  
COA O3B P3B  sing N N 96  
COA P3B O7A  doub N N 97  
COA P3B O8A  sing N N 98  
COA P3B O9A  sing N N 99  
COA O8A HOA8 sing N N 100 
COA O9A HOA9 sing N N 101 
COA C4B O4B  sing N N 102 
COA C4B C5B  sing N N 103 
COA C4B H4B  sing N N 104 
COA C5B O5B  sing N N 105 
COA C5B H51A sing N N 106 
COA C5B H52A sing N N 107 
COA O5B P1A  sing N N 108 
COA P1A O1A  doub N N 109 
COA P1A O2A  sing N N 110 
COA P1A O3A  sing N N 111 
COA O2A HOA2 sing N N 112 
COA O3A P2A  sing N N 113 
COA P2A O4A  doub N N 114 
COA P2A O5A  sing N N 115 
COA P2A O6A  sing N N 116 
COA O5A HOA5 sing N N 117 
COA O6A CCP  sing N N 118 
COA CBP CCP  sing N N 119 
COA CBP CDP  sing N N 120 
COA CBP CEP  sing N N 121 
COA CBP CAP  sing N N 122 
COA CCP H121 sing N N 123 
COA CCP H122 sing N N 124 
COA CDP H131 sing N N 125 
COA CDP H132 sing N N 126 
COA CDP H133 sing N N 127 
COA CEP H141 sing N N 128 
COA CEP H142 sing N N 129 
COA CEP H143 sing N N 130 
COA CAP OAP  sing N N 131 
COA CAP C9P  sing N N 132 
COA CAP H10  sing N N 133 
COA OAP HO1  sing N N 134 
COA C9P O9P  doub N N 135 
COA C9P N8P  sing N N 136 
COA N8P C7P  sing N N 137 
COA N8P HN8  sing N N 138 
COA C7P C6P  sing N N 139 
COA C7P H71  sing N N 140 
COA C7P H72  sing N N 141 
COA C6P C5P  sing N N 142 
COA C6P H61  sing N N 143 
COA C6P H62  sing N N 144 
COA C5P O5P  doub N N 145 
COA C5P N4P  sing N N 146 
COA N4P C3P  sing N N 147 
COA N4P HN4  sing N N 148 
COA C3P C2P  sing N N 149 
COA C3P H31  sing N N 150 
COA C3P H32  sing N N 151 
COA C2P S1P  sing N N 152 
COA C2P H21  sing N N 153 
COA C2P H22  sing N N 154 
COA S1P HS1  sing N N 155 
CYS N   CA   sing N N 156 
CYS N   H    sing N N 157 
CYS N   H2   sing N N 158 
CYS CA  C    sing N N 159 
CYS CA  CB   sing N N 160 
CYS CA  HA   sing N N 161 
CYS C   O    doub N N 162 
CYS C   OXT  sing N N 163 
CYS CB  SG   sing N N 164 
CYS CB  HB2  sing N N 165 
CYS CB  HB3  sing N N 166 
CYS SG  HG   sing N N 167 
CYS OXT HXT  sing N N 168 
GLN N   CA   sing N N 169 
GLN N   H    sing N N 170 
GLN N   H2   sing N N 171 
GLN CA  C    sing N N 172 
GLN CA  CB   sing N N 173 
GLN CA  HA   sing N N 174 
GLN C   O    doub N N 175 
GLN C   OXT  sing N N 176 
GLN CB  CG   sing N N 177 
GLN CB  HB2  sing N N 178 
GLN CB  HB3  sing N N 179 
GLN CG  CD   sing N N 180 
GLN CG  HG2  sing N N 181 
GLN CG  HG3  sing N N 182 
GLN CD  OE1  doub N N 183 
GLN CD  NE2  sing N N 184 
GLN NE2 HE21 sing N N 185 
GLN NE2 HE22 sing N N 186 
GLN OXT HXT  sing N N 187 
GLU N   CA   sing N N 188 
GLU N   H    sing N N 189 
GLU N   H2   sing N N 190 
GLU CA  C    sing N N 191 
GLU CA  CB   sing N N 192 
GLU CA  HA   sing N N 193 
GLU C   O    doub N N 194 
GLU C   OXT  sing N N 195 
GLU CB  CG   sing N N 196 
GLU CB  HB2  sing N N 197 
GLU CB  HB3  sing N N 198 
GLU CG  CD   sing N N 199 
GLU CG  HG2  sing N N 200 
GLU CG  HG3  sing N N 201 
GLU CD  OE1  doub N N 202 
GLU CD  OE2  sing N N 203 
GLU OE2 HE2  sing N N 204 
GLU OXT HXT  sing N N 205 
GLY N   CA   sing N N 206 
GLY N   H    sing N N 207 
GLY N   H2   sing N N 208 
GLY CA  C    sing N N 209 
GLY CA  HA2  sing N N 210 
GLY CA  HA3  sing N N 211 
GLY C   O    doub N N 212 
GLY C   OXT  sing N N 213 
GLY OXT HXT  sing N N 214 
HIS N   CA   sing N N 215 
HIS N   H    sing N N 216 
HIS N   H2   sing N N 217 
HIS CA  C    sing N N 218 
HIS CA  CB   sing N N 219 
HIS CA  HA   sing N N 220 
HIS C   O    doub N N 221 
HIS C   OXT  sing N N 222 
HIS CB  CG   sing N N 223 
HIS CB  HB2  sing N N 224 
HIS CB  HB3  sing N N 225 
HIS CG  ND1  sing Y N 226 
HIS CG  CD2  doub Y N 227 
HIS ND1 CE1  doub Y N 228 
HIS ND1 HD1  sing N N 229 
HIS CD2 NE2  sing Y N 230 
HIS CD2 HD2  sing N N 231 
HIS CE1 NE2  sing Y N 232 
HIS CE1 HE1  sing N N 233 
HIS NE2 HE2  sing N N 234 
HIS OXT HXT  sing N N 235 
ILE N   CA   sing N N 236 
ILE N   H    sing N N 237 
ILE N   H2   sing N N 238 
ILE CA  C    sing N N 239 
ILE CA  CB   sing N N 240 
ILE CA  HA   sing N N 241 
ILE C   O    doub N N 242 
ILE C   OXT  sing N N 243 
ILE CB  CG1  sing N N 244 
ILE CB  CG2  sing N N 245 
ILE CB  HB   sing N N 246 
ILE CG1 CD1  sing N N 247 
ILE CG1 HG12 sing N N 248 
ILE CG1 HG13 sing N N 249 
ILE CG2 HG21 sing N N 250 
ILE CG2 HG22 sing N N 251 
ILE CG2 HG23 sing N N 252 
ILE CD1 HD11 sing N N 253 
ILE CD1 HD12 sing N N 254 
ILE CD1 HD13 sing N N 255 
ILE OXT HXT  sing N N 256 
LEU N   CA   sing N N 257 
LEU N   H    sing N N 258 
LEU N   H2   sing N N 259 
LEU CA  C    sing N N 260 
LEU CA  CB   sing N N 261 
LEU CA  HA   sing N N 262 
LEU C   O    doub N N 263 
LEU C   OXT  sing N N 264 
LEU CB  CG   sing N N 265 
LEU CB  HB2  sing N N 266 
LEU CB  HB3  sing N N 267 
LEU CG  CD1  sing N N 268 
LEU CG  CD2  sing N N 269 
LEU CG  HG   sing N N 270 
LEU CD1 HD11 sing N N 271 
LEU CD1 HD12 sing N N 272 
LEU CD1 HD13 sing N N 273 
LEU CD2 HD21 sing N N 274 
LEU CD2 HD22 sing N N 275 
LEU CD2 HD23 sing N N 276 
LEU OXT HXT  sing N N 277 
MET N   CA   sing N N 278 
MET N   H    sing N N 279 
MET N   H2   sing N N 280 
MET CA  C    sing N N 281 
MET CA  CB   sing N N 282 
MET CA  HA   sing N N 283 
MET C   O    doub N N 284 
MET C   OXT  sing N N 285 
MET CB  CG   sing N N 286 
MET CB  HB2  sing N N 287 
MET CB  HB3  sing N N 288 
MET CG  SD   sing N N 289 
MET CG  HG2  sing N N 290 
MET CG  HG3  sing N N 291 
MET SD  CE   sing N N 292 
MET CE  HE1  sing N N 293 
MET CE  HE2  sing N N 294 
MET CE  HE3  sing N N 295 
MET OXT HXT  sing N N 296 
PHE N   CA   sing N N 297 
PHE N   H    sing N N 298 
PHE N   H2   sing N N 299 
PHE CA  C    sing N N 300 
PHE CA  CB   sing N N 301 
PHE CA  HA   sing N N 302 
PHE C   O    doub N N 303 
PHE C   OXT  sing N N 304 
PHE CB  CG   sing N N 305 
PHE CB  HB2  sing N N 306 
PHE CB  HB3  sing N N 307 
PHE CG  CD1  doub Y N 308 
PHE CG  CD2  sing Y N 309 
PHE CD1 CE1  sing Y N 310 
PHE CD1 HD1  sing N N 311 
PHE CD2 CE2  doub Y N 312 
PHE CD2 HD2  sing N N 313 
PHE CE1 CZ   doub Y N 314 
PHE CE1 HE1  sing N N 315 
PHE CE2 CZ   sing Y N 316 
PHE CE2 HE2  sing N N 317 
PHE CZ  HZ   sing N N 318 
PHE OXT HXT  sing N N 319 
PRO N   CA   sing N N 320 
PRO N   CD   sing N N 321 
PRO N   H    sing N N 322 
PRO CA  C    sing N N 323 
PRO CA  CB   sing N N 324 
PRO CA  HA   sing N N 325 
PRO C   O    doub N N 326 
PRO C   OXT  sing N N 327 
PRO CB  CG   sing N N 328 
PRO CB  HB2  sing N N 329 
PRO CB  HB3  sing N N 330 
PRO CG  CD   sing N N 331 
PRO CG  HG2  sing N N 332 
PRO CG  HG3  sing N N 333 
PRO CD  HD2  sing N N 334 
PRO CD  HD3  sing N N 335 
PRO OXT HXT  sing N N 336 
SER N   CA   sing N N 337 
SER N   H    sing N N 338 
SER N   H2   sing N N 339 
SER CA  C    sing N N 340 
SER CA  CB   sing N N 341 
SER CA  HA   sing N N 342 
SER C   O    doub N N 343 
SER C   OXT  sing N N 344 
SER CB  OG   sing N N 345 
SER CB  HB2  sing N N 346 
SER CB  HB3  sing N N 347 
SER OG  HG   sing N N 348 
SER OXT HXT  sing N N 349 
THR N   CA   sing N N 350 
THR N   H    sing N N 351 
THR N   H2   sing N N 352 
THR CA  C    sing N N 353 
THR CA  CB   sing N N 354 
THR CA  HA   sing N N 355 
THR C   O    doub N N 356 
THR C   OXT  sing N N 357 
THR CB  OG1  sing N N 358 
THR CB  CG2  sing N N 359 
THR CB  HB   sing N N 360 
THR OG1 HG1  sing N N 361 
THR CG2 HG21 sing N N 362 
THR CG2 HG22 sing N N 363 
THR CG2 HG23 sing N N 364 
THR OXT HXT  sing N N 365 
TRP N   CA   sing N N 366 
TRP N   H    sing N N 367 
TRP N   H2   sing N N 368 
TRP CA  C    sing N N 369 
TRP CA  CB   sing N N 370 
TRP CA  HA   sing N N 371 
TRP C   O    doub N N 372 
TRP C   OXT  sing N N 373 
TRP CB  CG   sing N N 374 
TRP CB  HB2  sing N N 375 
TRP CB  HB3  sing N N 376 
TRP CG  CD1  doub Y N 377 
TRP CG  CD2  sing Y N 378 
TRP CD1 NE1  sing Y N 379 
TRP CD1 HD1  sing N N 380 
TRP CD2 CE2  doub Y N 381 
TRP CD2 CE3  sing Y N 382 
TRP NE1 CE2  sing Y N 383 
TRP NE1 HE1  sing N N 384 
TRP CE2 CZ2  sing Y N 385 
TRP CE3 CZ3  doub Y N 386 
TRP CE3 HE3  sing N N 387 
TRP CZ2 CH2  doub Y N 388 
TRP CZ2 HZ2  sing N N 389 
TRP CZ3 CH2  sing Y N 390 
TRP CZ3 HZ3  sing N N 391 
TRP CH2 HH2  sing N N 392 
TRP OXT HXT  sing N N 393 
TYR N   CA   sing N N 394 
TYR N   H    sing N N 395 
TYR N   H2   sing N N 396 
TYR CA  C    sing N N 397 
TYR CA  CB   sing N N 398 
TYR CA  HA   sing N N 399 
TYR C   O    doub N N 400 
TYR C   OXT  sing N N 401 
TYR CB  CG   sing N N 402 
TYR CB  HB2  sing N N 403 
TYR CB  HB3  sing N N 404 
TYR CG  CD1  doub Y N 405 
TYR CG  CD2  sing Y N 406 
TYR CD1 CE1  sing Y N 407 
TYR CD1 HD1  sing N N 408 
TYR CD2 CE2  doub Y N 409 
TYR CD2 HD2  sing N N 410 
TYR CE1 CZ   doub Y N 411 
TYR CE1 HE1  sing N N 412 
TYR CE2 CZ   sing Y N 413 
TYR CE2 HE2  sing N N 414 
TYR CZ  OH   sing N N 415 
TYR OH  HH   sing N N 416 
TYR OXT HXT  sing N N 417 
VAL N   CA   sing N N 418 
VAL N   H    sing N N 419 
VAL N   H2   sing N N 420 
VAL CA  C    sing N N 421 
VAL CA  CB   sing N N 422 
VAL CA  HA   sing N N 423 
VAL C   O    doub N N 424 
VAL C   OXT  sing N N 425 
VAL CB  CG1  sing N N 426 
VAL CB  CG2  sing N N 427 
VAL CB  HB   sing N N 428 
VAL CG1 HG11 sing N N 429 
VAL CG1 HG12 sing N N 430 
VAL CG1 HG13 sing N N 431 
VAL CG2 HG21 sing N N 432 
VAL CG2 HG22 sing N N 433 
VAL CG2 HG23 sing N N 434 
VAL OXT HXT  sing N N 435 
# 
_em_admin.current_status     REL 
_em_admin.deposition_date    2024-07-29 
_em_admin.deposition_site    PDBJ 
_em_admin.entry_id           9IY3 
_em_admin.last_update        2025-08-13 
_em_admin.map_release_date   2025-08-13 
_em_admin.title              'Iterative acetyltransferase on lasso peptides from Actinomycetes in complex with CoA' 
# 
_em_ctf_correction.details                  ? 
_em_ctf_correction.em_image_processing_id   1 
_em_ctf_correction.id                       1 
_em_ctf_correction.type                     'PHASE FLIPPING AND AMPLITUDE CORRECTION' 
# 
loop_
_em_entity_assembly_naturalsource.cell 
_em_entity_assembly_naturalsource.cellular_location 
_em_entity_assembly_naturalsource.entity_assembly_id 
_em_entity_assembly_naturalsource.id 
_em_entity_assembly_naturalsource.ncbi_tax_id 
_em_entity_assembly_naturalsource.organism 
_em_entity_assembly_naturalsource.organelle 
_em_entity_assembly_naturalsource.organ 
_em_entity_assembly_naturalsource.strain 
_em_entity_assembly_naturalsource.tissue 
_em_entity_assembly_naturalsource.details 
? ? 1 2 446462 'Actinosynnema mirum DSM 43827' ? ? ? ? ? 
? ? 2 3 1760   Actinomycetes                   ? ? ? ? ? 
# 
_em_image_processing.details              ? 
_em_image_processing.id                   1 
_em_image_processing.image_recording_id   1 
# 
_em_image_recording.average_exposure_time               ? 
_em_image_recording.avg_electron_dose_per_subtomogram   ? 
_em_image_recording.avg_electron_dose_per_image         60 
_em_image_recording.details                             ? 
_em_image_recording.detector_mode                       ? 
_em_image_recording.film_or_detector_model              'GATAN K3 (6k x 4k)' 
_em_image_recording.id                                  1 
_em_image_recording.imaging_id                          1 
_em_image_recording.num_diffraction_images              ? 
_em_image_recording.num_grids_imaged                    ? 
_em_image_recording.num_real_images                     ? 
# 
loop_
_em_software.category 
_em_software.details 
_em_software.id 
_em_software.image_processing_id 
_em_software.fitting_id 
_em_software.imaging_id 
_em_software.name 
_em_software.version 
'PARTICLE SELECTION'       ? 1  1 ? ? ?         ?   
'IMAGE ACQUISITION'        ? 2  ? ? 1 ?         ?   
MASKING                    ? 3  ? ? ? ?         ?   
'CTF CORRECTION'           ? 4  1 ? ? CTFFIND   4   
'LAYERLINE INDEXING'       ? 5  ? ? ? ?         ?   
'DIFFRACTION INDEXING'     ? 6  ? ? ? ?         ?   
'MODEL FITTING'            ? 7  ? ? ? ?         ?   
'MODEL REFINEMENT'         ? 8  ? ? ? PHENIX    ?   
OTHER                      ? 9  ? ? ? ?         ?   
'INITIAL EULER ASSIGNMENT' ? 10 1 ? ? cryoSPARC 4.2 
'FINAL EULER ASSIGNMENT'   ? 11 1 ? ? cryoSPARC 4.2 
CLASSIFICATION             ? 12 1 ? ? cryoSPARC 4.2 
RECONSTRUCTION             ? 13 1 ? ? cryoSPARC 4.2 
# 
_em_specimen.concentration           ? 
_em_specimen.details                 ? 
_em_specimen.embedding_applied       NO 
_em_specimen.experiment_id           1 
_em_specimen.id                      1 
_em_specimen.shadowing_applied       NO 
_em_specimen.staining_applied        NO 
_em_specimen.vitrification_applied   YES 
# 
loop_
_pdbx_audit_support.funding_organization 
_pdbx_audit_support.country 
_pdbx_audit_support.grant_number 
_pdbx_audit_support.ordinal 
'National Natural Science Foundation of China (NSFC)' China 22077056   1 
'National Natural Science Foundation of China (NSFC)' China 22377046   2 
'National Natural Science Foundation of China (NSFC)' China 32171300   3 
'National Natural Science Foundation of China (NSFC)' China 2210070084 4 
'National Natural Science Foundation of China (NSFC)' China 21907046   5 
'Other government'                                    ?     22ZD6FA006 6 
'Other government'                                    ?     23ZDFA015  7 
# 
_atom_sites.entry_id                    9IY3 
_atom_sites.Cartn_transf_matrix[1][1]   ? 
_atom_sites.Cartn_transf_matrix[1][2]   ? 
_atom_sites.Cartn_transf_matrix[1][3]   ? 
_atom_sites.Cartn_transf_matrix[2][1]   ? 
_atom_sites.Cartn_transf_matrix[2][2]   ? 
_atom_sites.Cartn_transf_matrix[2][3]   ? 
_atom_sites.Cartn_transf_matrix[3][1]   ? 
_atom_sites.Cartn_transf_matrix[3][2]   ? 
_atom_sites.Cartn_transf_matrix[3][3]   ? 
_atom_sites.Cartn_transf_vector[1]      ? 
_atom_sites.Cartn_transf_vector[2]      ? 
_atom_sites.Cartn_transf_vector[3]      ? 
_atom_sites.Cartn_transform_axes        ? 
_atom_sites.fract_transf_matrix[1][1]   1.000000 
_atom_sites.fract_transf_matrix[1][2]   0.000000 
_atom_sites.fract_transf_matrix[1][3]   0.000000 
_atom_sites.fract_transf_matrix[2][1]   0.000000 
_atom_sites.fract_transf_matrix[2][2]   1.000000 
_atom_sites.fract_transf_matrix[2][3]   0.000000 
_atom_sites.fract_transf_matrix[3][1]   0.000000 
_atom_sites.fract_transf_matrix[3][2]   0.000000 
_atom_sites.fract_transf_matrix[3][3]   1.000000 
_atom_sites.fract_transf_vector[1]      0.00000 
_atom_sites.fract_transf_vector[2]      0.00000 
_atom_sites.fract_transf_vector[3]      0.00000 
_atom_sites.solution_primary            ? 
_atom_sites.solution_secondary          ? 
_atom_sites.solution_hydrogens          ? 
_atom_sites.special_details             ? 
# 
loop_
_atom_type.symbol 
C 
N 
O 
P 
S 
# 
loop_
_atom_site.group_PDB 
_atom_site.id 
_atom_site.type_symbol 
_atom_site.label_atom_id 
_atom_site.label_alt_id 
_atom_site.label_comp_id 
_atom_site.label_asym_id 
_atom_site.label_entity_id 
_atom_site.label_seq_id 
_atom_site.pdbx_PDB_ins_code 
_atom_site.Cartn_x 
_atom_site.Cartn_y 
_atom_site.Cartn_z 
_atom_site.occupancy 
_atom_site.B_iso_or_equiv 
_atom_site.pdbx_formal_charge 
_atom_site.auth_seq_id 
_atom_site.auth_comp_id 
_atom_site.auth_asym_id 
_atom_site.auth_atom_id 
_atom_site.pdbx_PDB_model_num 
ATOM   1    N N   . ASP A 1 5   ? -0.884  -3.708  -23.272 1.00 105.07 ? 5   ASP A N   1 
ATOM   2    C CA  . ASP A 1 5   ? -1.074  -5.111  -22.925 1.00 105.93 ? 5   ASP A CA  1 
ATOM   3    C C   . ASP A 1 5   ? 0.007   -5.584  -21.961 1.00 105.40 ? 5   ASP A C   1 
ATOM   4    O O   . ASP A 1 5   ? -0.179  -6.563  -21.238 1.00 104.12 ? 5   ASP A O   1 
ATOM   5    C CB  . ASP A 1 5   ? -1.075  -5.980  -24.183 1.00 106.15 ? 5   ASP A CB  1 
ATOM   6    C CG  . ASP A 1 5   ? 0.155   -5.763  -25.043 1.00 107.92 ? 5   ASP A CG  1 
ATOM   7    O OD1 . ASP A 1 5   ? 0.672   -4.627  -25.066 1.00 107.63 ? 5   ASP A OD1 1 
ATOM   8    O OD2 . ASP A 1 5   ? 0.603   -6.729  -25.695 1.00 106.73 ? 5   ASP A OD2 1 
ATOM   9    N N   . ASP A 1 6   ? 1.143   -4.882  -21.960 1.00 95.40  ? 6   ASP A N   1 
ATOM   10   C CA  . ASP A 1 6   ? 2.232   -5.242  -21.059 1.00 94.76  ? 6   ASP A CA  1 
ATOM   11   C C   . ASP A 1 6   ? 1.855   -5.012  -19.601 1.00 95.51  ? 6   ASP A C   1 
ATOM   12   O O   . ASP A 1 6   ? 2.401   -5.673  -18.711 1.00 94.97  ? 6   ASP A O   1 
ATOM   13   C CB  . ASP A 1 6   ? 3.491   -4.452  -21.413 1.00 93.58  ? 6   ASP A CB  1 
ATOM   14   C CG  . ASP A 1 6   ? 4.140   -4.935  -22.695 1.00 95.16  ? 6   ASP A CG  1 
ATOM   15   O OD1 . ASP A 1 6   ? 3.863   -6.080  -23.109 1.00 94.62  ? 6   ASP A OD1 1 
ATOM   16   O OD2 . ASP A 1 6   ? 4.927   -4.169  -23.291 1.00 95.10  ? 6   ASP A OD2 1 
ATOM   17   N N   . LEU A 1 7   ? 0.935   -4.087  -19.338 1.00 77.14  ? 7   LEU A N   1 
ATOM   18   C CA  . LEU A 1 7   ? 0.493   -3.796  -17.977 1.00 71.85  ? 7   LEU A CA  1 
ATOM   19   C C   . LEU A 1 7   ? -0.585  -4.800  -17.591 1.00 71.19  ? 7   LEU A C   1 
ATOM   20   O O   . LEU A 1 7   ? -1.744  -4.675  -17.994 1.00 71.31  ? 7   LEU A O   1 
ATOM   21   C CB  . LEU A 1 7   ? -0.017  -2.364  -17.873 1.00 69.90  ? 7   LEU A CB  1 
ATOM   22   C CG  . LEU A 1 7   ? 1.016   -1.266  -18.134 1.00 72.08  ? 7   LEU A CG  1 
ATOM   23   C CD1 . LEU A 1 7   ? 0.355   0.103   -18.145 1.00 72.84  ? 7   LEU A CD1 1 
ATOM   24   C CD2 . LEU A 1 7   ? 2.131   -1.319  -17.102 1.00 71.28  ? 7   LEU A CD2 1 
ATOM   25   N N   . ILE A 1 8   ? -0.201  -5.807  -16.813 1.00 57.34  ? 8   ILE A N   1 
ATOM   26   C CA  . ILE A 1 8   ? -1.137  -6.816  -16.333 1.00 52.84  ? 8   ILE A CA  1 
ATOM   27   C C   . ILE A 1 8   ? -1.912  -6.255  -15.150 1.00 55.05  ? 8   ILE A C   1 
ATOM   28   O O   . ILE A 1 8   ? -1.339  -5.623  -14.255 1.00 60.88  ? 8   ILE A O   1 
ATOM   29   C CB  . ILE A 1 8   ? -0.389  -8.105  -15.951 1.00 55.15  ? 8   ILE A CB  1 
ATOM   30   C CG1 . ILE A 1 8   ? 0.276   -8.723  -17.179 1.00 56.65  ? 8   ILE A CG1 1 
ATOM   31   C CG2 . ILE A 1 8   ? -1.334  -9.105  -15.308 1.00 54.20  ? 8   ILE A CG2 1 
ATOM   32   C CD1 . ILE A 1 8   ? 1.258   -9.821  -16.847 1.00 55.29  ? 8   ILE A CD1 1 
ATOM   33   N N   . VAL A 1 9   ? -3.224  -6.470  -15.146 1.00 46.32  ? 9   VAL A N   1 
ATOM   34   C CA  . VAL A 1 9   ? -4.090  -6.058  -14.048 1.00 47.25  ? 9   VAL A CA  1 
ATOM   35   C C   . VAL A 1 9   ? -4.774  -7.302  -13.499 1.00 46.46  ? 9   VAL A C   1 
ATOM   36   O O   . VAL A 1 9   ? -5.475  -8.005  -14.237 1.00 52.18  ? 9   VAL A O   1 
ATOM   37   C CB  . VAL A 1 9   ? -5.122  -5.012  -14.495 1.00 44.11  ? 9   VAL A CB  1 
ATOM   38   C CG1 . VAL A 1 9   ? -5.991  -4.596  -13.326 1.00 47.36  ? 9   VAL A CG1 1 
ATOM   39   C CG2 . VAL A 1 9   ? -4.425  -3.807  -15.101 1.00 48.15  ? 9   VAL A CG2 1 
ATOM   40   N N   . TRP A 1 10  ? -4.581  -7.566  -12.207 1.00 41.22  ? 10  TRP A N   1 
ATOM   41   C CA  . TRP A 1 10  ? -5.133  -8.759  -11.573 1.00 36.57  ? 10  TRP A CA  1 
ATOM   42   C C   . TRP A 1 10  ? -6.508  -8.488  -10.969 1.00 44.17  ? 10  TRP A C   1 
ATOM   43   O O   . TRP A 1 10  ? -7.488  -9.154  -11.314 1.00 49.70  ? 10  TRP A O   1 
ATOM   44   C CB  . TRP A 1 10  ? -4.169  -9.277  -10.500 1.00 38.20  ? 10  TRP A CB  1 
ATOM   45   C CG  . TRP A 1 10  ? -2.964  -9.961  -11.058 1.00 40.50  ? 10  TRP A CG  1 
ATOM   46   C CD1 . TRP A 1 10  ? -2.869  -10.607 -12.253 1.00 42.77  ? 10  TRP A CD1 1 
ATOM   47   C CD2 . TRP A 1 10  ? -1.675  -10.065 -10.443 1.00 40.36  ? 10  TRP A CD2 1 
ATOM   48   N NE1 . TRP A 1 10  ? -1.603  -11.110 -12.422 1.00 42.22  ? 10  TRP A NE1 1 
ATOM   49   C CE2 . TRP A 1 10  ? -0.851  -10.789 -11.323 1.00 41.11  ? 10  TRP A CE2 1 
ATOM   50   C CE3 . TRP A 1 10  ? -1.139  -9.616  -9.232  1.00 40.78  ? 10  TRP A CE3 1 
ATOM   51   C CZ2 . TRP A 1 10  ? 0.480   -11.075 -11.033 1.00 40.55  ? 10  TRP A CZ2 1 
ATOM   52   C CZ3 . TRP A 1 10  ? 0.182   -9.901  -8.947  1.00 43.15  ? 10  TRP A CZ3 1 
ATOM   53   C CH2 . TRP A 1 10  ? 0.976   -10.623 -9.843  1.00 44.13  ? 10  TRP A CH2 1 
ATOM   54   N N   . LEU A 1 11  ? -6.592  -7.515  -10.069 1.00 46.00  ? 11  LEU A N   1 
ATOM   55   C CA  . LEU A 1 11  ? -7.841  -7.131  -9.428  1.00 39.65  ? 11  LEU A CA  1 
ATOM   56   C C   . LEU A 1 11  ? -8.301  -5.802  -10.006 1.00 45.42  ? 11  LEU A C   1 
ATOM   57   O O   . LEU A 1 11  ? -7.514  -4.855  -10.091 1.00 54.05  ? 11  LEU A O   1 
ATOM   58   C CB  . LEU A 1 11  ? -7.673  -7.020  -7.912  1.00 42.69  ? 11  LEU A CB  1 
ATOM   59   C CG  . LEU A 1 11  ? -7.950  -8.266  -7.069  1.00 42.96  ? 11  LEU A CG  1 
ATOM   60   C CD1 . LEU A 1 11  ? -7.056  -9.420  -7.481  1.00 46.06  ? 11  LEU A CD1 1 
ATOM   61   C CD2 . LEU A 1 11  ? -7.775  -7.957  -5.593  1.00 45.88  ? 11  LEU A CD2 1 
ATOM   62   N N   . ARG A 1 12  ? -9.568  -5.734  -10.403 1.00 49.52  ? 12  ARG A N   1 
ATOM   63   C CA  . ARG A 1 12  ? -10.135 -4.535  -11.012 1.00 48.65  ? 12  ARG A CA  1 
ATOM   64   C C   . ARG A 1 12  ? -11.289 -4.047  -10.147 1.00 51.91  ? 12  ARG A C   1 
ATOM   65   O O   . ARG A 1 12  ? -12.314 -4.726  -10.032 1.00 57.11  ? 12  ARG A O   1 
ATOM   66   C CB  . ARG A 1 12  ? -10.608 -4.811  -12.439 1.00 49.14  ? 12  ARG A CB  1 
ATOM   67   C CG  . ARG A 1 12  ? -9.533  -5.351  -13.362 1.00 55.61  ? 12  ARG A CG  1 
ATOM   68   C CD  . ARG A 1 12  ? -10.063 -5.516  -14.775 1.00 54.35  ? 12  ARG A CD  1 
ATOM   69   N NE  . ARG A 1 12  ? -10.151 -4.241  -15.474 1.00 55.56  ? 12  ARG A NE  1 
ATOM   70   C CZ  . ARG A 1 12  ? -9.179  -3.721  -16.211 1.00 56.96  ? 12  ARG A CZ  1 
ATOM   71   N NH1 . ARG A 1 12  ? -8.028  -4.352  -16.381 1.00 54.17  ? 12  ARG A NH1 1 
ATOM   72   N NH2 . ARG A 1 12  ? -9.366  -2.541  -16.795 1.00 56.94  ? 12  ARG A NH2 1 
ATOM   73   N N   . GLY A 1 13  ? -11.122 -2.876  -9.544  1.00 56.51  ? 13  GLY A N   1 
ATOM   74   C CA  . GLY A 1 13  ? -12.181 -2.212  -8.822  1.00 55.38  ? 13  GLY A CA  1 
ATOM   75   C C   . GLY A 1 13  ? -12.935 -1.238  -9.703  1.00 62.01  ? 13  GLY A C   1 
ATOM   76   O O   . GLY A 1 13  ? -12.795 -1.226  -10.931 1.00 66.33  ? 13  GLY A O   1 
ATOM   77   N N   . ASP A 1 14  ? -13.756 -0.405  -9.063  1.00 68.67  ? 14  ASP A N   1 
ATOM   78   C CA  . ASP A 1 14  ? -14.489 0.606   -9.817  1.00 67.51  ? 14  ASP A CA  1 
ATOM   79   C C   . ASP A 1 14  ? -13.574 1.741   -10.262 1.00 66.52  ? 14  ASP A C   1 
ATOM   80   O O   . ASP A 1 14  ? -13.698 2.242   -11.385 1.00 68.29  ? 14  ASP A O   1 
ATOM   81   C CB  . ASP A 1 14  ? -15.670 1.129   -8.995  1.00 67.20  ? 14  ASP A CB  1 
ATOM   82   C CG  . ASP A 1 14  ? -15.241 1.825   -7.712  1.00 72.62  ? 14  ASP A CG  1 
ATOM   83   O OD1 . ASP A 1 14  ? -14.029 1.876   -7.421  1.00 73.32  ? 14  ASP A OD1 1 
ATOM   84   O OD2 . ASP A 1 14  ? -16.130 2.324   -6.990  1.00 71.70  ? 14  ASP A OD2 1 
ATOM   85   N N   . ARG A 1 15  ? -12.645 2.160   -9.398  1.00 62.71  ? 15  ARG A N   1 
ATOM   86   C CA  . ARG A 1 15  ? -11.763 3.278   -9.696  1.00 60.32  ? 15  ARG A CA  1 
ATOM   87   C C   . ARG A 1 15  ? -10.299 2.898   -9.846  1.00 60.55  ? 15  ARG A C   1 
ATOM   88   O O   . ARG A 1 15  ? -9.567  3.604   -10.544 1.00 64.58  ? 15  ARG A O   1 
ATOM   89   C CB  . ARG A 1 15  ? -11.876 4.348   -8.599  1.00 66.28  ? 15  ARG A CB  1 
ATOM   90   C CG  . ARG A 1 15  ? -13.261 4.948   -8.445  1.00 63.62  ? 15  ARG A CG  1 
ATOM   91   C CD  . ARG A 1 15  ? -13.556 5.936   -9.556  1.00 62.57  ? 15  ARG A CD  1 
ATOM   92   N NE  . ARG A 1 15  ? -12.577 7.015   -9.584  1.00 65.58  ? 15  ARG A NE  1 
ATOM   93   C CZ  . ARG A 1 15  ? -12.603 8.072   -8.785  1.00 65.00  ? 15  ARG A CZ  1 
ATOM   94   N NH1 . ARG A 1 15  ? -13.551 8.229   -7.875  1.00 65.86  ? 15  ARG A NH1 1 
ATOM   95   N NH2 . ARG A 1 15  ? -11.652 8.996   -8.900  1.00 64.58  ? 15  ARG A NH2 1 
ATOM   96   N N   . ALA A 1 16  ? -9.853  1.809   -9.223  1.00 53.74  ? 16  ALA A N   1 
ATOM   97   C CA  . ALA A 1 16  ? -8.441  1.464   -9.202  1.00 45.45  ? 16  ALA A CA  1 
ATOM   98   C C   . ALA A 1 16  ? -8.276  -0.037  -9.394  1.00 48.39  ? 16  ALA A C   1 
ATOM   99   O O   . ALA A 1 16  ? -9.231  -0.810  -9.292  1.00 56.48  ? 16  ALA A O   1 
ATOM   100  C CB  . ALA A 1 16  ? -7.773  1.911   -7.897  1.00 49.36  ? 16  ALA A CB  1 
ATOM   101  N N   . GLY A 1 17  ? -7.037  -0.442  -9.674  1.00 38.02  ? 17  GLY A N   1 
ATOM   102  C CA  . GLY A 1 17  ? -6.719  -1.842  -9.863  1.00 37.02  ? 17  GLY A CA  1 
ATOM   103  C C   . GLY A 1 17  ? -5.319  -2.145  -9.378  1.00 35.31  ? 17  GLY A C   1 
ATOM   104  O O   . GLY A 1 17  ? -4.514  -1.244  -9.133  1.00 45.92  ? 17  GLY A O   1 
ATOM   105  N N   . LEU A 1 18  ? -5.038  -3.437  -9.241  1.00 26.08  ? 18  LEU A N   1 
ATOM   106  C CA  . LEU A 1 18  ? -3.745  -3.920  -8.779  1.00 31.65  ? 18  LEU A CA  1 
ATOM   107  C C   . LEU A 1 18  ? -3.113  -4.811  -9.838  1.00 34.26  ? 18  LEU A C   1 
ATOM   108  O O   . LEU A 1 18  ? -3.805  -5.590  -10.500 1.00 44.44  ? 18  LEU A O   1 
ATOM   109  C CB  . LEU A 1 18  ? -3.873  -4.699  -7.466  1.00 33.58  ? 18  LEU A CB  1 
ATOM   110  C CG  . LEU A 1 18  ? -4.500  -3.992  -6.268  1.00 32.70  ? 18  LEU A CG  1 
ATOM   111  C CD1 . LEU A 1 18  ? -4.658  -4.970  -5.121  1.00 38.29  ? 18  LEU A CD1 1 
ATOM   112  C CD2 . LEU A 1 18  ? -3.661  -2.805  -5.843  1.00 41.79  ? 18  LEU A CD2 1 
ATOM   113  N N   . GLY A 1 19  ? -1.800  -4.689  -9.994  1.00 36.51  ? 19  GLY A N   1 
ATOM   114  C CA  . GLY A 1 19  ? -1.059  -5.507  -10.921 1.00 34.30  ? 19  GLY A CA  1 
ATOM   115  C C   . GLY A 1 19  ? 0.261   -5.958  -10.334 1.00 33.68  ? 19  GLY A C   1 
ATOM   116  O O   . GLY A 1 19  ? 0.578   -5.671  -9.177  1.00 46.49  ? 19  GLY A O   1 
ATOM   117  N N   . PRO A 1 20  ? 1.057   -6.679  -11.119 1.00 31.08  ? 20  PRO A N   1 
ATOM   118  C CA  . PRO A 1 20  ? 2.351   -7.157  -10.622 1.00 32.65  ? 20  PRO A CA  1 
ATOM   119  C C   . PRO A 1 20  ? 3.347   -6.018  -10.458 1.00 38.41  ? 20  PRO A C   1 
ATOM   120  O O   . PRO A 1 20  ? 3.156   -4.899  -10.934 1.00 46.13  ? 20  PRO A O   1 
ATOM   121  C CB  . PRO A 1 20  ? 2.802   -8.142  -11.703 1.00 38.19  ? 20  PRO A CB  1 
ATOM   122  C CG  . PRO A 1 20  ? 2.092   -7.701  -12.930 1.00 36.93  ? 20  PRO A CG  1 
ATOM   123  C CD  . PRO A 1 20  ? 0.764   -7.182  -12.470 1.00 36.87  ? 20  PRO A CD  1 
ATOM   124  N N   . PHE A 1 21  ? 4.439   -6.334  -9.763  1.00 42.44  ? 21  PHE A N   1 
ATOM   125  C CA  . PHE A 1 21  ? 5.516   -5.379  -9.505  1.00 43.55  ? 21  PHE A CA  1 
ATOM   126  C C   . PHE A 1 21  ? 6.489   -5.439  -10.680 1.00 47.11  ? 21  PHE A C   1 
ATOM   127  O O   . PHE A 1 21  ? 7.553   -6.059  -10.626 1.00 51.16  ? 21  PHE A O   1 
ATOM   128  C CB  . PHE A 1 21  ? 6.194   -5.694  -8.178  1.00 45.80  ? 21  PHE A CB  1 
ATOM   129  C CG  . PHE A 1 21  ? 6.854   -4.512  -7.531  1.00 45.08  ? 21  PHE A CG  1 
ATOM   130  C CD1 . PHE A 1 21  ? 6.098   -3.453  -7.061  1.00 47.21  ? 21  PHE A CD1 1 
ATOM   131  C CD2 . PHE A 1 21  ? 8.227   -4.471  -7.369  1.00 46.30  ? 21  PHE A CD2 1 
ATOM   132  C CE1 . PHE A 1 21  ? 6.700   -2.369  -6.460  1.00 46.27  ? 21  PHE A CE1 1 
ATOM   133  C CE2 . PHE A 1 21  ? 8.834   -3.389  -6.767  1.00 46.19  ? 21  PHE A CE2 1 
ATOM   134  C CZ  . PHE A 1 21  ? 8.070   -2.337  -6.312  1.00 47.55  ? 21  PHE A CZ  1 
ATOM   135  N N   . SER A 1 22  ? 6.098   -4.777  -11.767 1.00 50.46  ? 22  SER A N   1 
ATOM   136  C CA  . SER A 1 22  ? 6.830   -4.872  -13.025 1.00 51.53  ? 22  SER A CA  1 
ATOM   137  C C   . SER A 1 22  ? 8.224   -4.267  -12.908 1.00 51.97  ? 22  SER A C   1 
ATOM   138  O O   . SER A 1 22  ? 8.454   -3.307  -12.168 1.00 57.53  ? 22  SER A O   1 
ATOM   139  C CB  . SER A 1 22  ? 6.053   -4.173  -14.140 1.00 54.46  ? 22  SER A CB  1 
ATOM   140  O OG  . SER A 1 22  ? 6.809   -4.129  -15.338 1.00 58.96  ? 22  SER A OG  1 
ATOM   141  N N   . ALA A 1 23  ? 9.164   -4.849  -13.655 1.00 56.14  ? 23  ALA A N   1 
ATOM   142  C CA  . ALA A 1 23  ? 10.532  -4.348  -13.699 1.00 52.50  ? 23  ALA A CA  1 
ATOM   143  C C   . ALA A 1 23  ? 10.703  -3.173  -14.651 1.00 51.16  ? 23  ALA A C   1 
ATOM   144  O O   . ALA A 1 23  ? 11.740  -2.506  -14.609 1.00 55.02  ? 23  ALA A O   1 
ATOM   145  C CB  . ALA A 1 23  ? 11.492  -5.471  -14.096 1.00 55.88  ? 23  ALA A CB  1 
ATOM   146  N N   . ASP A 1 24  ? 9.725   -2.916  -15.519 1.00 57.51  ? 24  ASP A N   1 
ATOM   147  C CA  . ASP A 1 24  ? 9.802   -1.766  -16.409 1.00 56.94  ? 24  ASP A CA  1 
ATOM   148  C C   . ASP A 1 24  ? 9.526   -0.451  -15.697 1.00 58.23  ? 24  ASP A C   1 
ATOM   149  O O   . ASP A 1 24  ? 9.718   0.611   -16.297 1.00 60.37  ? 24  ASP A O   1 
ATOM   150  C CB  . ASP A 1 24  ? 8.825   -1.938  -17.573 1.00 60.99  ? 24  ASP A CB  1 
ATOM   151  C CG  . ASP A 1 24  ? 9.250   -3.031  -18.531 1.00 67.41  ? 24  ASP A CG  1 
ATOM   152  O OD1 . ASP A 1 24  ? 10.464  -3.316  -18.605 1.00 67.33  ? 24  ASP A OD1 1 
ATOM   153  O OD2 . ASP A 1 24  ? 8.372   -3.607  -19.207 1.00 65.96  ? 24  ASP A OD2 1 
ATOM   154  N N   . LEU A 1 25  ? 9.080   -0.496  -14.442 1.00 53.94  ? 25  LEU A N   1 
ATOM   155  C CA  . LEU A 1 25  ? 8.700   0.696   -13.697 1.00 49.06  ? 25  LEU A CA  1 
ATOM   156  C C   . LEU A 1 25  ? 9.591   0.938   -12.483 1.00 52.04  ? 25  LEU A C   1 
ATOM   157  O O   . LEU A 1 25  ? 9.151   1.574   -11.523 1.00 58.59  ? 25  LEU A O   1 
ATOM   158  C CB  . LEU A 1 25  ? 7.237   0.600   -13.262 1.00 52.35  ? 25  LEU A CB  1 
ATOM   159  C CG  . LEU A 1 25  ? 6.188   0.526   -14.371 1.00 53.15  ? 25  LEU A CG  1 
ATOM   160  C CD1 . LEU A 1 25  ? 4.813   0.257   -13.785 1.00 54.44  ? 25  LEU A CD1 1 
ATOM   161  C CD2 . LEU A 1 25  ? 6.181   1.803   -15.189 1.00 53.44  ? 25  LEU A CD2 1 
ATOM   162  N N   . VAL A 1 26  ? 10.828  0.438   -12.495 1.00 51.00  ? 26  VAL A N   1 
ATOM   163  C CA  . VAL A 1 26  ? 11.712  0.649   -11.349 1.00 48.74  ? 26  VAL A CA  1 
ATOM   164  C C   . VAL A 1 26  ? 12.047  2.129   -11.194 1.00 53.28  ? 26  VAL A C   1 
ATOM   165  O O   . VAL A 1 26  ? 12.081  2.657   -10.075 1.00 58.13  ? 26  VAL A O   1 
ATOM   166  C CB  . VAL A 1 26  ? 12.982  -0.209  -11.477 1.00 50.67  ? 26  VAL A CB  1 
ATOM   167  C CG1 . VAL A 1 26  ? 13.821  -0.091  -10.219 1.00 52.88  ? 26  VAL A CG1 1 
ATOM   168  C CG2 . VAL A 1 26  ? 12.616  -1.657  -11.721 1.00 54.35  ? 26  VAL A CG2 1 
ATOM   169  N N   . ASP A 1 27  ? 12.287  2.825   -12.306 1.00 48.95  ? 27  ASP A N   1 
ATOM   170  C CA  . ASP A 1 27  ? 12.567  4.255   -12.227 1.00 45.34  ? 27  ASP A CA  1 
ATOM   171  C C   . ASP A 1 27  ? 11.357  5.026   -11.716 1.00 49.49  ? 27  ASP A C   1 
ATOM   172  O O   . ASP A 1 27  ? 11.502  5.969   -10.929 1.00 56.58  ? 27  ASP A O   1 
ATOM   173  C CB  . ASP A 1 27  ? 13.003  4.787   -13.592 1.00 53.87  ? 27  ASP A CB  1 
ATOM   174  C CG  . ASP A 1 27  ? 14.256  4.112   -14.106 1.00 60.57  ? 27  ASP A CG  1 
ATOM   175  O OD1 . ASP A 1 27  ? 14.858  4.630   -15.070 1.00 61.79  ? 27  ASP A OD1 1 
ATOM   176  O OD2 . ASP A 1 27  ? 14.641  3.064   -13.547 1.00 60.75  ? 27  ASP A OD2 1 
ATOM   177  N N   . GLN A 1 28  ? 10.156  4.646   -12.153 1.00 43.93  ? 28  GLN A N   1 
ATOM   178  C CA  . GLN A 1 28  ? 8.954   5.323   -11.680 1.00 40.00  ? 28  GLN A CA  1 
ATOM   179  C C   . GLN A 1 28  ? 8.711   5.051   -10.199 1.00 42.25  ? 28  GLN A C   1 
ATOM   180  O O   . GLN A 1 28  ? 8.292   5.946   -9.457  1.00 49.46  ? 28  GLN A O   1 
ATOM   181  C CB  . GLN A 1 28  ? 7.751   4.899   -12.516 1.00 41.13  ? 28  GLN A CB  1 
ATOM   182  C CG  . GLN A 1 28  ? 6.472   5.611   -12.142 1.00 43.70  ? 28  GLN A CG  1 
ATOM   183  C CD  . GLN A 1 28  ? 6.342   6.963   -12.811 1.00 44.91  ? 28  GLN A CD  1 
ATOM   184  O OE1 . GLN A 1 28  ? 6.871   7.962   -12.326 1.00 48.94  ? 28  GLN A OE1 1 
ATOM   185  N NE2 . GLN A 1 28  ? 5.634   7.001   -13.933 1.00 48.93  ? 28  GLN A NE2 1 
ATOM   186  N N   . TYR A 1 29  ? 8.965   3.818   -9.750  1.00 39.42  ? 29  TYR A N   1 
ATOM   187  C CA  . TYR A 1 29  ? 8.878   3.514   -8.325  1.00 38.70  ? 29  TYR A CA  1 
ATOM   188  C C   . TYR A 1 29  ? 9.869   4.348   -7.531  1.00 43.59  ? 29  TYR A C   1 
ATOM   189  O O   . TYR A 1 29  ? 9.542   4.862   -6.454  1.00 49.10  ? 29  TYR A O   1 
ATOM   190  C CB  . TYR A 1 29  ? 9.126   2.027   -8.072  1.00 42.92  ? 29  TYR A CB  1 
ATOM   191  C CG  . TYR A 1 29  ? 8.155   1.087   -8.748  1.00 45.41  ? 29  TYR A CG  1 
ATOM   192  C CD1 . TYR A 1 29  ? 6.867   1.492   -9.065  1.00 46.17  ? 29  TYR A CD1 1 
ATOM   193  C CD2 . TYR A 1 29  ? 8.527   -0.213  -9.062  1.00 43.61  ? 29  TYR A CD2 1 
ATOM   194  C CE1 . TYR A 1 29  ? 5.980   0.632   -9.680  1.00 44.16  ? 29  TYR A CE1 1 
ATOM   195  C CE2 . TYR A 1 29  ? 7.648   -1.078  -9.676  1.00 43.81  ? 29  TYR A CE2 1 
ATOM   196  C CZ  . TYR A 1 29  ? 6.377   -0.651  -9.983  1.00 44.43  ? 29  TYR A CZ  1 
ATOM   197  O OH  . TYR A 1 29  ? 5.497   -1.512  -10.595 1.00 52.52  ? 29  TYR A OH  1 
ATOM   198  N N   . TRP A 1 30  ? 11.091  4.494   -8.048  1.00 44.37  ? 30  TRP A N   1 
ATOM   199  C CA  . TRP A 1 30  ? 12.072  5.340   -7.383  1.00 39.08  ? 30  TRP A CA  1 
ATOM   200  C C   . TRP A 1 30  ? 11.576  6.776   -7.285  1.00 39.21  ? 30  TRP A C   1 
ATOM   201  O O   . TRP A 1 30  ? 11.591  7.376   -6.205  1.00 46.06  ? 30  TRP A O   1 
ATOM   202  C CB  . TRP A 1 30  ? 13.408  5.280   -8.123  1.00 43.68  ? 30  TRP A CB  1 
ATOM   203  C CG  . TRP A 1 30  ? 14.438  6.167   -7.509  1.00 43.87  ? 30  TRP A CG  1 
ATOM   204  C CD1 . TRP A 1 30  ? 15.149  5.926   -6.375  1.00 40.88  ? 30  TRP A CD1 1 
ATOM   205  C CD2 . TRP A 1 30  ? 14.868  7.444   -7.991  1.00 37.92  ? 30  TRP A CD2 1 
ATOM   206  N NE1 . TRP A 1 30  ? 15.997  6.972   -6.117  1.00 37.81  ? 30  TRP A NE1 1 
ATOM   207  C CE2 . TRP A 1 30  ? 15.845  7.917   -7.096  1.00 38.43  ? 30  TRP A CE2 1 
ATOM   208  C CE3 . TRP A 1 30  ? 14.527  8.230   -9.094  1.00 41.58  ? 30  TRP A CE3 1 
ATOM   209  C CZ2 . TRP A 1 30  ? 16.482  9.141   -7.268  1.00 43.98  ? 30  TRP A CZ2 1 
ATOM   210  C CZ3 . TRP A 1 30  ? 15.159  9.445   -9.262  1.00 41.94  ? 30  TRP A CZ3 1 
ATOM   211  C CH2 . TRP A 1 30  ? 16.126  9.888   -8.355  1.00 42.29  ? 30  TRP A CH2 1 
ATOM   212  N N   . ARG A 1 31  ? 11.088  7.329   -8.397  1.00 39.60  ? 31  ARG A N   1 
ATOM   213  C CA  . ARG A 1 31  ? 10.649  8.722   -8.397  1.00 35.92  ? 31  ARG A CA  1 
ATOM   214  C C   . ARG A 1 31  ? 9.467   8.934   -7.458  1.00 45.06  ? 31  ARG A C   1 
ATOM   215  O O   . ARG A 1 31  ? 9.376   9.969   -6.788  1.00 52.36  ? 31  ARG A O   1 
ATOM   216  C CB  . ARG A 1 31  ? 10.298  9.167   -9.815  1.00 40.35  ? 31  ARG A CB  1 
ATOM   217  C CG  . ARG A 1 31  ? 11.509  9.414   -10.697 1.00 45.30  ? 31  ARG A CG  1 
ATOM   218  C CD  . ARG A 1 31  ? 11.119  10.179  -11.946 1.00 46.28  ? 31  ARG A CD  1 
ATOM   219  N NE  . ARG A 1 31  ? 10.280  9.390   -12.839 1.00 53.78  ? 31  ARG A NE  1 
ATOM   220  C CZ  . ARG A 1 31  ? 10.744  8.617   -13.810 1.00 52.45  ? 31  ARG A CZ  1 
ATOM   221  N NH1 . ARG A 1 31  ? 12.041  8.500   -14.039 1.00 47.84  ? 31  ARG A NH1 1 
ATOM   222  N NH2 . ARG A 1 31  ? 9.884   7.953   -14.577 1.00 49.29  ? 31  ARG A NH2 1 
ATOM   223  N N   . TRP A 1 32  ? 8.543   7.974   -7.406  1.00 46.99  ? 32  TRP A N   1 
ATOM   224  C CA  . TRP A 1 32  ? 7.428   8.067   -6.470  1.00 41.41  ? 32  TRP A CA  1 
ATOM   225  C C   . TRP A 1 32  ? 7.909   8.021   -5.024  1.00 41.59  ? 32  TRP A C   1 
ATOM   226  O O   . TRP A 1 32  ? 7.449   8.798   -4.181  1.00 46.59  ? 32  TRP A O   1 
ATOM   227  C CB  . TRP A 1 32  ? 6.425   6.949   -6.744  1.00 42.30  ? 32  TRP A CB  1 
ATOM   228  C CG  . TRP A 1 32  ? 5.564   7.207   -7.929  1.00 42.08  ? 32  TRP A CG  1 
ATOM   229  C CD1 . TRP A 1 32  ? 5.253   8.420   -8.464  1.00 39.98  ? 32  TRP A CD1 1 
ATOM   230  C CD2 . TRP A 1 32  ? 4.894   6.229   -8.729  1.00 41.09  ? 32  TRP A CD2 1 
ATOM   231  N NE1 . TRP A 1 32  ? 4.428   8.260   -9.549  1.00 40.43  ? 32  TRP A NE1 1 
ATOM   232  C CE2 . TRP A 1 32  ? 4.193   6.924   -9.733  1.00 40.95  ? 32  TRP A CE2 1 
ATOM   233  C CE3 . TRP A 1 32  ? 4.818   4.835   -8.694  1.00 43.02  ? 32  TRP A CE3 1 
ATOM   234  C CZ2 . TRP A 1 32  ? 3.426   6.273   -10.691 1.00 42.80  ? 32  TRP A CZ2 1 
ATOM   235  C CZ3 . TRP A 1 32  ? 4.059   4.191   -9.648  1.00 43.41  ? 32  TRP A CZ3 1 
ATOM   236  C CH2 . TRP A 1 32  ? 3.374   4.908   -10.633 1.00 43.08  ? 32  TRP A CH2 1 
ATOM   237  N N   . GLU A 1 33  ? 8.833   7.108   -4.717  1.00 47.45  ? 33  GLU A N   1 
ATOM   238  C CA  . GLU A 1 33  ? 9.286   6.941   -3.340  1.00 45.10  ? 33  GLU A CA  1 
ATOM   239  C C   . GLU A 1 33  ? 10.185  8.074   -2.869  1.00 53.61  ? 33  GLU A C   1 
ATOM   240  O O   . GLU A 1 33  ? 10.342  8.260   -1.659  1.00 60.54  ? 33  GLU A O   1 
ATOM   241  C CB  . GLU A 1 33  ? 10.020  5.609   -3.184  1.00 51.49  ? 33  GLU A CB  1 
ATOM   242  C CG  . GLU A 1 33  ? 9.114   4.405   -3.282  1.00 55.78  ? 33  GLU A CG  1 
ATOM   243  C CD  . GLU A 1 33  ? 9.866   3.116   -3.547  1.00 61.71  ? 33  GLU A CD  1 
ATOM   244  O OE1 . GLU A 1 33  ? 11.103  3.161   -3.715  1.00 61.14  ? 33  GLU A OE1 1 
ATOM   245  O OE2 . GLU A 1 33  ? 9.217   2.050   -3.567  1.00 60.79  ? 33  GLU A OE2 1 
ATOM   246  N N   . GLN A 1 34  ? 10.790  8.820   -3.787  1.00 53.13  ? 34  GLN A N   1 
ATOM   247  C CA  . GLN A 1 34  ? 11.720  9.879   -3.427  1.00 45.41  ? 34  GLN A CA  1 
ATOM   248  C C   . GLN A 1 34  ? 11.055  11.232  -3.259  1.00 45.88  ? 34  GLN A C   1 
ATOM   249  O O   . GLN A 1 34  ? 11.745  12.205  -2.946  1.00 51.44  ? 34  GLN A O   1 
ATOM   250  C CB  . GLN A 1 34  ? 12.818  9.994   -4.483  1.00 48.90  ? 34  GLN A CB  1 
ATOM   251  C CG  . GLN A 1 34  ? 13.701  8.789   -4.562  1.00 54.03  ? 34  GLN A CG  1 
ATOM   252  C CD  . GLN A 1 34  ? 14.448  8.564   -3.280  1.00 54.35  ? 34  GLN A CD  1 
ATOM   253  O OE1 . GLN A 1 34  ? 15.358  9.315   -2.930  1.00 59.84  ? 34  GLN A OE1 1 
ATOM   254  N NE2 . GLN A 1 34  ? 14.063  7.525   -2.560  1.00 49.91  ? 34  GLN A NE2 1 
ATOM   255  N N   . ASP A 1 35  ? 9.750   11.321  -3.458  1.00 48.19  ? 35  ASP A N   1 
ATOM   256  C CA  . ASP A 1 35  ? 9.078   12.598  -3.313  1.00 47.91  ? 35  ASP A CA  1 
ATOM   257  C C   . ASP A 1 35  ? 9.127   13.037  -1.850  1.00 50.73  ? 35  ASP A C   1 
ATOM   258  O O   . ASP A 1 35  ? 8.982   12.204  -0.948  1.00 54.81  ? 35  ASP A O   1 
ATOM   259  C CB  . ASP A 1 35  ? 7.631   12.493  -3.793  1.00 52.75  ? 35  ASP A CB  1 
ATOM   260  C CG  . ASP A 1 35  ? 6.938   13.838  -3.860  1.00 56.13  ? 35  ASP A CG  1 
ATOM   261  O OD1 . ASP A 1 35  ? 6.455   14.311  -2.812  1.00 56.61  ? 35  ASP A OD1 1 
ATOM   262  O OD2 . ASP A 1 35  ? 6.858   14.411  -4.967  1.00 58.04  ? 35  ASP A OD2 1 
ATOM   263  N N   . PRO A 1 36  ? 9.362   14.322  -1.582  1.00 46.44  ? 36  PRO A N   1 
ATOM   264  C CA  . PRO A 1 36  ? 9.420   14.782  -0.185  1.00 44.48  ? 36  PRO A CA  1 
ATOM   265  C C   . PRO A 1 36  ? 8.163   14.482  0.610   1.00 49.20  ? 36  PRO A C   1 
ATOM   266  O O   . PRO A 1 36  ? 8.257   14.189  1.808   1.00 53.76  ? 36  PRO A O   1 
ATOM   267  C CB  . PRO A 1 36  ? 9.648   16.290  -0.338  1.00 45.82  ? 36  PRO A CB  1 
ATOM   268  C CG  . PRO A 1 36  ? 10.414  16.401  -1.606  1.00 46.94  ? 36  PRO A CG  1 
ATOM   269  C CD  . PRO A 1 36  ? 9.800   15.370  -2.519  1.00 46.30  ? 36  PRO A CD  1 
ATOM   270  N N   . SER A 1 37  ? 6.987   14.548  -0.019  1.00 51.83  ? 37  SER A N   1 
ATOM   271  C CA  . SER A 1 37  ? 5.752   14.222  0.687   1.00 45.30  ? 37  SER A CA  1 
ATOM   272  C C   . SER A 1 37  ? 5.732   12.762  1.116   1.00 47.08  ? 37  SER A C   1 
ATOM   273  O O   . SER A 1 37  ? 5.313   12.445  2.235   1.00 52.30  ? 37  SER A O   1 
ATOM   274  C CB  . SER A 1 37  ? 4.545   14.538  -0.195  1.00 45.70  ? 37  SER A CB  1 
ATOM   275  O OG  . SER A 1 37  ? 4.417   15.931  -0.408  1.00 51.30  ? 37  SER A OG  1 
ATOM   276  N N   . VAL A 1 38  ? 6.186   11.859  0.245   1.00 48.89  ? 38  VAL A N   1 
ATOM   277  C CA  . VAL A 1 38  ? 6.241   10.445  0.602   1.00 47.29  ? 38  VAL A CA  1 
ATOM   278  C C   . VAL A 1 38  ? 7.259   10.210  1.711   1.00 50.06  ? 38  VAL A C   1 
ATOM   279  O O   . VAL A 1 38  ? 7.031   9.405   2.619   1.00 56.23  ? 38  VAL A O   1 
ATOM   280  C CB  . VAL A 1 38  ? 6.546   9.593   -0.642  1.00 50.35  ? 38  VAL A CB  1 
ATOM   281  C CG1 . VAL A 1 38  ? 6.755   8.142   -0.254  1.00 50.75  ? 38  VAL A CG1 1 
ATOM   282  C CG2 . VAL A 1 38  ? 5.420   9.715   -1.649  1.00 50.06  ? 38  VAL A CG2 1 
ATOM   283  N N   . LEU A 1 39  ? 8.399   10.904  1.654   1.00 50.24  ? 39  LEU A N   1 
ATOM   284  C CA  . LEU A 1 39  ? 9.399   10.764  2.709   1.00 47.43  ? 39  LEU A CA  1 
ATOM   285  C C   . LEU A 1 39  ? 8.857   11.245  4.049   1.00 47.44  ? 39  LEU A C   1 
ATOM   286  O O   . LEU A 1 39  ? 9.112   10.625  5.089   1.00 54.53  ? 39  LEU A O   1 
ATOM   287  C CB  . LEU A 1 39  ? 10.669  11.529  2.339   1.00 46.04  ? 39  LEU A CB  1 
ATOM   288  C CG  . LEU A 1 39  ? 11.459  11.026  1.131   1.00 47.25  ? 39  LEU A CG  1 
ATOM   289  C CD1 . LEU A 1 39  ? 12.573  11.994  0.784   1.00 50.40  ? 39  LEU A CD1 1 
ATOM   290  C CD2 . LEU A 1 39  ? 12.019  9.646   1.405   1.00 49.93  ? 39  LEU A CD2 1 
ATOM   291  N N   . ILE A 1 40  ? 8.117   12.354  4.047   1.00 37.98  ? 40  ILE A N   1 
ATOM   292  C CA  . ILE A 1 40  ? 7.517   12.855  5.279   1.00 40.01  ? 40  ILE A CA  1 
ATOM   293  C C   . ILE A 1 40  ? 6.472   11.875  5.803   1.00 47.61  ? 40  ILE A C   1 
ATOM   294  O O   . ILE A 1 40  ? 6.421   11.582  7.002   1.00 52.01  ? 40  ILE A O   1 
ATOM   295  C CB  . ILE A 1 40  ? 6.921   14.255  5.052   1.00 43.25  ? 40  ILE A CB  1 
ATOM   296  C CG1 . ILE A 1 40  ? 8.034   15.272  4.795   1.00 46.93  ? 40  ILE A CG1 1 
ATOM   297  C CG2 . ILE A 1 40  ? 6.083   14.683  6.243   1.00 44.49  ? 40  ILE A CG2 1 
ATOM   298  C CD1 . ILE A 1 40  ? 7.541   16.589  4.249   1.00 45.17  ? 40  ILE A CD1 1 
ATOM   299  N N   . GLY A 1 41  ? 5.621   11.358  4.913   1.00 52.06  ? 41  GLY A N   1 
ATOM   300  C CA  . GLY A 1 41  ? 4.577   10.444  5.349   1.00 46.54  ? 41  GLY A CA  1 
ATOM   301  C C   . GLY A 1 41  ? 5.123   9.145   5.913   1.00 47.39  ? 41  GLY A C   1 
ATOM   302  O O   . GLY A 1 41  ? 4.691   8.685   6.972   1.00 53.40  ? 41  GLY A O   1 
ATOM   303  N N   . TYR A 1 42  ? 6.078   8.534   5.208   1.00 51.59  ? 42  TYR A N   1 
ATOM   304  C CA  . TYR A 1 42  ? 6.692   7.306   5.707   1.00 49.63  ? 42  TYR A CA  1 
ATOM   305  C C   . TYR A 1 42  ? 7.552   7.562   6.934   1.00 51.02  ? 42  TYR A C   1 
ATOM   306  O O   . TYR A 1 42  ? 7.668   6.689   7.802   1.00 53.85  ? 42  TYR A O   1 
ATOM   307  C CB  . TYR A 1 42  ? 7.539   6.648   4.619   1.00 54.95  ? 42  TYR A CB  1 
ATOM   308  C CG  . TYR A 1 42  ? 6.762   5.848   3.602   1.00 56.10  ? 42  TYR A CG  1 
ATOM   309  C CD1 . TYR A 1 42  ? 5.380   5.939   3.521   1.00 54.28  ? 42  TYR A CD1 1 
ATOM   310  C CD2 . TYR A 1 42  ? 7.415   4.994   2.725   1.00 54.90  ? 42  TYR A CD2 1 
ATOM   311  C CE1 . TYR A 1 42  ? 4.672   5.202   2.593   1.00 55.98  ? 42  TYR A CE1 1 
ATOM   312  C CE2 . TYR A 1 42  ? 6.717   4.254   1.794   1.00 53.83  ? 42  TYR A CE2 1 
ATOM   313  C CZ  . TYR A 1 42  ? 5.346   4.362   1.732   1.00 54.88  ? 42  TYR A CZ  1 
ATOM   314  O OH  . TYR A 1 42  ? 4.648   3.625   0.806   1.00 54.58  ? 42  TYR A OH  1 
ATOM   315  N N   . GLY A 1 43  ? 8.159   8.739   7.026   1.00 51.13  ? 43  GLY A N   1 
ATOM   316  C CA  . GLY A 1 43  ? 9.121   9.017   8.064   1.00 47.06  ? 43  GLY A CA  1 
ATOM   317  C C   . GLY A 1 43  ? 10.557  8.713   7.704   1.00 51.55  ? 43  GLY A C   1 
ATOM   318  O O   . GLY A 1 43  ? 11.414  8.730   8.593   1.00 54.81  ? 43  GLY A O   1 
ATOM   319  N N   . ARG A 1 44  ? 10.848  8.429   6.435   1.00 53.65  ? 44  ARG A N   1 
ATOM   320  C CA  . ARG A 1 44  ? 12.224  8.239   6.003   1.00 51.47  ? 44  ARG A CA  1 
ATOM   321  C C   . ARG A 1 44  ? 12.946  9.578   5.961   1.00 55.72  ? 44  ARG A C   1 
ATOM   322  O O   . ARG A 1 44  ? 12.362  10.605  5.605   1.00 60.59  ? 44  ARG A O   1 
ATOM   323  C CB  . ARG A 1 44  ? 12.280  7.566   4.631   1.00 51.81  ? 44  ARG A CB  1 
ATOM   324  C CG  . ARG A 1 44  ? 11.952  6.082   4.651   1.00 55.07  ? 44  ARG A CG  1 
ATOM   325  C CD  . ARG A 1 44  ? 12.151  5.455   3.281   1.00 55.95  ? 44  ARG A CD  1 
ATOM   326  N NE  . ARG A 1 44  ? 11.111  5.846   2.338   1.00 59.05  ? 44  ARG A NE  1 
ATOM   327  C CZ  . ARG A 1 44  ? 11.341  6.259   1.099   1.00 61.70  ? 44  ARG A CZ  1 
ATOM   328  N NH1 . ARG A 1 44  ? 12.571  6.365   0.622   1.00 59.59  ? 44  ARG A NH1 1 
ATOM   329  N NH2 . ARG A 1 44  ? 10.311  6.577   0.320   1.00 59.33  ? 44  ARG A NH2 1 
ATOM   330  N N   . GLN A 1 45  ? 14.228  9.558   6.323   1.00 52.26  ? 45  GLN A N   1 
ATOM   331  C CA  . GLN A 1 45  ? 14.982  10.785  6.530   1.00 49.83  ? 45  GLN A CA  1 
ATOM   332  C C   . GLN A 1 45  ? 15.951  11.111  5.403   1.00 53.18  ? 45  GLN A C   1 
ATOM   333  O O   . GLN A 1 45  ? 16.269  12.290  5.208   1.00 57.69  ? 45  GLN A O   1 
ATOM   334  C CB  . GLN A 1 45  ? 15.761  10.702  7.848   1.00 50.55  ? 45  GLN A CB  1 
ATOM   335  C CG  . GLN A 1 45  ? 14.946  11.080  9.069   1.00 52.23  ? 45  GLN A CG  1 
ATOM   336  C CD  . GLN A 1 45  ? 15.135  10.112  10.215  1.00 53.84  ? 45  GLN A CD  1 
ATOM   337  O OE1 . GLN A 1 45  ? 16.066  9.308   10.216  1.00 57.41  ? 45  GLN A OE1 1 
ATOM   338  N NE2 . GLN A 1 45  ? 14.251  10.182  11.201  1.00 55.86  ? 45  GLN A NE2 1 
ATOM   339  N N   . THR A 1 46  ? 16.425  10.118  4.658   1.00 49.99  ? 46  THR A N   1 
ATOM   340  C CA  . THR A 1 46  ? 17.417  10.369  3.627   1.00 47.41  ? 46  THR A CA  1 
ATOM   341  C C   . THR A 1 46  ? 16.952  9.802   2.296   1.00 47.15  ? 46  THR A C   1 
ATOM   342  O O   . THR A 1 46  ? 16.382  8.705   2.248   1.00 54.21  ? 46  THR A O   1 
ATOM   343  C CB  . THR A 1 46  ? 18.774  9.750   4.000   1.00 48.86  ? 46  THR A CB  1 
ATOM   344  O OG1 . THR A 1 46  ? 18.633  8.332   4.130   1.00 52.78  ? 46  THR A OG1 1 
ATOM   345  C CG2 . THR A 1 46  ? 19.289  10.327  5.309   1.00 50.18  ? 46  THR A CG2 1 
ATOM   346  N N   . PRO A 1 47  ? 17.181  10.519  1.201   1.00 46.23  ? 47  PRO A N   1 
ATOM   347  C CA  . PRO A 1 47  ? 16.819  9.992   -0.115  1.00 43.36  ? 47  PRO A CA  1 
ATOM   348  C C   . PRO A 1 47  ? 17.684  8.802   -0.501  1.00 54.24  ? 47  PRO A C   1 
ATOM   349  O O   . PRO A 1 47  ? 18.854  8.705   -0.129  1.00 59.52  ? 47  PRO A O   1 
ATOM   350  C CB  . PRO A 1 47  ? 17.059  11.183  -1.053  1.00 41.33  ? 47  PRO A CB  1 
ATOM   351  C CG  . PRO A 1 47  ? 17.170  12.375  -0.157  1.00 48.03  ? 47  PRO A CG  1 
ATOM   352  C CD  . PRO A 1 47  ? 17.775  11.859  1.101   1.00 50.55  ? 47  PRO A CD  1 
ATOM   353  N N   . ASP A 1 48  ? 17.086  7.887   -1.256  1.00 51.01  ? 48  ASP A N   1 
ATOM   354  C CA  . ASP A 1 48  ? 17.789  6.736   -1.798  1.00 49.06  ? 48  ASP A CA  1 
ATOM   355  C C   . ASP A 1 48  ? 18.199  7.003   -3.242  1.00 50.56  ? 48  ASP A C   1 
ATOM   356  O O   . ASP A 1 48  ? 17.590  7.810   -3.948  1.00 56.45  ? 48  ASP A O   1 
ATOM   357  C CB  . ASP A 1 48  ? 16.920  5.479   -1.717  1.00 53.42  ? 48  ASP A CB  1 
ATOM   358  C CG  . ASP A 1 48  ? 17.727  4.234   -1.412  1.00 62.11  ? 48  ASP A CG  1 
ATOM   359  O OD1 . ASP A 1 48  ? 18.943  4.364   -1.153  1.00 63.23  ? 48  ASP A OD1 1 
ATOM   360  O OD2 . ASP A 1 48  ? 17.148  3.128   -1.424  1.00 61.77  ? 48  ASP A OD2 1 
ATOM   361  N N   . SER A 1 49  ? 19.248  6.313   -3.674  1.00 47.12  ? 49  SER A N   1 
ATOM   362  C CA  . SER A 1 49  ? 19.788  6.506   -5.010  1.00 47.61  ? 49  SER A CA  1 
ATOM   363  C C   . SER A 1 49  ? 19.109  5.577   -6.009  1.00 50.22  ? 49  SER A C   1 
ATOM   364  O O   . SER A 1 49  ? 18.637  4.492   -5.661  1.00 50.05  ? 49  SER A O   1 
ATOM   365  C CB  . SER A 1 49  ? 21.301  6.276   -5.023  1.00 51.59  ? 49  SER A CB  1 
ATOM   366  O OG  . SER A 1 49  ? 21.617  4.926   -4.742  1.00 58.63  ? 49  SER A OG  1 
ATOM   367  N N   . LEU A 1 50  ? 19.054  6.029   -7.264  1.00 52.75  ? 50  LEU A N   1 
ATOM   368  C CA  . LEU A 1 50  ? 18.435  5.234   -8.320  1.00 45.85  ? 50  LEU A CA  1 
ATOM   369  C C   . LEU A 1 50  ? 19.180  3.923   -8.539  1.00 47.37  ? 50  LEU A C   1 
ATOM   370  O O   . LEU A 1 50  ? 18.558  2.880   -8.772  1.00 53.68  ? 50  LEU A O   1 
ATOM   371  C CB  . LEU A 1 50  ? 18.384  6.042   -9.615  1.00 46.93  ? 50  LEU A CB  1 
ATOM   372  C CG  . LEU A 1 50  ? 17.686  5.384   -10.804 1.00 50.11  ? 50  LEU A CG  1 
ATOM   373  C CD1 . LEU A 1 50  ? 16.268  4.988   -10.448 1.00 51.14  ? 50  LEU A CD1 1 
ATOM   374  C CD2 . LEU A 1 50  ? 17.700  6.317   -11.999 1.00 51.84  ? 50  LEU A CD2 1 
ATOM   375  N N   . GLU A 1 51  ? 20.512  3.960   -8.487  1.00 56.48  ? 51  GLU A N   1 
ATOM   376  C CA  . GLU A 1 51  ? 21.294  2.740   -8.659  1.00 58.94  ? 51  GLU A CA  1 
ATOM   377  C C   . GLU A 1 51  ? 21.000  1.735   -7.554  1.00 57.12  ? 51  GLU A C   1 
ATOM   378  O O   . GLU A 1 51  ? 20.885  0.529   -7.812  1.00 60.10  ? 51  GLU A O   1 
ATOM   379  C CB  . GLU A 1 51  ? 22.785  3.072   -8.703  1.00 57.26  ? 51  GLU A CB  1 
ATOM   380  C CG  . GLU A 1 51  ? 23.209  3.867   -9.929  1.00 60.02  ? 51  GLU A CG  1 
ATOM   381  C CD  . GLU A 1 51  ? 22.952  5.353   -9.793  1.00 62.46  ? 51  GLU A CD  1 
ATOM   382  O OE1 . GLU A 1 51  ? 22.678  5.811   -8.665  1.00 59.98  ? 51  GLU A OE1 1 
ATOM   383  O OE2 . GLU A 1 51  ? 23.020  6.063   -10.816 1.00 64.14  ? 51  GLU A OE2 1 
ATOM   384  N N   . ASN A 1 52  ? 20.867  2.213   -6.316  1.00 52.80  ? 52  ASN A N   1 
ATOM   385  C CA  . ASN A 1 52  ? 20.563  1.313   -5.210  1.00 54.25  ? 52  ASN A CA  1 
ATOM   386  C C   . ASN A 1 52  ? 19.175  0.704   -5.366  1.00 59.68  ? 52  ASN A C   1 
ATOM   387  O O   . ASN A 1 52  ? 18.975  -0.475  -5.063  1.00 62.40  ? 52  ASN A O   1 
ATOM   388  C CB  . ASN A 1 52  ? 20.686  2.056   -3.881  1.00 53.11  ? 52  ASN A CB  1 
ATOM   389  C CG  . ASN A 1 52  ? 20.629  1.129   -2.689  1.00 59.93  ? 52  ASN A CG  1 
ATOM   390  O OD1 . ASN A 1 52  ? 21.140  0.011   -2.732  1.00 64.53  ? 52  ASN A OD1 1 
ATOM   391  N ND2 . ASN A 1 52  ? 20.012  1.593   -1.608  1.00 60.55  ? 52  ASN A ND2 1 
ATOM   392  N N   . ARG A 1 53  ? 18.206  1.488   -5.847  1.00 60.54  ? 53  ARG A N   1 
ATOM   393  C CA  . ARG A 1 53  ? 16.871  0.949   -6.091  1.00 51.44  ? 53  ARG A CA  1 
ATOM   394  C C   . ARG A 1 53  ? 16.888  -0.096  -7.203  1.00 54.56  ? 53  ARG A C   1 
ATOM   395  O O   . ARG A 1 53  ? 16.236  -1.142  -7.090  1.00 60.21  ? 53  ARG A O   1 
ATOM   396  C CB  . ARG A 1 53  ? 15.905  2.080   -6.437  1.00 51.42  ? 53  ARG A CB  1 
ATOM   397  C CG  . ARG A 1 53  ? 14.451  1.652   -6.493  1.00 50.74  ? 53  ARG A CG  1 
ATOM   398  C CD  . ARG A 1 53  ? 13.968  1.216   -5.122  1.00 54.17  ? 53  ARG A CD  1 
ATOM   399  N NE  . ARG A 1 53  ? 12.540  0.930   -5.098  1.00 53.71  ? 53  ARG A NE  1 
ATOM   400  C CZ  . ARG A 1 53  ? 11.998  -0.208  -5.510  1.00 57.11  ? 53  ARG A CZ  1 
ATOM   401  N NH1 . ARG A 1 53  ? 12.740  -1.190  -5.995  1.00 60.43  ? 53  ARG A NH1 1 
ATOM   402  N NH2 . ARG A 1 53  ? 10.681  -0.368  -5.427  1.00 56.81  ? 53  ARG A NH2 1 
ATOM   403  N N   . ARG A 1 54  ? 17.627  0.172   -8.282  1.00 55.65  ? 54  ARG A N   1 
ATOM   404  C CA  . ARG A 1 54  ? 17.731  -0.801  -9.366  1.00 49.85  ? 54  ARG A CA  1 
ATOM   405  C C   . ARG A 1 54  ? 18.366  -2.095  -8.880  1.00 54.12  ? 54  ARG A C   1 
ATOM   406  O O   . ARG A 1 54  ? 17.912  -3.190  -9.235  1.00 58.37  ? 54  ARG A O   1 
ATOM   407  C CB  . ARG A 1 54  ? 18.538  -0.218  -10.526 1.00 51.64  ? 54  ARG A CB  1 
ATOM   408  C CG  . ARG A 1 54  ? 17.825  0.864   -11.317 1.00 55.58  ? 54  ARG A CG  1 
ATOM   409  C CD  . ARG A 1 54  ? 18.782  1.545   -12.282 1.00 53.25  ? 54  ARG A CD  1 
ATOM   410  N NE  . ARG A 1 54  ? 18.101  2.471   -13.178 1.00 53.66  ? 54  ARG A NE  1 
ATOM   411  C CZ  . ARG A 1 54  ? 18.720  3.315   -13.992 1.00 57.29  ? 54  ARG A CZ  1 
ATOM   412  N NH1 . ARG A 1 54  ? 20.040  3.377   -14.047 1.00 56.87  ? 54  ARG A NH1 1 
ATOM   413  N NH2 . ARG A 1 54  ? 17.997  4.114   -14.769 1.00 57.21  ? 54  ARG A NH2 1 
ATOM   414  N N   . GLU A 1 55  ? 19.417  -1.991  -8.064  1.00 62.63  ? 55  GLU A N   1 
ATOM   415  C CA  . GLU A 1 55  ? 20.050  -3.188  -7.518  1.00 64.37  ? 55  GLU A CA  1 
ATOM   416  C C   . GLU A 1 55  ? 19.114  -3.929  -6.568  1.00 63.30  ? 55  GLU A C   1 
ATOM   417  O O   . GLU A 1 55  ? 19.060  -5.164  -6.581  1.00 64.84  ? 55  GLU A O   1 
ATOM   418  C CB  . GLU A 1 55  ? 21.356  -2.817  -6.815  1.00 64.71  ? 55  GLU A CB  1 
ATOM   419  C CG  . GLU A 1 55  ? 22.150  -4.002  -6.290  1.00 64.41  ? 55  GLU A CG  1 
ATOM   420  C CD  . GLU A 1 55  ? 21.829  -4.333  -4.848  1.00 67.89  ? 55  GLU A CD  1 
ATOM   421  O OE1 . GLU A 1 55  ? 21.334  -3.440  -4.129  1.00 67.58  ? 55  GLU A OE1 1 
ATOM   422  O OE2 . GLU A 1 55  ? 22.075  -5.484  -4.430  1.00 68.17  ? 55  GLU A OE2 1 
ATOM   423  N N   . GLY A 1 56  ? 18.376  -3.196  -5.731  1.00 61.75  ? 56  GLY A N   1 
ATOM   424  C CA  . GLY A 1 56  ? 17.493  -3.814  -4.757  1.00 61.73  ? 56  GLY A CA  1 
ATOM   425  C C   . GLY A 1 56  ? 16.236  -4.418  -5.345  1.00 64.49  ? 56  GLY A C   1 
ATOM   426  O O   . GLY A 1 56  ? 15.594  -5.241  -4.684  1.00 66.73  ? 56  GLY A O   1 
ATOM   427  N N   . TYR A 1 57  ? 15.858  -4.012  -6.560  1.00 63.26  ? 57  TYR A N   1 
ATOM   428  C CA  . TYR A 1 57  ? 14.678  -4.603  -7.185  1.00 58.37  ? 57  TYR A CA  1 
ATOM   429  C C   . TYR A 1 57  ? 14.837  -6.107  -7.364  1.00 58.17  ? 57  TYR A C   1 
ATOM   430  O O   . TYR A 1 57  ? 13.872  -6.859  -7.193  1.00 63.84  ? 57  TYR A O   1 
ATOM   431  C CB  . TYR A 1 57  ? 14.382  -3.930  -8.525  1.00 62.31  ? 57  TYR A CB  1 
ATOM   432  C CG  . TYR A 1 57  ? 13.159  -4.497  -9.217  1.00 60.39  ? 57  TYR A CG  1 
ATOM   433  C CD1 . TYR A 1 57  ? 13.247  -5.628  -10.023 1.00 56.60  ? 57  TYR A CD1 1 
ATOM   434  C CD2 . TYR A 1 57  ? 11.908  -3.933  -9.020  1.00 63.79  ? 57  TYR A CD2 1 
ATOM   435  C CE1 . TYR A 1 57  ? 12.132  -6.154  -10.637 1.00 56.80  ? 57  TYR A CE1 1 
ATOM   436  C CE2 . TYR A 1 57  ? 10.787  -4.456  -9.629  1.00 63.53  ? 57  TYR A CE2 1 
ATOM   437  C CZ  . TYR A 1 57  ? 10.905  -5.566  -10.434 1.00 61.67  ? 57  TYR A CZ  1 
ATOM   438  O OH  . TYR A 1 57  ? 9.789   -6.089  -11.042 1.00 62.81  ? 57  TYR A OH  1 
ATOM   439  N N   . GLY A 1 58  ? 16.036  -6.567  -7.724  1.00 61.32  ? 58  GLY A N   1 
ATOM   440  C CA  . GLY A 1 58  ? 16.245  -7.998  -7.861  1.00 62.57  ? 58  GLY A CA  1 
ATOM   441  C C   . GLY A 1 58  ? 16.035  -8.742  -6.556  1.00 64.90  ? 58  GLY A C   1 
ATOM   442  O O   . GLY A 1 58  ? 15.353  -9.769  -6.518  1.00 68.78  ? 58  GLY A O   1 
ATOM   443  N N   . HIS A 1 59  ? 16.603  -8.223  -5.465  1.00 64.29  ? 59  HIS A N   1 
ATOM   444  C CA  . HIS A 1 59  ? 16.441  -8.882  -4.173  1.00 64.14  ? 59  HIS A CA  1 
ATOM   445  C C   . HIS A 1 59  ? 14.989  -8.842  -3.715  1.00 64.16  ? 59  HIS A C   1 
ATOM   446  O O   . HIS A 1 59  ? 14.524  -9.763  -3.032  1.00 65.87  ? 59  HIS A O   1 
ATOM   447  C CB  . HIS A 1 59  ? 17.369  -8.243  -3.141  1.00 65.17  ? 59  HIS A CB  1 
ATOM   448  C CG  . HIS A 1 59  ? 18.822  -8.504  -3.401  1.00 69.62  ? 59  HIS A CG  1 
ATOM   449  N ND1 . HIS A 1 59  ? 19.431  -9.698  -3.079  1.00 69.34  ? 59  HIS A ND1 1 
ATOM   450  C CD2 . HIS A 1 59  ? 19.781  -7.732  -3.963  1.00 69.76  ? 59  HIS A CD2 1 
ATOM   451  C CE1 . HIS A 1 59  ? 20.705  -9.647  -3.425  1.00 68.98  ? 59  HIS A CE1 1 
ATOM   452  N NE2 . HIS A 1 59  ? 20.943  -8.465  -3.964  1.00 69.61  ? 59  HIS A NE2 1 
ATOM   453  N N   . GLN A 1 60  ? 14.255  -7.786  -4.076  1.00 62.78  ? 60  GLN A N   1 
ATOM   454  C CA  . GLN A 1 60  ? 12.815  -7.777  -3.831  1.00 63.52  ? 60  GLN A CA  1 
ATOM   455  C C   . GLN A 1 60  ? 12.112  -8.854  -4.649  1.00 65.96  ? 60  GLN A C   1 
ATOM   456  O O   . GLN A 1 60  ? 11.179  -9.507  -4.167  1.00 67.18  ? 60  GLN A O   1 
ATOM   457  C CB  . GLN A 1 60  ? 12.226  -6.401  -4.155  1.00 61.07  ? 60  GLN A CB  1 
ATOM   458  C CG  . GLN A 1 60  ? 12.751  -5.240  -3.314  1.00 62.21  ? 60  GLN A CG  1 
ATOM   459  C CD  . GLN A 1 60  ? 12.246  -5.245  -1.881  1.00 66.45  ? 60  GLN A CD  1 
ATOM   460  O OE1 . GLN A 1 60  ? 11.739  -6.252  -1.383  1.00 65.87  ? 60  GLN A OE1 1 
ATOM   461  N NE2 . GLN A 1 60  ? 12.383  -4.109  -1.207  1.00 66.44  ? 60  GLN A NE2 1 
ATOM   462  N N   . ALA A 1 61  ? 12.543  -9.041  -5.898  1.00 66.46  ? 61  ALA A N   1 
ATOM   463  C CA  . ALA A 1 61  ? 11.874  -9.977  -6.796  1.00 60.63  ? 61  ALA A CA  1 
ATOM   464  C C   . ALA A 1 61  ? 12.080  -11.424 -6.363  1.00 62.70  ? 61  ALA A C   1 
ATOM   465  O O   . ALA A 1 61  ? 11.128  -12.212 -6.363  1.00 67.40  ? 61  ALA A O   1 
ATOM   466  C CB  . ALA A 1 61  ? 12.366  -9.766  -8.228  1.00 62.18  ? 61  ALA A CB  1 
ATOM   467  N N   . ARG A 1 62  ? 13.309  -11.800 -5.995  1.00 68.27  ? 62  ARG A N   1 
ATOM   468  C CA  . ARG A 1 62  ? 13.533  -13.170 -5.531  1.00 70.76  ? 62  ARG A CA  1 
ATOM   469  C C   . ARG A 1 62  ? 12.786  -13.456 -4.234  1.00 70.68  ? 62  ARG A C   1 
ATOM   470  O O   . ARG A 1 62  ? 12.208  -14.538 -4.075  1.00 72.43  ? 62  ARG A O   1 
ATOM   471  C CB  . ARG A 1 62  ? 15.025  -13.468 -5.355  1.00 70.77  ? 62  ARG A CB  1 
ATOM   472  C CG  . ARG A 1 62  ? 15.801  -13.724 -6.647  1.00 71.59  ? 62  ARG A CG  1 
ATOM   473  C CD  . ARG A 1 62  ? 16.289  -12.466 -7.323  1.00 73.32  ? 62  ARG A CD  1 
ATOM   474  N NE  . ARG A 1 62  ? 17.211  -12.751 -8.416  1.00 73.78  ? 62  ARG A NE  1 
ATOM   475  C CZ  . ARG A 1 62  ? 16.846  -12.880 -9.685  1.00 74.80  ? 62  ARG A CZ  1 
ATOM   476  N NH1 . ARG A 1 62  ? 15.582  -12.763 -10.056 1.00 75.23  ? 62  ARG A NH1 1 
ATOM   477  N NH2 . ARG A 1 62  ? 17.774  -13.128 -10.603 1.00 73.64  ? 62  ARG A NH2 1 
ATOM   478  N N   . GLY A 1 63  ? 12.791  -12.514 -3.297  1.00 68.77  ? 63  GLY A N   1 
ATOM   479  C CA  . GLY A 1 63  ? 12.120  -12.716 -2.026  1.00 68.57  ? 63  GLY A CA  1 
ATOM   480  C C   . GLY A 1 63  ? 10.638  -12.406 -2.068  1.00 68.30  ? 63  GLY A C   1 
ATOM   481  O O   . GLY A 1 63  ? 10.201  -11.381 -1.536  1.00 70.45  ? 63  GLY A O   1 
ATOM   482  N N   . THR A 1 64  ? 9.856   -13.277 -2.698  1.00 64.77  ? 64  THR A N   1 
ATOM   483  C CA  . THR A 1 64  ? 8.421   -13.075 -2.840  1.00 63.81  ? 64  THR A CA  1 
ATOM   484  C C   . THR A 1 64  ? 7.593   -14.103 -2.083  1.00 64.21  ? 64  THR A C   1 
ATOM   485  O O   . THR A 1 64  ? 6.364   -14.097 -2.204  1.00 65.88  ? 64  THR A O   1 
ATOM   486  C CB  . THR A 1 64  ? 8.030   -13.094 -4.322  1.00 64.64  ? 64  THR A CB  1 
ATOM   487  O OG1 . THR A 1 64  ? 6.653   -12.725 -4.458  1.00 67.53  ? 64  THR A OG1 1 
ATOM   488  C CG2 . THR A 1 64  ? 8.243   -14.480 -4.910  1.00 64.19  ? 64  THR A CG2 1 
ATOM   489  N N   . ASP A 1 65  ? 8.229   -14.994 -1.319  1.00 62.15  ? 65  ASP A N   1 
ATOM   490  C CA  . ASP A 1 65  ? 7.476   -16.005 -0.584  1.00 59.49  ? 65  ASP A CA  1 
ATOM   491  C C   . ASP A 1 65  ? 6.592   -15.375 0.485   1.00 59.49  ? 65  ASP A C   1 
ATOM   492  O O   . ASP A 1 65  ? 5.441   -15.786 0.667   1.00 60.43  ? 65  ASP A O   1 
ATOM   493  C CB  . ASP A 1 65  ? 8.430   -17.020 0.044   1.00 62.54  ? 65  ASP A CB  1 
ATOM   494  C CG  . ASP A 1 65  ? 7.705   -18.210 0.637   1.00 67.36  ? 65  ASP A CG  1 
ATOM   495  O OD1 . ASP A 1 65  ? 6.858   -18.802 -0.063  1.00 68.92  ? 65  ASP A OD1 1 
ATOM   496  O OD2 . ASP A 1 65  ? 7.978   -18.552 1.807   1.00 68.21  ? 65  ASP A OD2 1 
ATOM   497  N N   . ASP A 1 66  ? 7.107   -14.371 1.196   1.00 56.34  ? 66  ASP A N   1 
ATOM   498  C CA  . ASP A 1 66  ? 6.374   -13.726 2.279   1.00 54.06  ? 66  ASP A CA  1 
ATOM   499  C C   . ASP A 1 66  ? 6.252   -12.225 2.045   1.00 52.61  ? 66  ASP A C   1 
ATOM   500  O O   . ASP A 1 66  ? 6.326   -11.434 2.989   1.00 57.36  ? 66  ASP A O   1 
ATOM   501  C CB  . ASP A 1 66  ? 7.028   -14.011 3.632   1.00 56.60  ? 66  ASP A CB  1 
ATOM   502  C CG  . ASP A 1 66  ? 8.478   -13.561 3.696   1.00 61.72  ? 66  ASP A CG  1 
ATOM   503  O OD1 . ASP A 1 66  ? 9.106   -13.744 4.760   1.00 64.79  ? 66  ASP A OD1 1 
ATOM   504  O OD2 . ASP A 1 66  ? 8.996   -13.033 2.690   1.00 62.01  ? 66  ASP A OD2 1 
ATOM   505  N N   . GLN A 1 67  ? 6.070   -11.818 0.793   1.00 50.28  ? 67  GLN A N   1 
ATOM   506  C CA  . GLN A 1 67  ? 5.977   -10.408 0.442   1.00 44.16  ? 67  GLN A CA  1 
ATOM   507  C C   . GLN A 1 67  ? 4.991   -10.241 -0.699  1.00 45.96  ? 67  GLN A C   1 
ATOM   508  O O   . GLN A 1 67  ? 5.141   -10.870 -1.750  1.00 53.41  ? 67  GLN A O   1 
ATOM   509  C CB  . GLN A 1 67  ? 7.352   -9.858  0.043   1.00 44.55  ? 67  GLN A CB  1 
ATOM   510  C CG  . GLN A 1 67  ? 7.383   -8.373  -0.275  1.00 48.65  ? 67  GLN A CG  1 
ATOM   511  C CD  . GLN A 1 67  ? 7.000   -7.508  0.907   1.00 54.99  ? 67  GLN A CD  1 
ATOM   512  O OE1 . GLN A 1 67  ? 5.897   -6.967  0.966   1.00 56.64  ? 67  GLN A OE1 1 
ATOM   513  N NE2 . GLN A 1 67  ? 7.915   -7.373  1.860   1.00 55.26  ? 67  GLN A NE2 1 
ATOM   514  N N   . LEU A 1 68  ? 3.987   -9.395  -0.493  1.00 39.78  ? 68  LEU A N   1 
ATOM   515  C CA  . LEU A 1 68  ? 3.069   -8.993  -1.549  1.00 37.65  ? 68  LEU A CA  1 
ATOM   516  C C   . LEU A 1 68  ? 3.464   -7.608  -2.030  1.00 42.35  ? 68  LEU A C   1 
ATOM   517  O O   . LEU A 1 68  ? 3.653   -6.698  -1.219  1.00 51.89  ? 68  LEU A O   1 
ATOM   518  C CB  . LEU A 1 68  ? 1.620   -8.982  -1.061  1.00 38.33  ? 68  LEU A CB  1 
ATOM   519  C CG  . LEU A 1 68  ? 1.021   -10.274 -0.514  1.00 38.11  ? 68  LEU A CG  1 
ATOM   520  C CD1 . LEU A 1 68  ? -0.381  -10.013 0.002   1.00 42.23  ? 68  LEU A CD1 1 
ATOM   521  C CD2 . LEU A 1 68  ? 1.002   -11.340 -1.590  1.00 44.80  ? 68  LEU A CD2 1 
ATOM   522  N N   . ARG A 1 69  ? 3.602   -7.453  -3.343  1.00 37.16  ? 69  ARG A N   1 
ATOM   523  C CA  . ARG A 1 69  ? 3.942   -6.171  -3.945  1.00 32.93  ? 69  ARG A CA  1 
ATOM   524  C C   . ARG A 1 69  ? 3.064   -5.972  -5.168  1.00 40.04  ? 69  ARG A C   1 
ATOM   525  O O   . ARG A 1 69  ? 3.076   -6.801  -6.083  1.00 52.92  ? 69  ARG A O   1 
ATOM   526  C CB  . ARG A 1 69  ? 5.424   -6.107  -4.321  1.00 42.56  ? 69  ARG A CB  1 
ATOM   527  C CG  . ARG A 1 69  ? 6.349   -6.207  -3.127  1.00 39.70  ? 69  ARG A CG  1 
ATOM   528  C CD  . ARG A 1 69  ? 7.789   -5.901  -3.487  1.00 43.59  ? 69  ARG A CD  1 
ATOM   529  N NE  . ARG A 1 69  ? 8.664   -6.062  -2.332  1.00 47.91  ? 69  ARG A NE  1 
ATOM   530  C CZ  . ARG A 1 69  ? 8.730   -5.213  -1.314  1.00 49.49  ? 69  ARG A CZ  1 
ATOM   531  N NH1 . ARG A 1 69  ? 8.012   -4.103  -1.291  1.00 47.87  ? 69  ARG A NH1 1 
ATOM   532  N NH2 . ARG A 1 69  ? 9.538   -5.486  -0.295  1.00 49.38  ? 69  ARG A NH2 1 
ATOM   533  N N   . PHE A 1 70  ? 2.304   -4.885  -5.179  1.00 31.74  ? 70  PHE A N   1 
ATOM   534  C CA  . PHE A 1 70  ? 1.390   -4.586  -6.267  1.00 30.33  ? 70  PHE A CA  1 
ATOM   535  C C   . PHE A 1 70  ? 1.667   -3.197  -6.817  1.00 32.73  ? 70  PHE A C   1 
ATOM   536  O O   . PHE A 1 70  ? 2.179   -2.320  -6.115  1.00 50.54  ? 70  PHE A O   1 
ATOM   537  C CB  . PHE A 1 70  ? -0.070  -4.667  -5.809  1.00 34.36  ? 70  PHE A CB  1 
ATOM   538  C CG  . PHE A 1 70  ? -0.442  -5.981  -5.190  1.00 35.55  ? 70  PHE A CG  1 
ATOM   539  C CD1 . PHE A 1 70  ? -0.758  -7.069  -5.982  1.00 33.60  ? 70  PHE A CD1 1 
ATOM   540  C CD2 . PHE A 1 70  ? -0.487  -6.125  -3.816  1.00 40.67  ? 70  PHE A CD2 1 
ATOM   541  C CE1 . PHE A 1 70  ? -1.104  -8.275  -5.416  1.00 37.65  ? 70  PHE A CE1 1 
ATOM   542  C CE2 . PHE A 1 70  ? -0.833  -7.328  -3.244  1.00 39.51  ? 70  PHE A CE2 1 
ATOM   543  C CZ  . PHE A 1 70  ? -1.143  -8.406  -4.045  1.00 38.63  ? 70  PHE A CZ  1 
ATOM   544  N N   . THR A 1 71  ? 1.327   -3.009  -8.087  1.00 31.85  ? 71  THR A N   1 
ATOM   545  C CA  . THR A 1 71  ? 1.340   -1.700  -8.720  1.00 33.83  ? 71  THR A CA  1 
ATOM   546  C C   . THR A 1 71  ? -0.100  -1.231  -8.858  1.00 35.14  ? 71  THR A C   1 
ATOM   547  O O   . THR A 1 71  ? -0.934  -1.938  -9.434  1.00 44.80  ? 71  THR A O   1 
ATOM   548  C CB  . THR A 1 71  ? 2.024   -1.753  -10.086 1.00 36.24  ? 71  THR A CB  1 
ATOM   549  O OG1 . THR A 1 71  ? 3.364   -2.233  -9.931  1.00 45.37  ? 71  THR A OG1 1 
ATOM   550  C CG2 . THR A 1 71  ? 2.064   -0.371  -10.710 1.00 38.07  ? 71  THR A CG2 1 
ATOM   551  N N   . VAL A 1 72  ? -0.395  -0.054  -8.325  1.00 32.82  ? 72  VAL A N   1 
ATOM   552  C CA  . VAL A 1 72  ? -1.752  0.472   -8.361  1.00 31.08  ? 72  VAL A CA  1 
ATOM   553  C C   . VAL A 1 72  ? -1.983  1.163   -9.696  1.00 39.60  ? 72  VAL A C   1 
ATOM   554  O O   . VAL A 1 72  ? -1.179  1.995   -10.131 1.00 51.67  ? 72  VAL A O   1 
ATOM   555  C CB  . VAL A 1 72  ? -1.989  1.431   -7.182  1.00 35.25  ? 72  VAL A CB  1 
ATOM   556  C CG1 . VAL A 1 72  ? -3.392  2.005   -7.239  1.00 38.91  ? 72  VAL A CG1 1 
ATOM   557  C CG2 . VAL A 1 72  ? -1.749  0.719   -5.867  1.00 40.99  ? 72  VAL A CG2 1 
ATOM   558  N N   . TYR A 1 73  ? -3.086  0.820   -10.352 1.00 43.06  ? 73  TYR A N   1 
ATOM   559  C CA  . TYR A 1 73  ? -3.439  1.375   -11.649 1.00 41.39  ? 73  TYR A CA  1 
ATOM   560  C C   . TYR A 1 73  ? -4.704  2.210   -11.523 1.00 43.85  ? 73  TYR A C   1 
ATOM   561  O O   . TYR A 1 73  ? -5.625  1.849   -10.785 1.00 52.48  ? 73  TYR A O   1 
ATOM   562  C CB  . TYR A 1 73  ? -3.656  0.272   -12.689 1.00 41.67  ? 73  TYR A CB  1 
ATOM   563  C CG  . TYR A 1 73  ? -2.412  -0.507  -13.043 1.00 40.52  ? 73  TYR A CG  1 
ATOM   564  C CD1 . TYR A 1 73  ? -1.572  -0.084  -14.062 1.00 44.11  ? 73  TYR A CD1 1 
ATOM   565  C CD2 . TYR A 1 73  ? -2.087  -1.673  -12.370 1.00 45.38  ? 73  TYR A CD2 1 
ATOM   566  C CE1 . TYR A 1 73  ? -0.437  -0.796  -14.391 1.00 45.68  ? 73  TYR A CE1 1 
ATOM   567  C CE2 . TYR A 1 73  ? -0.956  -2.390  -12.691 1.00 44.81  ? 73  TYR A CE2 1 
ATOM   568  C CZ  . TYR A 1 73  ? -0.134  -1.948  -13.702 1.00 46.01  ? 73  TYR A CZ  1 
ATOM   569  O OH  . TYR A 1 73  ? 0.995   -2.663  -14.025 1.00 48.97  ? 73  TYR A OH  1 
ATOM   570  N N   . ASP A 1 74  ? -4.742  3.328   -12.237 1.00 50.67  ? 74  ASP A N   1 
ATOM   571  C CA  . ASP A 1 74  ? -5.943  4.147   -12.328 1.00 52.45  ? 74  ASP A CA  1 
ATOM   572  C C   . ASP A 1 74  ? -6.752  3.653   -13.523 1.00 54.31  ? 74  ASP A C   1 
ATOM   573  O O   . ASP A 1 74  ? -6.276  3.698   -14.662 1.00 58.13  ? 74  ASP A O   1 
ATOM   574  C CB  . ASP A 1 74  ? -5.577  5.625   -12.473 1.00 54.14  ? 74  ASP A CB  1 
ATOM   575  C CG  . ASP A 1 74  ? -6.794  6.536   -12.575 1.00 59.01  ? 74  ASP A CG  1 
ATOM   576  O OD1 . ASP A 1 74  ? -7.934  6.041   -12.690 1.00 63.14  ? 74  ASP A OD1 1 
ATOM   577  O OD2 . ASP A 1 74  ? -6.603  7.768   -12.542 1.00 58.36  ? 74  ASP A OD2 1 
ATOM   578  N N   . LEU A 1 75  ? -7.967  3.178   -13.260 1.00 57.71  ? 75  LEU A N   1 
ATOM   579  C CA  . LEU A 1 75  ? -8.813  2.584   -14.285 1.00 54.71  ? 75  LEU A CA  1 
ATOM   580  C C   . LEU A 1 75  ? -9.896  3.532   -14.783 1.00 59.73  ? 75  LEU A C   1 
ATOM   581  O O   . LEU A 1 75  ? -10.795 3.098   -15.510 1.00 64.62  ? 75  LEU A O   1 
ATOM   582  C CB  . LEU A 1 75  ? -9.448  1.298   -13.756 1.00 56.63  ? 75  LEU A CB  1 
ATOM   583  C CG  . LEU A 1 75  ? -8.477  0.210   -13.297 1.00 57.93  ? 75  LEU A CG  1 
ATOM   584  C CD1 . LEU A 1 75  ? -9.233  -1.018  -12.827 1.00 59.40  ? 75  LEU A CD1 1 
ATOM   585  C CD2 . LEU A 1 75  ? -7.507  -0.146  -14.407 1.00 58.38  ? 75  LEU A CD2 1 
ATOM   586  N N   . THR A 1 76  ? -9.836  4.812   -14.410 1.00 63.62  ? 76  THR A N   1 
ATOM   587  C CA  . THR A 1 76  ? -10.853 5.753   -14.867 1.00 64.02  ? 76  THR A CA  1 
ATOM   588  C C   . THR A 1 76  ? -10.658 6.128   -16.330 1.00 66.44  ? 76  THR A C   1 
ATOM   589  O O   . THR A 1 76  ? -11.624 6.494   -17.007 1.00 68.01  ? 76  THR A O   1 
ATOM   590  C CB  . THR A 1 76  ? -10.845 7.008   -13.994 1.00 66.32  ? 76  THR A CB  1 
ATOM   591  O OG1 . THR A 1 76  ? -9.571  7.655   -14.094 1.00 70.14  ? 76  THR A OG1 1 
ATOM   592  C CG2 . THR A 1 76  ? -11.115 6.647   -12.543 1.00 64.10  ? 76  THR A CG2 1 
ATOM   593  N N   . GLY A 1 77  ? -9.429  6.045   -16.832 1.00 68.27  ? 77  GLY A N   1 
ATOM   594  C CA  . GLY A 1 77  ? -9.147  6.361   -18.214 1.00 67.95  ? 77  GLY A CA  1 
ATOM   595  C C   . GLY A 1 77  ? -9.389  5.179   -19.133 1.00 71.98  ? 77  GLY A C   1 
ATOM   596  O O   . GLY A 1 77  ? -9.898  4.128   -18.739 1.00 72.13  ? 77  GLY A O   1 
ATOM   597  N N   . GLN A 1 78  ? -9.010  5.370   -20.399 1.00 79.42  ? 78  GLN A N   1 
ATOM   598  C CA  . GLN A 1 78  ? -9.184  4.311   -21.388 1.00 77.02  ? 78  GLN A CA  1 
ATOM   599  C C   . GLN A 1 78  ? -8.276  3.123   -21.094 1.00 77.28  ? 78  GLN A C   1 
ATOM   600  O O   . GLN A 1 78  ? -8.707  1.968   -21.181 1.00 77.78  ? 78  GLN A O   1 
ATOM   601  C CB  . GLN A 1 78  ? -8.921  4.855   -22.792 1.00 75.94  ? 78  GLN A CB  1 
ATOM   602  C CG  . GLN A 1 78  ? -9.515  4.010   -23.906 1.00 78.26  ? 78  GLN A CG  1 
ATOM   603  C CD  . GLN A 1 78  ? -8.532  2.998   -24.459 1.00 80.28  ? 78  GLN A CD  1 
ATOM   604  O OE1 . GLN A 1 78  ? -7.357  3.303   -24.665 1.00 79.53  ? 78  GLN A OE1 1 
ATOM   605  N NE2 . GLN A 1 78  ? -9.008  1.782   -24.702 1.00 79.50  ? 78  GLN A NE2 1 
ATOM   606  N N   . ASP A 1 79  ? -7.019  3.385   -20.745 1.00 71.67  ? 79  ASP A N   1 
ATOM   607  C CA  . ASP A 1 79  ? -6.065  2.339   -20.424 1.00 71.31  ? 79  ASP A CA  1 
ATOM   608  C C   . ASP A 1 79  ? -5.560  2.503   -18.997 1.00 69.85  ? 79  ASP A C   1 
ATOM   609  O O   . ASP A 1 79  ? -5.521  3.622   -18.475 1.00 72.78  ? 79  ASP A O   1 
ATOM   610  C CB  . ASP A 1 79  ? -4.874  2.361   -21.392 1.00 72.65  ? 79  ASP A CB  1 
ATOM   611  C CG  . ASP A 1 79  ? -5.222  1.799   -22.753 1.00 76.60  ? 79  ASP A CG  1 
ATOM   612  O OD1 . ASP A 1 79  ? -6.246  1.092   -22.861 1.00 77.84  ? 79  ASP A OD1 1 
ATOM   613  O OD2 . ASP A 1 79  ? -4.472  2.062   -23.717 1.00 77.27  ? 79  ASP A OD2 1 
ATOM   614  N N   . PRO A 1 80  ? -5.178  1.410   -18.338 1.00 52.50  ? 80  PRO A N   1 
ATOM   615  C CA  . PRO A 1 80  ? -4.628  1.527   -16.982 1.00 54.67  ? 80  PRO A CA  1 
ATOM   616  C C   . PRO A 1 80  ? -3.332  2.322   -16.974 1.00 57.43  ? 80  PRO A C   1 
ATOM   617  O O   . PRO A 1 80  ? -2.505  2.210   -17.881 1.00 61.22  ? 80  PRO A O   1 
ATOM   618  C CB  . PRO A 1 80  ? -4.399  0.068   -16.569 1.00 54.11  ? 80  PRO A CB  1 
ATOM   619  C CG  . PRO A 1 80  ? -5.315  -0.718  -17.453 1.00 57.60  ? 80  PRO A CG  1 
ATOM   620  C CD  . PRO A 1 80  ? -5.279  0.004   -18.761 1.00 54.85  ? 80  PRO A CD  1 
ATOM   621  N N   . VAL A 1 81  ? -3.160  3.126   -15.932 1.00 53.01  ? 81  VAL A N   1 
ATOM   622  C CA  . VAL A 1 81  ? -1.950  3.924   -15.751 1.00 46.43  ? 81  VAL A CA  1 
ATOM   623  C C   . VAL A 1 81  ? -1.451  3.739   -14.322 1.00 49.12  ? 81  VAL A C   1 
ATOM   624  O O   . VAL A 1 81  ? -2.222  3.905   -13.367 1.00 55.28  ? 81  VAL A O   1 
ATOM   625  C CB  . VAL A 1 81  ? -2.203  5.402   -16.096 1.00 43.53  ? 81  VAL A CB  1 
ATOM   626  C CG1 . VAL A 1 81  ? -3.362  5.966   -15.291 1.00 49.69  ? 81  VAL A CG1 1 
ATOM   627  C CG2 . VAL A 1 81  ? -0.948  6.226   -15.862 1.00 46.82  ? 81  VAL A CG2 1 
ATOM   628  N N   . PRO A 1 82  ? -0.187  3.367   -14.127 1.00 40.77  ? 82  PRO A N   1 
ATOM   629  C CA  . PRO A 1 82  ? 0.312   3.159   -12.762 1.00 42.98  ? 82  PRO A CA  1 
ATOM   630  C C   . PRO A 1 82  ? 0.378   4.465   -11.986 1.00 41.72  ? 82  PRO A C   1 
ATOM   631  O O   . PRO A 1 82  ? 0.831   5.492   -12.497 1.00 48.19  ? 82  PRO A O   1 
ATOM   632  C CB  . PRO A 1 82  ? 1.703   2.558   -12.986 1.00 40.96  ? 82  PRO A CB  1 
ATOM   633  C CG  . PRO A 1 82  ? 2.120   3.080   -14.312 1.00 41.17  ? 82  PRO A CG  1 
ATOM   634  C CD  . PRO A 1 82  ? 0.864   3.157   -15.137 1.00 38.61  ? 82  PRO A CD  1 
ATOM   635  N N   . VAL A 1 83  ? -0.088  4.417   -10.740 1.00 38.13  ? 83  VAL A N   1 
ATOM   636  C CA  . VAL A 1 83  ? -0.163  5.603   -9.895  1.00 32.53  ? 83  VAL A CA  1 
ATOM   637  C C   . VAL A 1 83  ? 0.496   5.419   -8.537  1.00 39.37  ? 83  VAL A C   1 
ATOM   638  O O   . VAL A 1 83  ? 0.732   6.420   -7.845  1.00 53.98  ? 83  VAL A O   1 
ATOM   639  C CB  . VAL A 1 83  ? -1.624  6.071   -9.708  1.00 37.58  ? 83  VAL A CB  1 
ATOM   640  C CG1 . VAL A 1 83  ? -2.222  6.504   -11.035 1.00 42.38  ? 83  VAL A CG1 1 
ATOM   641  C CG2 . VAL A 1 83  ? -2.454  4.972   -9.084  1.00 42.46  ? 83  VAL A CG2 1 
ATOM   642  N N   . GLY A 1 84  ? 0.798   4.194   -8.122  1.00 28.27  ? 84  GLY A N   1 
ATOM   643  C CA  . GLY A 1 84  ? 1.380   4.000   -6.808  1.00 32.31  ? 84  GLY A CA  1 
ATOM   644  C C   . GLY A 1 84  ? 1.746   2.552   -6.571  1.00 28.19  ? 84  GLY A C   1 
ATOM   645  O O   . GLY A 1 84  ? 1.722   1.725   -7.484  1.00 41.58  ? 84  GLY A O   1 
ATOM   646  N N   . THR A 1 85  ? 2.090   2.259   -5.317  1.00 34.21  ? 85  THR A N   1 
ATOM   647  C CA  . THR A 1 85  ? 2.549   0.940   -4.911  1.00 27.74  ? 85  THR A CA  1 
ATOM   648  C C   . THR A 1 85  ? 1.912   0.556   -3.582  1.00 37.18  ? 85  THR A C   1 
ATOM   649  O O   . THR A 1 85  ? 1.715   1.399   -2.704  1.00 48.23  ? 85  THR A O   1 
ATOM   650  C CB  . THR A 1 85  ? 4.084   0.909   -4.787  1.00 36.49  ? 85  THR A CB  1 
ATOM   651  O OG1 . THR A 1 85  ? 4.674   1.232   -6.051  1.00 46.60  ? 85  THR A OG1 1 
ATOM   652  C CG2 . THR A 1 85  ? 4.575   -0.463  -4.351  1.00 39.44  ? 85  THR A CG2 1 
ATOM   653  N N   . THR A 1 86  ? 1.591   -0.729  -3.443  1.00 29.95  ? 86  THR A N   1 
ATOM   654  C CA  . THR A 1 86  ? 1.145   -1.300  -2.181  1.00 30.32  ? 86  THR A CA  1 
ATOM   655  C C   . THR A 1 86  ? 1.996   -2.517  -1.860  1.00 32.28  ? 86  THR A C   1 
ATOM   656  O O   . THR A 1 86  ? 2.436   -3.238  -2.759  1.00 45.91  ? 86  THR A O   1 
ATOM   657  C CB  . THR A 1 86  ? -0.333  -1.707  -2.216  1.00 32.10  ? 86  THR A CB  1 
ATOM   658  O OG1 . THR A 1 86  ? -0.535  -2.683  -3.245  1.00 49.63  ? 86  THR A OG1 1 
ATOM   659  C CG2 . THR A 1 86  ? -1.215  -0.506  -2.488  1.00 35.18  ? 86  THR A CG2 1 
ATOM   660  N N   . ALA A 1 87  ? 2.229   -2.742  -0.571  1.00 29.57  ? 87  ALA A N   1 
ATOM   661  C CA  . ALA A 1 87  ? 3.052   -3.862  -0.143  1.00 27.66  ? 87  ALA A CA  1 
ATOM   662  C C   . ALA A 1 87  ? 2.545   -4.392  1.188   1.00 33.46  ? 87  ALA A C   1 
ATOM   663  O O   . ALA A 1 87  ? 2.092   -3.630  2.045   1.00 49.60  ? 87  ALA A O   1 
ATOM   664  C CB  . ALA A 1 87  ? 4.527   -3.466  -0.025  1.00 37.64  ? 87  ALA A CB  1 
ATOM   665  N N   . VAL A 1 88  ? 2.624   -5.711  1.350   1.00 31.05  ? 88  VAL A N   1 
ATOM   666  C CA  . VAL A 1 88  ? 2.270   -6.382  2.594   1.00 33.19  ? 88  VAL A CA  1 
ATOM   667  C C   . VAL A 1 88  ? 3.398   -7.340  2.952   1.00 38.46  ? 88  VAL A C   1 
ATOM   668  O O   . VAL A 1 88  ? 3.701   -8.259  2.184   1.00 50.00  ? 88  VAL A O   1 
ATOM   669  C CB  . VAL A 1 88  ? 0.935   -7.139  2.488   1.00 36.67  ? 88  VAL A CB  1 
ATOM   670  C CG1 . VAL A 1 88  ? 0.617   -7.835  3.798   1.00 40.64  ? 88  VAL A CG1 1 
ATOM   671  C CG2 . VAL A 1 88  ? -0.186  -6.193  2.109   1.00 38.28  ? 88  VAL A CG2 1 
ATOM   672  N N   . LEU A 1 89  ? 4.013   -7.130  4.113   1.00 35.56  ? 89  LEU A N   1 
ATOM   673  C CA  . LEU A 1 89  ? 5.031   -8.037  4.626   1.00 33.88  ? 89  LEU A CA  1 
ATOM   674  C C   . LEU A 1 89  ? 4.345   -9.098  5.477   1.00 39.77  ? 89  LEU A C   1 
ATOM   675  O O   . LEU A 1 89  ? 3.810   -8.791  6.548   1.00 48.08  ? 89  LEU A O   1 
ATOM   676  C CB  . LEU A 1 89  ? 6.075   -7.277  5.441   1.00 41.77  ? 89  LEU A CB  1 
ATOM   677  C CG  . LEU A 1 89  ? 7.187   -8.116  6.074   1.00 48.29  ? 89  LEU A CG  1 
ATOM   678  C CD1 . LEU A 1 89  ? 8.167   -8.593  5.018   1.00 44.68  ? 89  LEU A CD1 1 
ATOM   679  C CD2 . LEU A 1 89  ? 7.903   -7.333  7.163   1.00 47.42  ? 89  LEU A CD2 1 
ATOM   680  N N   . ILE A 1 90  ? 4.377   -10.342 5.012   1.00 45.31  ? 90  ILE A N   1 
ATOM   681  C CA  . ILE A 1 90  ? 3.588   -11.424 5.589   1.00 42.91  ? 90  ILE A CA  1 
ATOM   682  C C   . ILE A 1 90  ? 4.437   -12.181 6.597   1.00 47.23  ? 90  ILE A C   1 
ATOM   683  O O   . ILE A 1 90  ? 5.593   -12.525 6.318   1.00 50.35  ? 90  ILE A O   1 
ATOM   684  C CB  . ILE A 1 90  ? 3.060   -12.369 4.497   1.00 40.46  ? 90  ILE A CB  1 
ATOM   685  C CG1 . ILE A 1 90  ? 2.102   -11.626 3.567   1.00 42.06  ? 90  ILE A CG1 1 
ATOM   686  C CG2 . ILE A 1 90  ? 2.376   -13.575 5.115   1.00 43.38  ? 90  ILE A CG2 1 
ATOM   687  C CD1 . ILE A 1 90  ? 1.648   -12.449 2.389   1.00 43.46  ? 90  ILE A CD1 1 
ATOM   688  N N   . ASP A 1 91  ? 3.868   -12.434 7.770   1.00 48.49  ? 91  ASP A N   1 
ATOM   689  C CA  . ASP A 1 91  ? 4.463   -13.302 8.781   1.00 43.57  ? 91  ASP A CA  1 
ATOM   690  C C   . ASP A 1 91  ? 3.633   -14.580 8.760   1.00 47.21  ? 91  ASP A C   1 
ATOM   691  O O   . ASP A 1 91  ? 2.545   -14.633 9.338   1.00 49.62  ? 91  ASP A O   1 
ATOM   692  C CB  . ASP A 1 91  ? 4.460   -12.630 10.152  1.00 43.98  ? 91  ASP A CB  1 
ATOM   693  C CG  . ASP A 1 91  ? 5.133   -13.469 11.230  1.00 53.53  ? 91  ASP A CG  1 
ATOM   694  O OD1 . ASP A 1 91  ? 5.327   -14.686 11.033  1.00 56.25  ? 91  ASP A OD1 1 
ATOM   695  O OD2 . ASP A 1 91  ? 5.472   -12.901 12.288  1.00 55.70  ? 91  ASP A OD2 1 
ATOM   696  N N   . HIS A 1 92  ? 4.152   -15.610 8.088   1.00 45.80  ? 92  HIS A N   1 
ATOM   697  C CA  . HIS A 1 92  ? 3.384   -16.832 7.886   1.00 43.28  ? 92  HIS A CA  1 
ATOM   698  C C   . HIS A 1 92  ? 3.146   -17.598 9.179   1.00 44.89  ? 92  HIS A C   1 
ATOM   699  O O   . HIS A 1 92  ? 2.283   -18.480 9.210   1.00 52.39  ? 92  HIS A O   1 
ATOM   700  C CB  . HIS A 1 92  ? 4.090   -17.731 6.871   1.00 41.05  ? 92  HIS A CB  1 
ATOM   701  C CG  . HIS A 1 92  ? 3.960   -17.263 5.456   1.00 44.30  ? 92  HIS A CG  1 
ATOM   702  N ND1 . HIS A 1 92  ? 2.749   -17.192 4.803   1.00 44.79  ? 92  HIS A ND1 1 
ATOM   703  C CD2 . HIS A 1 92  ? 4.892   -16.847 4.566   1.00 45.52  ? 92  HIS A CD2 1 
ATOM   704  C CE1 . HIS A 1 92  ? 2.940   -16.748 3.573   1.00 45.36  ? 92  HIS A CE1 1 
ATOM   705  N NE2 . HIS A 1 92  ? 4.231   -16.532 3.404   1.00 48.81  ? 92  HIS A NE2 1 
ATOM   706  N N   . HIS A 1 93  ? 3.885   -17.285 10.245  1.00 43.89  ? 93  HIS A N   1 
ATOM   707  C CA  . HIS A 1 93  ? 3.720   -18.017 11.496  1.00 37.60  ? 93  HIS A CA  1 
ATOM   708  C C   . HIS A 1 93  ? 2.394   -17.698 12.172  1.00 42.53  ? 93  HIS A C   1 
ATOM   709  O O   . HIS A 1 93  ? 1.804   -18.573 12.815  1.00 49.77  ? 93  HIS A O   1 
ATOM   710  C CB  . HIS A 1 93  ? 4.880   -17.707 12.439  1.00 40.64  ? 93  HIS A CB  1 
ATOM   711  C CG  . HIS A 1 93  ? 6.176   -18.329 12.024  1.00 45.88  ? 93  HIS A CG  1 
ATOM   712  N ND1 . HIS A 1 93  ? 6.704   -19.435 12.652  1.00 51.80  ? 93  HIS A ND1 1 
ATOM   713  C CD2 . HIS A 1 93  ? 7.048   -18.001 11.042  1.00 46.21  ? 93  HIS A CD2 1 
ATOM   714  C CE1 . HIS A 1 93  ? 7.847   -19.761 12.076  1.00 49.22  ? 93  HIS A CE1 1 
ATOM   715  N NE2 . HIS A 1 93  ? 8.079   -18.907 11.096  1.00 42.78  ? 93  HIS A NE2 1 
ATOM   716  N N   . VAL A 1 94  ? 1.910   -16.464 12.044  1.00 39.20  ? 94  VAL A N   1 
ATOM   717  C CA  . VAL A 1 94  ? 0.694   -16.027 12.715  1.00 34.57  ? 94  VAL A CA  1 
ATOM   718  C C   . VAL A 1 94  ? -0.357  -15.502 11.752  1.00 38.50  ? 94  VAL A C   1 
ATOM   719  O O   . VAL A 1 94  ? -1.390  -14.994 12.202  1.00 46.77  ? 94  VAL A O   1 
ATOM   720  C CB  . VAL A 1 94  ? 0.999   -14.969 13.795  1.00 35.89  ? 94  VAL A CB  1 
ATOM   721  C CG1 . VAL A 1 94  ? 1.806   -15.586 14.921  1.00 37.69  ? 94  VAL A CG1 1 
ATOM   722  C CG2 . VAL A 1 94  ? 1.754   -13.804 13.190  1.00 41.96  ? 94  VAL A CG2 1 
ATOM   723  N N   . ARG A 1 95  ? -0.131  -15.608 10.441  1.00 35.00  ? 95  ARG A N   1 
ATOM   724  C CA  . ARG A 1 95  ? -1.097  -15.178 9.427   1.00 33.34  ? 95  ARG A CA  1 
ATOM   725  C C   . ARG A 1 95  ? -1.406  -13.686 9.536   1.00 40.68  ? 95  ARG A C   1 
ATOM   726  O O   . ARG A 1 95  ? -2.559  -13.266 9.424   1.00 51.38  ? 95  ARG A O   1 
ATOM   727  C CB  . ARG A 1 95  ? -2.390  -15.999 9.502   1.00 40.72  ? 95  ARG A CB  1 
ATOM   728  C CG  . ARG A 1 95  ? -2.206  -17.508 9.569   1.00 40.86  ? 95  ARG A CG  1 
ATOM   729  C CD  . ARG A 1 95  ? -1.233  -17.996 8.518   1.00 37.50  ? 95  ARG A CD  1 
ATOM   730  N NE  . ARG A 1 95  ? -1.689  -17.658 7.177   1.00 34.06  ? 95  ARG A NE  1 
ATOM   731  C CZ  . ARG A 1 95  ? -0.936  -17.730 6.090   1.00 38.93  ? 95  ARG A CZ  1 
ATOM   732  N NH1 . ARG A 1 95  ? 0.320   -18.135 6.148   1.00 41.06  ? 95  ARG A NH1 1 
ATOM   733  N NH2 . ARG A 1 95  ? -1.454  -17.381 4.917   1.00 40.39  ? 95  ARG A NH2 1 
ATOM   734  N N   . THR A 1 96  ? -0.375  -12.874 9.754   1.00 39.11  ? 96  THR A N   1 
ATOM   735  C CA  . THR A 1 96  ? -0.534  -11.430 9.841   1.00 37.43  ? 96  THR A CA  1 
ATOM   736  C C   . THR A 1 96  ? 0.402   -10.751 8.852   1.00 39.70  ? 96  THR A C   1 
ATOM   737  O O   . THR A 1 96  ? 1.417   -11.313 8.437   1.00 48.12  ? 96  THR A O   1 
ATOM   738  C CB  . THR A 1 96  ? -0.260  -10.895 11.254  1.00 40.71  ? 96  THR A CB  1 
ATOM   739  O OG1 . THR A 1 96  ? 1.120   -11.095 11.586  1.00 48.64  ? 96  THR A OG1 1 
ATOM   740  C CG2 . THR A 1 96  ? -1.134  -11.602 12.278  1.00 38.37  ? 96  THR A CG2 1 
ATOM   741  N N   . GLY A 1 97  ? 0.048   -9.529  8.484   1.00 41.57  ? 97  GLY A N   1 
ATOM   742  C CA  . GLY A 1 97  ? 0.839   -8.767  7.536   1.00 40.26  ? 97  GLY A CA  1 
ATOM   743  C C   . GLY A 1 97  ? 0.843   -7.296  7.890   1.00 40.91  ? 97  GLY A C   1 
ATOM   744  O O   . GLY A 1 97  ? -0.088  -6.782  8.511   1.00 47.72  ? 97  GLY A O   1 
ATOM   745  N N   . GLU A 1 98  ? 1.913   -6.620  7.484   1.00 44.78  ? 98  GLU A N   1 
ATOM   746  C CA  . GLU A 1 98  ? 2.072   -5.189  7.697   1.00 39.51  ? 98  GLU A CA  1 
ATOM   747  C C   . GLU A 1 98  ? 1.930   -4.471  6.363   1.00 43.80  ? 98  GLU A C   1 
ATOM   748  O O   . GLU A 1 98  ? 2.580   -4.844  5.382   1.00 52.34  ? 98  GLU A O   1 
ATOM   749  C CB  . GLU A 1 98  ? 3.424   -4.877  8.342   1.00 39.41  ? 98  GLU A CB  1 
ATOM   750  C CG  . GLU A 1 98  ? 3.670   -3.400  8.582   1.00 48.60  ? 98  GLU A CG  1 
ATOM   751  C CD  . GLU A 1 98  ? 5.104   -3.104  8.975   1.00 57.41  ? 98  GLU A CD  1 
ATOM   752  O OE1 . GLU A 1 98  ? 6.010   -3.836  8.523   1.00 55.29  ? 98  GLU A OE1 1 
ATOM   753  O OE2 . GLU A 1 98  ? 5.323   -2.144  9.741   1.00 56.38  ? 98  GLU A OE2 1 
ATOM   754  N N   . PHE A 1 99  ? 1.089   -3.442  6.331   1.00 35.37  ? 99  PHE A N   1 
ATOM   755  C CA  . PHE A 1 99  ? 0.643   -2.816  5.093   1.00 34.93  ? 99  PHE A CA  1 
ATOM   756  C C   . PHE A 1 99  ? 1.241   -1.422  4.951   1.00 37.34  ? 99  PHE A C   1 
ATOM   757  O O   . PHE A 1 99  ? 1.252   -0.644  5.910   1.00 49.26  ? 99  PHE A O   1 
ATOM   758  C CB  . PHE A 1 99  ? -0.885  -2.745  5.062   1.00 36.69  ? 99  PHE A CB  1 
ATOM   759  C CG  . PHE A 1 99  ? -1.436  -1.879  3.972   1.00 29.22  ? 99  PHE A CG  1 
ATOM   760  C CD1 . PHE A 1 99  ? -1.487  -2.333  2.668   1.00 35.15  ? 99  PHE A CD1 1 
ATOM   761  C CD2 . PHE A 1 99  ? -1.920  -0.616  4.255   1.00 38.67  ? 99  PHE A CD2 1 
ATOM   762  C CE1 . PHE A 1 99  ? -2.001  -1.539  1.667   1.00 40.83  ? 99  PHE A CE1 1 
ATOM   763  C CE2 . PHE A 1 99  ? -2.433  0.181   3.258   1.00 41.49  ? 99  PHE A CE2 1 
ATOM   764  C CZ  . PHE A 1 99  ? -2.475  -0.282  1.963   1.00 40.82  ? 99  PHE A CZ  1 
ATOM   765  N N   . VAL A 1 100 ? 1.744   -1.115  3.752   1.00 34.28  ? 100 VAL A N   1 
ATOM   766  C CA  . VAL A 1 100 ? 2.198   0.221   3.390   1.00 35.65  ? 100 VAL A CA  1 
ATOM   767  C C   . VAL A 1 100 ? 1.649   0.557   2.011   1.00 34.48  ? 100 VAL A C   1 
ATOM   768  O O   . VAL A 1 100 ? 1.325   -0.326  1.214   1.00 46.15  ? 100 VAL A O   1 
ATOM   769  C CB  . VAL A 1 100 ? 3.738   0.353   3.402   1.00 33.82  ? 100 VAL A CB  1 
ATOM   770  C CG1 . VAL A 1 100 ? 4.288   0.097   4.796   1.00 40.37  ? 100 VAL A CG1 1 
ATOM   771  C CG2 . VAL A 1 100 ? 4.363   -0.594  2.395   1.00 32.61  ? 100 VAL A CG2 1 
ATOM   772  N N   . ILE A 1 101 ? 1.546   1.854   1.733   1.00 38.00  ? 101 ILE A N   1 
ATOM   773  C CA  . ILE A 1 101 ? 0.995   2.326   0.466   1.00 36.64  ? 101 ILE A CA  1 
ATOM   774  C C   . ILE A 1 101 ? 1.504   3.737   0.214   1.00 44.34  ? 101 ILE A C   1 
ATOM   775  O O   . ILE A 1 101 ? 1.680   4.526   1.147   1.00 51.83  ? 101 ILE A O   1 
ATOM   776  C CB  . ILE A 1 101 ? -0.552  2.275   0.472   1.00 39.40  ? 101 ILE A CB  1 
ATOM   777  C CG1 . ILE A 1 101 ? -1.121  2.833   -0.834  1.00 35.60  ? 101 ILE A CG1 1 
ATOM   778  C CG2 . ILE A 1 101 ? -1.105  3.050   1.652   1.00 43.05  ? 101 ILE A CG2 1 
ATOM   779  C CD1 . ILE A 1 101 ? -2.590  2.570   -1.026  1.00 42.94  ? 101 ILE A CD1 1 
ATOM   780  N N   . GLN A 1 102 ? 1.748   4.048   -1.057  1.00 45.61  ? 102 GLN A N   1 
ATOM   781  C CA  . GLN A 1 102 ? 2.035   5.410   -1.479  1.00 45.41  ? 102 GLN A CA  1 
ATOM   782  C C   . GLN A 1 102 ? 1.545   5.591   -2.908  1.00 41.17  ? 102 GLN A C   1 
ATOM   783  O O   . GLN A 1 102 ? 1.565   4.653   -3.708  1.00 53.37  ? 102 GLN A O   1 
ATOM   784  C CB  . GLN A 1 102 ? 3.530   5.738   -1.359  1.00 47.33  ? 102 GLN A CB  1 
ATOM   785  C CG  . GLN A 1 102 ? 4.455   4.906   -2.240  1.00 44.11  ? 102 GLN A CG  1 
ATOM   786  C CD  . GLN A 1 102 ? 4.573   5.448   -3.649  1.00 50.76  ? 102 GLN A CD  1 
ATOM   787  O OE1 . GLN A 1 102 ? 4.456   6.651   -3.876  1.00 57.62  ? 102 GLN A OE1 1 
ATOM   788  N NE2 . GLN A 1 102 ? 4.813   4.559   -4.605  1.00 51.32  ? 102 GLN A NE2 1 
ATOM   789  N N   . LEU A 1 103 ? 1.091   6.800   -3.214  1.00 40.86  ? 103 LEU A N   1 
ATOM   790  C CA  . LEU A 1 103 ? 0.666   7.165   -4.557  1.00 42.56  ? 103 LEU A CA  1 
ATOM   791  C C   . LEU A 1 103 ? 1.535   8.292   -5.098  1.00 47.15  ? 103 LEU A C   1 
ATOM   792  O O   . LEU A 1 103 ? 2.323   8.906   -4.373  1.00 52.99  ? 103 LEU A O   1 
ATOM   793  C CB  . LEU A 1 103 ? -0.806  7.589   -4.588  1.00 44.34  ? 103 LEU A CB  1 
ATOM   794  C CG  . LEU A 1 103 ? -1.847  6.603   -4.065  1.00 47.01  ? 103 LEU A CG  1 
ATOM   795  C CD1 . LEU A 1 103 ? -3.224  7.232   -4.111  1.00 52.20  ? 103 LEU A CD1 1 
ATOM   796  C CD2 . LEU A 1 103 ? -1.820  5.321   -4.874  1.00 49.08  ? 103 LEU A CD2 1 
ATOM   797  N N   . GLY A 1 104 ? 1.385   8.551   -6.392  1.00 52.25  ? 104 GLY A N   1 
ATOM   798  C CA  . GLY A 1 104 ? 2.110   9.630   -7.027  1.00 51.89  ? 104 GLY A CA  1 
ATOM   799  C C   . GLY A 1 104 ? 1.619   10.994  -6.582  1.00 51.97  ? 104 GLY A C   1 
ATOM   800  O O   . GLY A 1 104 ? 0.565   11.149  -5.965  1.00 57.42  ? 104 GLY A O   1 
ATOM   801  N N   . ALA A 1 105 ? 2.420   12.010  -6.910  1.00 55.04  ? 105 ALA A N   1 
ATOM   802  C CA  . ALA A 1 105 ? 2.107   13.370  -6.483  1.00 56.67  ? 105 ALA A CA  1 
ATOM   803  C C   . ALA A 1 105 ? 0.806   13.865  -7.101  1.00 57.08  ? 105 ALA A C   1 
ATOM   804  O O   . ALA A 1 105 ? -0.003  14.512  -6.426  1.00 60.69  ? 105 ALA A O   1 
ATOM   805  C CB  . ALA A 1 105 ? 3.261   14.308  -6.836  1.00 56.12  ? 105 ALA A CB  1 
ATOM   806  N N   . GLY A 1 106 ? 0.586   13.577  -8.378  1.00 49.55  ? 106 GLY A N   1 
ATOM   807  C CA  . GLY A 1 106 ? -0.585  14.048  -9.084  1.00 51.67  ? 106 GLY A CA  1 
ATOM   808  C C   . GLY A 1 106 ? -1.800  13.153  -9.010  1.00 54.71  ? 106 GLY A C   1 
ATOM   809  O O   . GLY A 1 106 ? -2.801  13.434  -9.678  1.00 56.26  ? 106 GLY A O   1 
ATOM   810  N N   . HIS A 1 107 ? -1.752  12.080  -8.224  1.00 57.40  ? 107 HIS A N   1 
ATOM   811  C CA  . HIS A 1 107 ? -2.840  11.117  -8.153  1.00 52.33  ? 107 HIS A CA  1 
ATOM   812  C C   . HIS A 1 107 ? -3.516  11.072  -6.791  1.00 54.69  ? 107 HIS A C   1 
ATOM   813  O O   . HIS A 1 107 ? -4.373  10.212  -6.569  1.00 60.49  ? 107 HIS A O   1 
ATOM   814  C CB  . HIS A 1 107 ? -2.321  9.724   -8.523  1.00 52.43  ? 107 HIS A CB  1 
ATOM   815  C CG  . HIS A 1 107 ? -1.599  9.682   -9.834  1.00 54.56  ? 107 HIS A CG  1 
ATOM   816  N ND1 . HIS A 1 107 ? -2.229  9.916   -11.037 1.00 54.49  ? 107 HIS A ND1 1 
ATOM   817  C CD2 . HIS A 1 107 ? -0.298  9.454   -10.129 1.00 54.58  ? 107 HIS A CD2 1 
ATOM   818  C CE1 . HIS A 1 107 ? -1.350  9.818   -12.018 1.00 54.62  ? 107 HIS A CE1 1 
ATOM   819  N NE2 . HIS A 1 107 ? -0.170  9.541   -11.493 1.00 53.66  ? 107 HIS A NE2 1 
ATOM   820  N N   . ARG A 1 108 ? -3.163  11.972  -5.880  1.00 52.55  ? 108 ARG A N   1 
ATOM   821  C CA  . ARG A 1 108 ? -3.729  11.982  -4.541  1.00 51.35  ? 108 ARG A CA  1 
ATOM   822  C C   . ARG A 1 108 ? -4.968  12.866  -4.494  1.00 52.75  ? 108 ARG A C   1 
ATOM   823  O O   . ARG A 1 108 ? -5.120  13.800  -5.285  1.00 56.99  ? 108 ARG A O   1 
ATOM   824  C CB  . ARG A 1 108 ? -2.695  12.475  -3.532  1.00 52.33  ? 108 ARG A CB  1 
ATOM   825  C CG  . ARG A 1 108 ? -1.438  11.633  -3.489  1.00 52.28  ? 108 ARG A CG  1 
ATOM   826  C CD  . ARG A 1 108 ? -0.302  12.390  -2.835  1.00 52.93  ? 108 ARG A CD  1 
ATOM   827  N NE  . ARG A 1 108 ? 0.984   11.747  -3.074  1.00 53.26  ? 108 ARG A NE  1 
ATOM   828  C CZ  . ARG A 1 108 ? 2.157   12.352  -2.953  1.00 55.22  ? 108 ARG A CZ  1 
ATOM   829  N NH1 . ARG A 1 108 ? 2.245   13.622  -2.596  1.00 57.56  ? 108 ARG A NH1 1 
ATOM   830  N NH2 . ARG A 1 108 ? 3.268   11.665  -3.198  1.00 54.28  ? 108 ARG A NH2 1 
ATOM   831  N N   . GLY A 1 109 ? -5.861  12.553  -3.559  1.00 57.12  ? 109 GLY A N   1 
ATOM   832  C CA  . GLY A 1 109 ? -7.082  13.309  -3.392  1.00 58.08  ? 109 GLY A CA  1 
ATOM   833  C C   . GLY A 1 109 ? -8.201  12.934  -4.335  1.00 58.76  ? 109 GLY A C   1 
ATOM   834  O O   . GLY A 1 109 ? -9.286  13.521  -4.247  1.00 60.65  ? 109 GLY A O   1 
ATOM   835  N N   . ARG A 1 110 ? -7.972  11.988  -5.241  1.00 65.11  ? 110 ARG A N   1 
ATOM   836  C CA  . ARG A 1 110 ? -8.994  11.512  -6.160  1.00 63.14  ? 110 ARG A CA  1 
ATOM   837  C C   . ARG A 1 110 ? -9.660  10.230  -5.682  1.00 63.24  ? 110 ARG A C   1 
ATOM   838  O O   . ARG A 1 110 ? -10.509 9.685   -6.394  1.00 63.48  ? 110 ARG A O   1 
ATOM   839  C CB  . ARG A 1 110 ? -8.387  11.303  -7.550  1.00 63.23  ? 110 ARG A CB  1 
ATOM   840  C CG  . ARG A 1 110 ? -8.054  12.604  -8.262  1.00 63.21  ? 110 ARG A CG  1 
ATOM   841  C CD  . ARG A 1 110 ? -6.989  12.405  -9.323  1.00 62.56  ? 110 ARG A CD  1 
ATOM   842  N NE  . ARG A 1 110 ? -7.380  11.402  -10.305 1.00 65.95  ? 110 ARG A NE  1 
ATOM   843  C CZ  . ARG A 1 110 ? -6.549  10.843  -11.173 1.00 66.47  ? 110 ARG A CZ  1 
ATOM   844  N NH1 . ARG A 1 110 ? -5.265  11.158  -11.203 1.00 64.34  ? 110 ARG A NH1 1 
ATOM   845  N NH2 . ARG A 1 110 ? -7.019  9.946   -12.035 1.00 64.37  ? 110 ARG A NH2 1 
ATOM   846  N N   . GLY A 1 111 ? -9.297  9.737   -4.498  1.00 61.43  ? 111 GLY A N   1 
ATOM   847  C CA  . GLY A 1 111 ? -9.896  8.550   -3.936  1.00 55.99  ? 111 GLY A CA  1 
ATOM   848  C C   . GLY A 1 111 ? -9.157  7.257   -4.208  1.00 52.60  ? 111 GLY A C   1 
ATOM   849  O O   . GLY A 1 111 ? -9.451  6.255   -3.549  1.00 54.07  ? 111 GLY A O   1 
ATOM   850  N N   . LEU A 1 112 ? -8.179  7.259   -5.119  1.00 53.61  ? 112 LEU A N   1 
ATOM   851  C CA  . LEU A 1 112 ? -7.557  6.013   -5.561  1.00 51.89  ? 112 LEU A CA  1 
ATOM   852  C C   . LEU A 1 112 ? -6.924  5.243   -4.408  1.00 53.34  ? 112 LEU A C   1 
ATOM   853  O O   . LEU A 1 112 ? -6.880  4.007   -4.440  1.00 59.69  ? 112 LEU A O   1 
ATOM   854  C CB  . LEU A 1 112 ? -6.506  6.305   -6.631  1.00 53.25  ? 112 LEU A CB  1 
ATOM   855  C CG  . LEU A 1 112 ? -7.009  6.887   -7.951  1.00 53.24  ? 112 LEU A CG  1 
ATOM   856  C CD1 . LEU A 1 112 ? -5.842  7.342   -8.805  1.00 56.09  ? 112 LEU A CD1 1 
ATOM   857  C CD2 . LEU A 1 112 ? -7.858  5.874   -8.695  1.00 53.18  ? 112 LEU A CD2 1 
ATOM   858  N N   . GLY A 1 113 ? -6.431  5.947   -3.388  1.00 51.14  ? 113 GLY A N   1 
ATOM   859  C CA  . GLY A 1 113 ? -5.807  5.266   -2.267  1.00 47.77  ? 113 GLY A CA  1 
ATOM   860  C C   . GLY A 1 113 ? -6.775  4.394   -1.493  1.00 47.56  ? 113 GLY A C   1 
ATOM   861  O O   . GLY A 1 113 ? -6.411  3.307   -1.035  1.00 52.56  ? 113 GLY A O   1 
ATOM   862  N N   . THR A 1 114 ? -8.020  4.848   -1.345  1.00 47.68  ? 114 THR A N   1 
ATOM   863  C CA  . THR A 1 114 ? -9.007  4.079   -0.589  1.00 46.52  ? 114 THR A CA  1 
ATOM   864  C C   . THR A 1 114 ? -9.291  2.736   -1.254  1.00 48.71  ? 114 THR A C   1 
ATOM   865  O O   . THR A 1 114 ? -9.211  1.685   -0.607  1.00 57.68  ? 114 THR A O   1 
ATOM   866  C CB  . THR A 1 114 ? -10.295 4.887   -0.431  1.00 48.77  ? 114 THR A CB  1 
ATOM   867  O OG1 . THR A 1 114 ? -10.010 6.109   0.257   1.00 53.78  ? 114 THR A OG1 1 
ATOM   868  C CG2 . THR A 1 114 ? -11.317 4.097   0.365   1.00 49.84  ? 114 THR A CG2 1 
ATOM   869  N N   . GLU A 1 115 ? -9.619  2.746   -2.550  1.00 49.07  ? 115 GLU A N   1 
ATOM   870  C CA  . GLU A 1 115 ? -9.875  1.480   -3.231  1.00 54.91  ? 115 GLU A CA  1 
ATOM   871  C C   . GLU A 1 115 ? -8.607  0.657   -3.407  1.00 55.58  ? 115 GLU A C   1 
ATOM   872  O O   . GLU A 1 115 ? -8.680  -0.575  -3.421  1.00 63.40  ? 115 GLU A O   1 
ATOM   873  C CB  . GLU A 1 115 ? -10.557 1.699   -4.584  1.00 55.85  ? 115 GLU A CB  1 
ATOM   874  C CG  . GLU A 1 115 ? -11.985 2.221   -4.501  1.00 62.67  ? 115 GLU A CG  1 
ATOM   875  C CD  . GLU A 1 115 ? -12.065 3.717   -4.328  1.00 66.29  ? 115 GLU A CD  1 
ATOM   876  O OE1 . GLU A 1 115 ? -11.003 4.362   -4.341  1.00 66.63  ? 115 GLU A OE1 1 
ATOM   877  O OE2 . GLU A 1 115 ? -13.185 4.246   -4.179  1.00 63.53  ? 115 GLU A OE2 1 
ATOM   878  N N   . ALA A 1 116 ? -7.441  1.294   -3.531  1.00 42.23  ? 116 ALA A N   1 
ATOM   879  C CA  . ALA A 1 116 ? -6.205  0.520   -3.580  1.00 42.39  ? 116 ALA A CA  1 
ATOM   880  C C   . ALA A 1 116 ? -5.991  -0.251  -2.283  1.00 45.36  ? 116 ALA A C   1 
ATOM   881  O O   . ALA A 1 116 ? -5.674  -1.448  -2.306  1.00 47.72  ? 116 ALA A O   1 
ATOM   882  C CB  . ALA A 1 116 ? -5.019  1.439   -3.865  1.00 44.62  ? 116 ALA A CB  1 
ATOM   883  N N   . THR A 1 117 ? -6.193  0.410   -1.141  1.00 45.74  ? 117 THR A N   1 
ATOM   884  C CA  . THR A 1 117 ? -6.061  -0.268  0.143   1.00 37.29  ? 117 THR A CA  1 
ATOM   885  C C   . THR A 1 117 ? -7.132  -1.339  0.312   1.00 43.12  ? 117 THR A C   1 
ATOM   886  O O   . THR A 1 117 ? -6.855  -2.423  0.837   1.00 49.73  ? 117 THR A O   1 
ATOM   887  C CB  . THR A 1 117 ? -6.132  0.748   1.281   1.00 37.05  ? 117 THR A CB  1 
ATOM   888  O OG1 . THR A 1 117 ? -5.084  1.712   1.127   1.00 48.66  ? 117 THR A OG1 1 
ATOM   889  C CG2 . THR A 1 117 ? -5.961  0.056   2.620   1.00 43.47  ? 117 THR A CG2 1 
ATOM   890  N N   . ARG A 1 118 ? -8.360  -1.054  -0.128  1.00 47.12  ? 118 ARG A N   1 
ATOM   891  C CA  . ARG A 1 118 ? -9.434  -2.036  -0.016  1.00 43.91  ? 118 ARG A CA  1 
ATOM   892  C C   . ARG A 1 118 ? -9.142  -3.278  -0.851  1.00 44.37  ? 118 ARG A C   1 
ATOM   893  O O   . ARG A 1 118 ? -9.368  -4.405  -0.399  1.00 55.79  ? 118 ARG A O   1 
ATOM   894  C CB  . ARG A 1 118 ? -10.762 -1.403  -0.429  1.00 45.32  ? 118 ARG A CB  1 
ATOM   895  C CG  . ARG A 1 118 ? -11.980 -2.260  -0.143  1.00 45.96  ? 118 ARG A CG  1 
ATOM   896  C CD  . ARG A 1 118 ? -13.255 -1.563  -0.584  1.00 47.00  ? 118 ARG A CD  1 
ATOM   897  N NE  . ARG A 1 118 ? -13.350 -1.473  -2.036  1.00 52.67  ? 118 ARG A NE  1 
ATOM   898  C CZ  . ARG A 1 118 ? -13.836 -2.429  -2.815  1.00 56.53  ? 118 ARG A CZ  1 
ATOM   899  N NH1 . ARG A 1 118 ? -14.278 -3.571  -2.315  1.00 55.15  ? 118 ARG A NH1 1 
ATOM   900  N NH2 . ARG A 1 118 ? -13.876 -2.236  -4.131  1.00 54.06  ? 118 ARG A NH2 1 
ATOM   901  N N   . LEU A 1 119 ? -8.636  -3.093  -2.072  1.00 38.09  ? 119 LEU A N   1 
ATOM   902  C CA  . LEU A 1 119 ? -8.300  -4.231  -2.920  1.00 38.23  ? 119 LEU A CA  1 
ATOM   903  C C   . LEU A 1 119 ? -7.118  -5.010  -2.360  1.00 41.26  ? 119 LEU A C   1 
ATOM   904  O O   . LEU A 1 119 ? -7.084  -6.243  -2.447  1.00 51.05  ? 119 LEU A O   1 
ATOM   905  C CB  . LEU A 1 119 ? -8.007  -3.756  -4.340  1.00 38.94  ? 119 LEU A CB  1 
ATOM   906  C CG  . LEU A 1 119 ? -9.212  -3.277  -5.150  1.00 40.11  ? 119 LEU A CG  1 
ATOM   907  C CD1 . LEU A 1 119 ? -8.751  -2.528  -6.383  1.00 45.21  ? 119 LEU A CD1 1 
ATOM   908  C CD2 . LEU A 1 119 ? -10.107 -4.443  -5.529  1.00 47.22  ? 119 LEU A CD2 1 
ATOM   909  N N   . THR A 1 120 ? -6.134  -4.311  -1.789  1.00 38.08  ? 120 THR A N   1 
ATOM   910  C CA  . THR A 1 120 ? -5.021  -5.009  -1.153  1.00 35.35  ? 120 THR A CA  1 
ATOM   911  C C   . THR A 1 120 ? -5.502  -5.835  0.034   1.00 37.30  ? 120 THR A C   1 
ATOM   912  O O   . THR A 1 120 ? -5.058  -6.971  0.231   1.00 45.59  ? 120 THR A O   1 
ATOM   913  C CB  . THR A 1 120 ? -3.950  -4.010  -0.723  1.00 36.81  ? 120 THR A CB  1 
ATOM   914  O OG1 . THR A 1 120 ? -3.488  -3.285  -1.867  1.00 49.07  ? 120 THR A OG1 1 
ATOM   915  C CG2 . THR A 1 120 ? -2.773  -4.732  -0.095  1.00 40.18  ? 120 THR A CG2 1 
ATOM   916  N N   . LEU A 1 121 ? -6.419  -5.283  0.833   1.00 36.63  ? 121 LEU A N   1 
ATOM   917  C CA  . LEU A 1 121 ? -6.993  -6.043  1.938   1.00 32.17  ? 121 LEU A CA  1 
ATOM   918  C C   . LEU A 1 121 ? -7.785  -7.241  1.430   1.00 42.34  ? 121 LEU A C   1 
ATOM   919  O O   . LEU A 1 121 ? -7.743  -8.319  2.030   1.00 53.38  ? 121 LEU A O   1 
ATOM   920  C CB  . LEU A 1 121 ? -7.881  -5.146  2.799   1.00 32.23  ? 121 LEU A CB  1 
ATOM   921  C CG  . LEU A 1 121 ? -7.183  -4.089  3.652   1.00 34.82  ? 121 LEU A CG  1 
ATOM   922  C CD1 . LEU A 1 121 ? -8.207  -3.183  4.308   1.00 41.12  ? 121 LEU A CD1 1 
ATOM   923  C CD2 . LEU A 1 121 ? -6.298  -4.747  4.691   1.00 35.31  ? 121 LEU A CD2 1 
ATOM   924  N N   . ASP A 1 122 ? -8.526  -7.063  0.336   1.00 39.81  ? 122 ASP A N   1 
ATOM   925  C CA  . ASP A 1 122 ? -9.265  -8.174  -0.256  1.00 35.32  ? 122 ASP A CA  1 
ATOM   926  C C   . ASP A 1 122 ? -8.322  -9.292  -0.680  1.00 36.33  ? 122 ASP A C   1 
ATOM   927  O O   . ASP A 1 122 ? -8.570  -10.472 -0.401  1.00 50.86  ? 122 ASP A O   1 
ATOM   928  C CB  . ASP A 1 122 ? -10.079 -7.672  -1.450  1.00 37.67  ? 122 ASP A CB  1 
ATOM   929  C CG  . ASP A 1 122 ? -11.033 -8.716  -1.986  1.00 49.81  ? 122 ASP A CG  1 
ATOM   930  O OD1 . ASP A 1 122 ? -11.355 -9.666  -1.247  1.00 57.11  ? 122 ASP A OD1 1 
ATOM   931  O OD2 . ASP A 1 122 ? -11.462 -8.584  -3.150  1.00 54.41  ? 122 ASP A OD2 1 
ATOM   932  N N   . TYR A 1 123 ? -7.228  -8.934  -1.353  1.00 29.29  ? 123 TYR A N   1 
ATOM   933  C CA  . TYR A 1 123 ? -6.248  -9.931  -1.769  1.00 30.11  ? 123 TYR A CA  1 
ATOM   934  C C   . TYR A 1 123 ? -5.619  -10.623 -0.565  1.00 35.64  ? 123 TYR A C   1 
ATOM   935  O O   . TYR A 1 123 ? -5.446  -11.847 -0.566  1.00 44.77  ? 123 TYR A O   1 
ATOM   936  C CB  . TYR A 1 123 ? -5.172  -9.274  -2.630  1.00 36.59  ? 123 TYR A CB  1 
ATOM   937  C CG  . TYR A 1 123 ? -4.366  -10.240 -3.467  1.00 33.06  ? 123 TYR A CG  1 
ATOM   938  C CD1 . TYR A 1 123 ? -3.288  -10.926 -2.927  1.00 36.52  ? 123 TYR A CD1 1 
ATOM   939  C CD2 . TYR A 1 123 ? -4.674  -10.451 -4.803  1.00 33.15  ? 123 TYR A CD2 1 
ATOM   940  C CE1 . TYR A 1 123 ? -2.549  -11.803 -3.689  1.00 34.38  ? 123 TYR A CE1 1 
ATOM   941  C CE2 . TYR A 1 123 ? -3.938  -11.326 -5.574  1.00 34.52  ? 123 TYR A CE2 1 
ATOM   942  C CZ  . TYR A 1 123 ? -2.877  -12.000 -5.012  1.00 35.09  ? 123 TYR A CZ  1 
ATOM   943  O OH  . TYR A 1 123 ? -2.139  -12.873 -5.774  1.00 44.53  ? 123 TYR A OH  1 
ATOM   944  N N   . ALA A 1 124 ? -5.271  -9.858  0.470   1.00 31.83  ? 124 ALA A N   1 
ATOM   945  C CA  . ALA A 1 124 ? -4.620  -10.443 1.638   1.00 24.42  ? 124 ALA A CA  1 
ATOM   946  C C   . ALA A 1 124 ? -5.563  -11.358 2.407   1.00 29.12  ? 124 ALA A C   1 
ATOM   947  O O   . ALA A 1 124 ? -5.133  -12.376 2.962   1.00 42.44  ? 124 ALA A O   1 
ATOM   948  C CB  . ALA A 1 124 ? -4.084  -9.339  2.546   1.00 36.22  ? 124 ALA A CB  1 
ATOM   949  N N   . PHE A 1 125 ? -6.850  -11.012 2.462   1.00 28.89  ? 125 PHE A N   1 
ATOM   950  C CA  . PHE A 1 125 ? -7.800  -11.797 3.238   1.00 24.93  ? 125 PHE A CA  1 
ATOM   951  C C   . PHE A 1 125 ? -8.259  -13.042 2.490   1.00 38.21  ? 125 PHE A C   1 
ATOM   952  O O   . PHE A 1 125 ? -8.364  -14.120 3.083   1.00 46.66  ? 125 PHE A O   1 
ATOM   953  C CB  . PHE A 1 125 ? -9.006  -10.938 3.616   1.00 31.39  ? 125 PHE A CB  1 
ATOM   954  C CG  . PHE A 1 125 ? -8.705  -9.886  4.642   1.00 32.50  ? 125 PHE A CG  1 
ATOM   955  C CD1 . PHE A 1 125 ? -7.679  -10.061 5.552   1.00 37.20  ? 125 PHE A CD1 1 
ATOM   956  C CD2 . PHE A 1 125 ? -9.449  -8.721  4.696   1.00 35.55  ? 125 PHE A CD2 1 
ATOM   957  C CE1 . PHE A 1 125 ? -7.401  -9.095  6.496   1.00 37.92  ? 125 PHE A CE1 1 
ATOM   958  C CE2 . PHE A 1 125 ? -9.174  -7.753  5.638   1.00 37.91  ? 125 PHE A CE2 1 
ATOM   959  C CZ  . PHE A 1 125 ? -8.149  -7.939  6.538   1.00 36.13  ? 125 PHE A CZ  1 
ATOM   960  N N   . HIS A 1 126 ? -8.537  -12.920 1.191   1.00 37.18  ? 126 HIS A N   1 
ATOM   961  C CA  . HIS A 1 126 ? -9.191  -13.987 0.449   1.00 31.90  ? 126 HIS A CA  1 
ATOM   962  C C   . HIS A 1 126 ? -8.250  -14.795 -0.434  1.00 34.61  ? 126 HIS A C   1 
ATOM   963  O O   . HIS A 1 126 ? -8.665  -15.831 -0.961  1.00 44.76  ? 126 HIS A O   1 
ATOM   964  C CB  . HIS A 1 126 ? -10.325 -13.407 -0.402  1.00 33.39  ? 126 HIS A CB  1 
ATOM   965  C CG  . HIS A 1 126 ? -11.379 -12.711 0.400   1.00 36.75  ? 126 HIS A CG  1 
ATOM   966  N ND1 . HIS A 1 126 ? -11.520 -11.340 0.415   1.00 39.91  ? 126 HIS A ND1 1 
ATOM   967  C CD2 . HIS A 1 126 ? -12.336 -13.195 1.224   1.00 39.56  ? 126 HIS A CD2 1 
ATOM   968  C CE1 . HIS A 1 126 ? -12.523 -11.012 1.209   1.00 39.24  ? 126 HIS A CE1 1 
ATOM   969  N NE2 . HIS A 1 126 ? -13.035 -12.120 1.713   1.00 37.24  ? 126 HIS A NE2 1 
ATOM   970  N N   . VAL A 1 127 ? -7.008  -14.360 -0.612  1.00 26.07  ? 127 VAL A N   1 
ATOM   971  C CA  . VAL A 1 127 ? -6.006  -15.113 -1.358  1.00 24.20  ? 127 VAL A CA  1 
ATOM   972  C C   . VAL A 1 127 ? -4.860  -15.551 -0.455  1.00 29.43  ? 127 VAL A C   1 
ATOM   973  O O   . VAL A 1 127 ? -4.466  -16.717 -0.459  1.00 45.20  ? 127 VAL A O   1 
ATOM   974  C CB  . VAL A 1 127 ? -5.484  -14.302 -2.564  1.00 28.90  ? 127 VAL A CB  1 
ATOM   975  C CG1 . VAL A 1 127 ? -4.397  -15.071 -3.290  1.00 33.30  ? 127 VAL A CG1 1 
ATOM   976  C CG2 . VAL A 1 127 ? -6.622  -13.966 -3.509  1.00 29.46  ? 127 VAL A CG2 1 
ATOM   977  N N   . SER A 1 128 ? -4.314  -14.624 0.330   1.00 36.86  ? 128 SER A N   1 
ATOM   978  C CA  . SER A 1 128 ? -3.234  -14.944 1.252   1.00 30.82  ? 128 SER A CA  1 
ATOM   979  C C   . SER A 1 128 ? -3.725  -15.559 2.554   1.00 30.48  ? 128 SER A C   1 
ATOM   980  O O   . SER A 1 128 ? -2.905  -16.086 3.314   1.00 39.33  ? 128 SER A O   1 
ATOM   981  C CB  . SER A 1 128 ? -2.417  -13.688 1.555   1.00 35.60  ? 128 SER A CB  1 
ATOM   982  O OG  . SER A 1 128 ? -1.786  -13.200 0.385   1.00 39.45  ? 128 SER A OG  1 
ATOM   983  N N   . ALA A 1 129 ? -5.029  -15.505 2.822   1.00 31.08  ? 129 ALA A N   1 
ATOM   984  C CA  . ALA A 1 129 ? -5.625  -16.070 4.032   1.00 30.40  ? 129 ALA A CA  1 
ATOM   985  C C   . ALA A 1 129 ? -4.972  -15.507 5.293   1.00 34.83  ? 129 ALA A C   1 
ATOM   986  O O   . ALA A 1 129 ? -4.605  -16.237 6.216   1.00 46.40  ? 129 ALA A O   1 
ATOM   987  C CB  . ALA A 1 129 ? -5.555  -17.599 4.014   1.00 36.89  ? 129 ALA A CB  1 
ATOM   988  N N   . LEU A 1 130 ? -4.829  -14.185 5.327   1.00 33.39  ? 130 LEU A N   1 
ATOM   989  C CA  . LEU A 1 130 ? -4.297  -13.499 6.494   1.00 27.98  ? 130 LEU A CA  1 
ATOM   990  C C   . LEU A 1 130 ? -5.419  -13.190 7.475   1.00 32.40  ? 130 LEU A C   1 
ATOM   991  O O   . LEU A 1 130 ? -6.522  -12.806 7.076   1.00 42.15  ? 130 LEU A O   1 
ATOM   992  C CB  . LEU A 1 130 ? -3.586  -12.207 6.089   1.00 29.70  ? 130 LEU A CB  1 
ATOM   993  C CG  . LEU A 1 130 ? -2.412  -12.356 5.125   1.00 30.56  ? 130 LEU A CG  1 
ATOM   994  C CD1 . LEU A 1 130 ? -1.687  -11.037 4.959   1.00 33.81  ? 130 LEU A CD1 1 
ATOM   995  C CD2 . LEU A 1 130 ? -1.461  -13.427 5.617   1.00 36.67  ? 130 LEU A CD2 1 
ATOM   996  N N   . ALA A 1 131 ? -5.131  -13.365 8.763   1.00 28.36  ? 131 ALA A N   1 
ATOM   997  C CA  . ALA A 1 131 ? -6.117  -13.116 9.804   1.00 28.16  ? 131 ALA A CA  1 
ATOM   998  C C   . ALA A 1 131 ? -6.133  -11.672 10.280  1.00 35.15  ? 131 ALA A C   1 
ATOM   999  O O   . ALA A 1 131 ? -7.142  -11.233 10.841  1.00 42.37  ? 131 ALA A O   1 
ATOM   1000 C CB  . ALA A 1 131 ? -5.866  -14.038 11.000  1.00 33.18  ? 131 ALA A CB  1 
ATOM   1001 N N   . CYS A 1 132 ? -5.050  -10.927 10.072  1.00 36.99  ? 132 CYS A N   1 
ATOM   1002 C CA  . CYS A 1 132 ? -4.974  -9.547  10.533  1.00 34.57  ? 132 CYS A CA  1 
ATOM   1003 C C   . CYS A 1 132 ? -3.946  -8.801  9.701   1.00 39.13  ? 132 CYS A C   1 
ATOM   1004 O O   . CYS A 1 132 ? -2.835  -9.296  9.499   1.00 46.89  ? 132 CYS A O   1 
ATOM   1005 C CB  . CYS A 1 132 ? -4.603  -9.483  12.018  1.00 36.39  ? 132 CYS A CB  1 
ATOM   1006 S SG  . CYS A 1 132 ? -4.544  -7.815  12.703  1.00 50.93  ? 132 CYS A SG  1 
ATOM   1007 N N   . VAL A 1 133 ? -4.316  -7.617  9.225   1.00 37.97  ? 133 VAL A N   1 
ATOM   1008 C CA  . VAL A 1 133 ? -3.404  -6.720  8.528   1.00 30.93  ? 133 VAL A CA  1 
ATOM   1009 C C   . VAL A 1 133 ? -3.323  -5.431  9.330   1.00 36.75  ? 133 VAL A C   1 
ATOM   1010 O O   . VAL A 1 133 ? -4.353  -4.828  9.648   1.00 47.82  ? 133 VAL A O   1 
ATOM   1011 C CB  . VAL A 1 133 ? -3.863  -6.443  7.086   1.00 35.15  ? 133 VAL A CB  1 
ATOM   1012 C CG1 . VAL A 1 133 ? -2.919  -5.468  6.411   1.00 39.71  ? 133 VAL A CG1 1 
ATOM   1013 C CG2 . VAL A 1 133 ? -3.943  -7.736  6.299   1.00 38.28  ? 133 VAL A CG2 1 
ATOM   1014 N N   . HIS A 1 134 ? -2.104  -5.008  9.651   1.00 40.20  ? 134 HIS A N   1 
ATOM   1015 C CA  . HIS A 1 134 ? -1.888  -3.855  10.510  1.00 31.01  ? 134 HIS A CA  1 
ATOM   1016 C C   . HIS A 1 134 ? -0.894  -2.904  9.863   1.00 38.90  ? 134 HIS A C   1 
ATOM   1017 O O   . HIS A 1 134 ? -0.160  -3.266  8.941   1.00 44.94  ? 134 HIS A O   1 
ATOM   1018 C CB  . HIS A 1 134 ? -1.386  -4.271  11.898  1.00 32.25  ? 134 HIS A CB  1 
ATOM   1019 C CG  . HIS A 1 134 ? -0.087  -5.012  11.874  1.00 33.59  ? 134 HIS A CG  1 
ATOM   1020 N ND1 . HIS A 1 134 ? 1.133   -4.373  11.930  1.00 36.10  ? 134 HIS A ND1 1 
ATOM   1021 C CD2 . HIS A 1 134 ? 0.184   -6.336  11.806  1.00 38.21  ? 134 HIS A CD2 1 
ATOM   1022 C CE1 . HIS A 1 134 ? 2.099   -5.273  11.892  1.00 39.02  ? 134 HIS A CE1 1 
ATOM   1023 N NE2 . HIS A 1 134 ? 1.551   -6.471  11.817  1.00 41.56  ? 134 HIS A NE2 1 
ATOM   1024 N N   . LEU A 1 135 ? -0.888  -1.667  10.356  1.00 39.74  ? 135 LEU A N   1 
ATOM   1025 C CA  . LEU A 1 135 ? 0.012   -0.643  9.850   1.00 32.35  ? 135 LEU A CA  1 
ATOM   1026 C C   . LEU A 1 135 ? 0.321   0.342   10.966  1.00 32.56  ? 135 LEU A C   1 
ATOM   1027 O O   . LEU A 1 135 ? -0.388  0.417   11.972  1.00 38.39  ? 135 LEU A O   1 
ATOM   1028 C CB  . LEU A 1 135 ? -0.583  0.076   8.629   1.00 34.65  ? 135 LEU A CB  1 
ATOM   1029 C CG  . LEU A 1 135 ? -1.914  0.828   8.744   1.00 31.39  ? 135 LEU A CG  1 
ATOM   1030 C CD1 . LEU A 1 135 ? -1.765  2.224   9.334   1.00 33.00  ? 135 LEU A CD1 1 
ATOM   1031 C CD2 . LEU A 1 135 ? -2.582  0.904   7.386   1.00 41.48  ? 135 LEU A CD2 1 
ATOM   1032 N N   . ALA A 1 136 ? 1.399   1.097   10.775  1.00 42.25  ? 136 ALA A N   1 
ATOM   1033 C CA  . ALA A 1 136 ? 1.769   2.191   11.660  1.00 40.60  ? 136 ALA A CA  1 
ATOM   1034 C C   . ALA A 1 136 ? 1.899   3.460   10.833  1.00 37.38  ? 136 ALA A C   1 
ATOM   1035 O O   . ALA A 1 136 ? 2.654   3.493   9.858   1.00 44.82  ? 136 ALA A O   1 
ATOM   1036 C CB  . ALA A 1 136 ? 3.075   1.894   12.397  1.00 42.49  ? 136 ALA A CB  1 
ATOM   1037 N N   . VAL A 1 137 ? 1.167   4.498   11.224  1.00 33.92  ? 137 VAL A N   1 
ATOM   1038 C CA  . VAL A 1 137 ? 1.113   5.748   10.476  1.00 34.24  ? 137 VAL A CA  1 
ATOM   1039 C C   . VAL A 1 137 ? 1.208   6.911   11.455  1.00 41.47  ? 137 VAL A C   1 
ATOM   1040 O O   . VAL A 1 137 ? 0.643   6.863   12.551  1.00 52.92  ? 137 VAL A O   1 
ATOM   1041 C CB  . VAL A 1 137 ? -0.163  5.831   9.612   1.00 35.93  ? 137 VAL A CB  1 
ATOM   1042 C CG1 . VAL A 1 137 ? -1.398  5.851   10.482  1.00 37.75  ? 137 VAL A CG1 1 
ATOM   1043 C CG2 . VAL A 1 137 ? -0.126  7.056   8.719   1.00 43.60  ? 137 VAL A CG2 1 
ATOM   1044 N N   . LEU A 1 138 ? 1.954   7.942   11.065  1.00 39.22  ? 138 LEU A N   1 
ATOM   1045 C CA  . LEU A 1 138 ? 2.132   9.108   11.919  1.00 37.21  ? 138 LEU A CA  1 
ATOM   1046 C C   . LEU A 1 138 ? 0.802   9.809   12.162  1.00 39.77  ? 138 LEU A C   1 
ATOM   1047 O O   . LEU A 1 138 ? -0.043  9.904   11.267  1.00 51.39  ? 138 LEU A O   1 
ATOM   1048 C CB  . LEU A 1 138 ? 3.134   10.076  11.288  1.00 41.96  ? 138 LEU A CB  1 
ATOM   1049 C CG  . LEU A 1 138 ? 4.565   9.552   11.152  1.00 37.78  ? 138 LEU A CG  1 
ATOM   1050 C CD1 . LEU A 1 138 ? 5.416   10.517  10.352  1.00 45.03  ? 138 LEU A CD1 1 
ATOM   1051 C CD2 . LEU A 1 138 ? 5.179   9.307   12.518  1.00 39.33  ? 138 LEU A CD2 1 
ATOM   1052 N N   . THR A 1 139 ? 0.617   10.289  13.391  1.00 34.68  ? 139 THR A N   1 
ATOM   1053 C CA  . THR A 1 139 ? -0.654  10.899  13.771  1.00 37.22  ? 139 THR A CA  1 
ATOM   1054 C C   . THR A 1 139 ? -1.035  12.116  12.932  1.00 39.99  ? 139 THR A C   1 
ATOM   1055 O O   . THR A 1 139 ? -2.206  12.193  12.515  1.00 48.19  ? 139 THR A O   1 
ATOM   1056 C CB  . THR A 1 139 ? -0.624  11.257  15.264  1.00 41.14  ? 139 THR A CB  1 
ATOM   1057 O OG1 . THR A 1 139 ? -0.493  10.061  16.040  1.00 43.53  ? 139 THR A OG1 1 
ATOM   1058 C CG2 . THR A 1 139 ? -1.900  11.974  15.670  1.00 38.60  ? 139 THR A CG2 1 
ATOM   1059 N N   . PRO A 1 140 ? -0.152  13.080  12.646  1.00 37.77  ? 140 PRO A N   1 
ATOM   1060 C CA  . PRO A 1 140 ? -0.583  14.246  11.854  1.00 37.28  ? 140 PRO A CA  1 
ATOM   1061 C C   . PRO A 1 140 ? -1.036  13.906  10.444  1.00 42.62  ? 140 PRO A C   1 
ATOM   1062 O O   . PRO A 1 140 ? -1.717  14.725  9.818   1.00 47.62  ? 140 PRO A O   1 
ATOM   1063 C CB  . PRO A 1 140 ? 0.663   15.139  11.840  1.00 40.87  ? 140 PRO A CB  1 
ATOM   1064 C CG  . PRO A 1 140 ? 1.410   14.745  13.057  1.00 41.14  ? 140 PRO A CG  1 
ATOM   1065 C CD  . PRO A 1 140 ? 1.226   13.264  13.139  1.00 40.56  ? 140 PRO A CD  1 
ATOM   1066 N N   . ASN A 1 141 ? -0.680  12.732  9.922   1.00 42.21  ? 141 ASN A N   1 
ATOM   1067 C CA  . ASN A 1 141 ? -1.074  12.323  8.574   1.00 38.89  ? 141 ASN A CA  1 
ATOM   1068 C C   . ASN A 1 141 ? -2.544  11.900  8.593   1.00 45.28  ? 141 ASN A C   1 
ATOM   1069 O O   . ASN A 1 141 ? -2.899  10.722  8.513   1.00 53.19  ? 141 ASN A O   1 
ATOM   1070 C CB  . ASN A 1 141 ? -0.166  11.205  8.077   1.00 38.86  ? 141 ASN A CB  1 
ATOM   1071 C CG  . ASN A 1 141 ? -0.314  10.942  6.592   1.00 46.58  ? 141 ASN A CG  1 
ATOM   1072 O OD1 . ASN A 1 141 ? -1.299  11.334  5.970   1.00 54.44  ? 141 ASN A OD1 1 
ATOM   1073 N ND2 . ASN A 1 141 ? 0.672   10.266  6.015   1.00 45.40  ? 141 ASN A ND2 1 
ATOM   1074 N N   . THR A 1 142 ? -3.416  12.907  8.701   1.00 39.95  ? 142 THR A N   1 
ATOM   1075 C CA  . THR A 1 142 ? -4.844  12.649  8.871   1.00 41.90  ? 142 THR A CA  1 
ATOM   1076 C C   . THR A 1 142 ? -5.488  12.102  7.603   1.00 46.65  ? 142 THR A C   1 
ATOM   1077 O O   . THR A 1 142 ? -6.448  11.325  7.687   1.00 48.64  ? 142 THR A O   1 
ATOM   1078 C CB  . THR A 1 142 ? -5.559  13.925  9.315   1.00 38.59  ? 142 THR A CB  1 
ATOM   1079 O OG1 . THR A 1 142 ? -5.277  14.981  8.388   1.00 46.82  ? 142 THR A OG1 1 
ATOM   1080 C CG2 . THR A 1 142 ? -5.096  14.339  10.701  1.00 40.76  ? 142 THR A CG2 1 
ATOM   1081 N N   . GLY A 1 143 ? -5.003  12.509  6.428   1.00 48.75  ? 143 GLY A N   1 
ATOM   1082 C CA  . GLY A 1 143 ? -5.553  11.973  5.193   1.00 44.70  ? 143 GLY A CA  1 
ATOM   1083 C C   . GLY A 1 143 ? -5.387  10.470  5.090   1.00 49.37  ? 143 GLY A C   1 
ATOM   1084 O O   . GLY A 1 143 ? -6.318  9.754   4.707   1.00 57.95  ? 143 GLY A O   1 
ATOM   1085 N N   . ALA A 1 144 ? -4.199  9.971   5.436   1.00 38.92  ? 144 ALA A N   1 
ATOM   1086 C CA  . ALA A 1 144 ? -3.982  8.529   5.467   1.00 40.21  ? 144 ALA A CA  1 
ATOM   1087 C C   . ALA A 1 144 ? -4.876  7.862   6.504   1.00 45.65  ? 144 ALA A C   1 
ATOM   1088 O O   . ALA A 1 144 ? -5.365  6.749   6.285   1.00 53.28  ? 144 ALA A O   1 
ATOM   1089 C CB  . ALA A 1 144 ? -2.511  8.223   5.744   1.00 43.43  ? 144 ALA A CB  1 
ATOM   1090 N N   . ILE A 1 145 ? -5.097  8.527   7.641   1.00 45.67  ? 145 ILE A N   1 
ATOM   1091 C CA  . ILE A 1 145 ? -6.001  7.992   8.658   1.00 41.31  ? 145 ILE A CA  1 
ATOM   1092 C C   . ILE A 1 145 ? -7.394  7.791   8.077   1.00 47.07  ? 145 ILE A C   1 
ATOM   1093 O O   . ILE A 1 145 ? -7.999  6.723   8.225   1.00 53.54  ? 145 ILE A O   1 
ATOM   1094 C CB  . ILE A 1 145 ? -6.040  8.921   9.885   1.00 44.34  ? 145 ILE A CB  1 
ATOM   1095 C CG1 . ILE A 1 145 ? -4.683  8.960   10.583  1.00 43.68  ? 145 ILE A CG1 1 
ATOM   1096 C CG2 . ILE A 1 145 ? -7.119  8.474   10.851  1.00 43.72  ? 145 ILE A CG2 1 
ATOM   1097 C CD1 . ILE A 1 145 ? -4.303  7.654   11.208  1.00 44.31  ? 145 ILE A CD1 1 
ATOM   1098 N N   . ALA A 1 146 ? -7.924  8.818   7.410   1.00 44.95  ? 146 ALA A N   1 
ATOM   1099 C CA  . ALA A 1 146 ? -9.260  8.715   6.833   1.00 46.96  ? 146 ALA A CA  1 
ATOM   1100 C C   . ALA A 1 146 ? -9.313  7.642   5.752   1.00 45.92  ? 146 ALA A C   1 
ATOM   1101 O O   . ALA A 1 146 ? -10.284 6.877   5.668   1.00 50.32  ? 146 ALA A O   1 
ATOM   1102 C CB  . ALA A 1 146 ? -9.693  10.067  6.270   1.00 48.16  ? 146 ALA A CB  1 
ATOM   1103 N N   . ALA A 1 147 ? -8.275  7.571   4.913   1.00 42.94  ? 147 ALA A N   1 
ATOM   1104 C CA  . ALA A 1 147 ? -8.238  6.557   3.864   1.00 43.45  ? 147 ALA A CA  1 
ATOM   1105 C C   . ALA A 1 147 ? -8.254  5.152   4.450   1.00 47.50  ? 147 ALA A C   1 
ATOM   1106 O O   . ALA A 1 147 ? -8.985  4.279   3.970   1.00 54.89  ? 147 ALA A O   1 
ATOM   1107 C CB  . ALA A 1 147 ? -7.004  6.754   2.987   1.00 43.24  ? 147 ALA A CB  1 
ATOM   1108 N N   . TYR A 1 148 ? -7.458  4.917   5.493   1.00 41.14  ? 148 TYR A N   1 
ATOM   1109 C CA  . TYR A 1 148 ? -7.415  3.596   6.107   1.00 35.01  ? 148 TYR A CA  1 
ATOM   1110 C C   . TYR A 1 148 ? -8.726  3.268   6.810   1.00 40.76  ? 148 TYR A C   1 
ATOM   1111 O O   . TYR A 1 148 ? -9.185  2.121   6.772   1.00 49.19  ? 148 TYR A O   1 
ATOM   1112 C CB  . TYR A 1 148 ? -6.240  3.507   7.079   1.00 42.01  ? 148 TYR A CB  1 
ATOM   1113 C CG  . TYR A 1 148 ? -4.896  3.746   6.431   1.00 41.67  ? 148 TYR A CG  1 
ATOM   1114 C CD1 . TYR A 1 148 ? -4.696  3.488   5.082   1.00 41.27  ? 148 TYR A CD1 1 
ATOM   1115 C CD2 . TYR A 1 148 ? -3.828  4.235   7.168   1.00 44.67  ? 148 TYR A CD2 1 
ATOM   1116 C CE1 . TYR A 1 148 ? -3.471  3.709   4.488   1.00 40.64  ? 148 TYR A CE1 1 
ATOM   1117 C CE2 . TYR A 1 148 ? -2.600  4.457   6.582   1.00 44.16  ? 148 TYR A CE2 1 
ATOM   1118 C CZ  . TYR A 1 148 ? -2.427  4.193   5.244   1.00 44.14  ? 148 TYR A CZ  1 
ATOM   1119 O OH  . TYR A 1 148 ? -1.202  4.415   4.662   1.00 48.68  ? 148 TYR A OH  1 
ATOM   1120 N N   . GLU A 1 149 ? -9.342  4.258   7.465   1.00 46.03  ? 149 GLU A N   1 
ATOM   1121 C CA  . GLU A 1 149 ? -10.617 4.010   8.132   1.00 46.66  ? 149 GLU A CA  1 
ATOM   1122 C C   . GLU A 1 149 ? -11.705 3.640   7.135   1.00 49.60  ? 149 GLU A C   1 
ATOM   1123 O O   . GLU A 1 149 ? -12.474 2.702   7.368   1.00 55.06  ? 149 GLU A O   1 
ATOM   1124 C CB  . GLU A 1 149 ? -11.036 5.229   8.956   1.00 48.09  ? 149 GLU A CB  1 
ATOM   1125 C CG  . GLU A 1 149 ? -10.142 5.515   10.148  1.00 52.02  ? 149 GLU A CG  1 
ATOM   1126 C CD  . GLU A 1 149 ? -10.579 6.740   10.925  1.00 59.40  ? 149 GLU A CD  1 
ATOM   1127 O OE1 . GLU A 1 149 ? -11.506 7.440   10.464  1.00 59.13  ? 149 GLU A OE1 1 
ATOM   1128 O OE2 . GLU A 1 149 ? -9.997  7.004   11.997  1.00 60.89  ? 149 GLU A OE2 1 
ATOM   1129 N N   . ARG A 1 150 ? -11.788 4.360   6.012   1.00 51.63  ? 150 ARG A N   1 
ATOM   1130 C CA  . ARG A 1 150 ? -12.796 4.008   5.016   1.00 49.60  ? 150 ARG A CA  1 
ATOM   1131 C C   . ARG A 1 150 ? -12.444 2.722   4.279   1.00 48.86  ? 150 ARG A C   1 
ATOM   1132 O O   . ARG A 1 150 ? -13.341 2.037   3.775   1.00 52.05  ? 150 ARG A O   1 
ATOM   1133 C CB  . ARG A 1 150 ? -13.005 5.155   4.027   1.00 48.94  ? 150 ARG A CB  1 
ATOM   1134 C CG  . ARG A 1 150 ? -13.662 6.378   4.641   1.00 55.08  ? 150 ARG A CG  1 
ATOM   1135 C CD  . ARG A 1 150 ? -14.039 7.407   3.587   1.00 55.78  ? 150 ARG A CD  1 
ATOM   1136 N NE  . ARG A 1 150 ? -12.881 7.961   2.897   1.00 56.62  ? 150 ARG A NE  1 
ATOM   1137 C CZ  . ARG A 1 150 ? -12.202 9.020   3.317   1.00 59.73  ? 150 ARG A CZ  1 
ATOM   1138 N NH1 . ARG A 1 150 ? -12.541 9.665   4.421   1.00 57.87  ? 150 ARG A NH1 1 
ATOM   1139 N NH2 . ARG A 1 150 ? -11.161 9.446   2.608   1.00 55.90  ? 150 ARG A NH2 1 
ATOM   1140 N N   . ALA A 1 151 ? -11.158 2.378   4.202   1.00 47.27  ? 151 ALA A N   1 
ATOM   1141 C CA  . ALA A 1 151 ? -10.767 1.140   3.536   1.00 45.75  ? 151 ALA A CA  1 
ATOM   1142 C C   . ALA A 1 151 ? -11.116 -0.089  4.365   1.00 46.20  ? 151 ALA A C   1 
ATOM   1143 O O   . ALA A 1 151 ? -11.371 -1.158  3.801   1.00 54.22  ? 151 ALA A O   1 
ATOM   1144 C CB  . ALA A 1 151 ? -9.274  1.162   3.223   1.00 46.38  ? 151 ALA A CB  1 
ATOM   1145 N N   . GLY A 1 152 ? -11.124 0.033   5.690   1.00 45.04  ? 152 GLY A N   1 
ATOM   1146 C CA  . GLY A 1 152 ? -11.475 -1.089  6.537   1.00 39.34  ? 152 GLY A CA  1 
ATOM   1147 C C   . GLY A 1 152 ? -10.604 -1.262  7.765   1.00 41.68  ? 152 GLY A C   1 
ATOM   1148 O O   . GLY A 1 152 ? -10.777 -2.221  8.521   1.00 47.03  ? 152 GLY A O   1 
ATOM   1149 N N   . PHE A 1 153 ? -9.668  -0.344  7.980   1.00 43.00  ? 153 PHE A N   1 
ATOM   1150 C CA  . PHE A 1 153 ? -8.833  -0.387  9.169   1.00 35.66  ? 153 PHE A CA  1 
ATOM   1151 C C   . PHE A 1 153 ? -9.549  0.250   10.354  1.00 38.25  ? 153 PHE A C   1 
ATOM   1152 O O   . PHE A 1 153 ? -10.410 1.118   10.194  1.00 46.91  ? 153 PHE A O   1 
ATOM   1153 C CB  . PHE A 1 153 ? -7.504  0.328   8.926   1.00 34.62  ? 153 PHE A CB  1 
ATOM   1154 C CG  . PHE A 1 153 ? -6.533  -0.459  8.099   1.00 36.01  ? 153 PHE A CG  1 
ATOM   1155 C CD1 . PHE A 1 153 ? -6.579  -0.414  6.717   1.00 42.38  ? 153 PHE A CD1 1 
ATOM   1156 C CD2 . PHE A 1 153 ? -5.564  -1.236  8.705   1.00 37.04  ? 153 PHE A CD2 1 
ATOM   1157 C CE1 . PHE A 1 153 ? -5.682  -1.137  5.960   1.00 39.47  ? 153 PHE A CE1 1 
ATOM   1158 C CE2 . PHE A 1 153 ? -4.665  -1.958  7.953   1.00 35.28  ? 153 PHE A CE2 1 
ATOM   1159 C CZ  . PHE A 1 153 ? -4.723  -1.907  6.579   1.00 37.46  ? 153 PHE A CZ  1 
ATOM   1160 N N   . ARG A 1 154 ? -9.184  -0.196  11.552  1.00 41.78  ? 154 ARG A N   1 
ATOM   1161 C CA  . ARG A 1 154 ? -9.719  0.349   12.789  1.00 40.45  ? 154 ARG A CA  1 
ATOM   1162 C C   . ARG A 1 154 ? -8.570  0.787   13.683  1.00 46.31  ? 154 ARG A C   1 
ATOM   1163 O O   . ARG A 1 154 ? -7.505  0.166   13.699  1.00 51.05  ? 154 ARG A O   1 
ATOM   1164 C CB  . ARG A 1 154 ? -10.599 -0.670  13.525  1.00 44.71  ? 154 ARG A CB  1 
ATOM   1165 C CG  . ARG A 1 154 ? -11.810 -1.122  12.731  1.00 48.63  ? 154 ARG A CG  1 
ATOM   1166 C CD  . ARG A 1 154 ? -12.830 -0.008  12.595  1.00 44.56  ? 154 ARG A CD  1 
ATOM   1167 N NE  . ARG A 1 154 ? -14.026 -0.449  11.888  1.00 50.62  ? 154 ARG A NE  1 
ATOM   1168 C CZ  . ARG A 1 154 ? -14.194 -0.361  10.575  1.00 53.94  ? 154 ARG A CZ  1 
ATOM   1169 N NH1 . ARG A 1 154 ? -13.266 0.161   9.792   1.00 49.63  ? 154 ARG A NH1 1 
ATOM   1170 N NH2 . ARG A 1 154 ? -15.325 -0.807  10.036  1.00 53.04  ? 154 ARG A NH2 1 
ATOM   1171 N N   . ARG A 1 155 ? -8.800  1.860   14.431  1.00 46.71  ? 155 ARG A N   1 
ATOM   1172 C CA  . ARG A 1 155 ? -7.752  2.441   15.259  1.00 41.88  ? 155 ARG A CA  1 
ATOM   1173 C C   . ARG A 1 155 ? -7.501  1.583   16.495  1.00 41.19  ? 155 ARG A C   1 
ATOM   1174 O O   . ARG A 1 155 ? -8.440  1.182   17.187  1.00 45.58  ? 155 ARG A O   1 
ATOM   1175 C CB  . ARG A 1 155 ? -8.140  3.860   15.671  1.00 45.31  ? 155 ARG A CB  1 
ATOM   1176 C CG  . ARG A 1 155 ? -7.136  4.547   16.574  1.00 52.88  ? 155 ARG A CG  1 
ATOM   1177 C CD  . ARG A 1 155 ? -7.563  5.971   16.888  1.00 52.74  ? 155 ARG A CD  1 
ATOM   1178 N NE  . ARG A 1 155 ? -7.339  6.879   15.769  1.00 57.33  ? 155 ARG A NE  1 
ATOM   1179 C CZ  . ARG A 1 155 ? -8.300  7.364   14.995  1.00 54.51  ? 155 ARG A CZ  1 
ATOM   1180 N NH1 . ARG A 1 155 ? -9.567  7.028   15.175  1.00 48.55  ? 155 ARG A NH1 1 
ATOM   1181 N NH2 . ARG A 1 155 ? -7.984  8.207   14.018  1.00 49.48  ? 155 ARG A NH2 1 
ATOM   1182 N N   . ILE A 1 156 ? -6.230  1.303   16.767  1.00 41.09  ? 156 ILE A N   1 
ATOM   1183 C CA  . ILE A 1 156 ? -5.838  0.603   17.988  1.00 35.35  ? 156 ILE A CA  1 
ATOM   1184 C C   . ILE A 1 156 ? -5.482  1.585   19.094  1.00 38.63  ? 156 ILE A C   1 
ATOM   1185 O O   . ILE A 1 156 ? -6.021  1.517   20.201  1.00 44.95  ? 156 ILE A O   1 
ATOM   1186 C CB  . ILE A 1 156 ? -4.661  -0.353  17.701  1.00 34.06  ? 156 ILE A CB  1 
ATOM   1187 C CG1 . ILE A 1 156 ? -5.057  -1.422  16.688  1.00 40.18  ? 156 ILE A CG1 1 
ATOM   1188 C CG2 . ILE A 1 156 ? -4.167  -0.989  18.987  1.00 36.49  ? 156 ILE A CG2 1 
ATOM   1189 C CD1 . ILE A 1 156 ? -3.877  -2.195  16.150  1.00 39.06  ? 156 ILE A CD1 1 
ATOM   1190 N N   . GLY A 1 157 ? -4.572  2.505   18.804  1.00 44.87  ? 157 GLY A N   1 
ATOM   1191 C CA  . GLY A 1 157 ? -4.114  3.454   19.794  1.00 39.28  ? 157 GLY A CA  1 
ATOM   1192 C C   . GLY A 1 157 ? -2.936  4.239   19.254  1.00 42.04  ? 157 GLY A C   1 
ATOM   1193 O O   . GLY A 1 157 ? -2.568  4.117   18.085  1.00 49.20  ? 157 GLY A O   1 
ATOM   1194 N N   . GLU A 1 158 ? -2.351  5.047   20.133  1.00 45.93  ? 158 GLU A N   1 
ATOM   1195 C CA  . GLU A 1 158 ? -1.245  5.924   19.780  1.00 46.36  ? 158 GLU A CA  1 
ATOM   1196 C C   . GLU A 1 158 ? 0.015   5.487   20.512  1.00 47.29  ? 158 GLU A C   1 
ATOM   1197 O O   . GLU A 1 158 ? 0.006   5.339   21.738  1.00 51.57  ? 158 GLU A O   1 
ATOM   1198 C CB  . GLU A 1 158 ? -1.577  7.378   20.116  1.00 45.72  ? 158 GLU A CB  1 
ATOM   1199 C CG  . GLU A 1 158 ? -2.464  8.061   19.090  1.00 51.45  ? 158 GLU A CG  1 
ATOM   1200 C CD  . GLU A 1 158 ? -2.804  9.488   19.468  1.00 57.60  ? 158 GLU A CD  1 
ATOM   1201 O OE1 . GLU A 1 158 ? -3.909  9.950   19.116  1.00 58.48  ? 158 GLU A OE1 1 
ATOM   1202 O OE2 . GLU A 1 158 ? -1.965  10.150  20.116  1.00 56.62  ? 158 GLU A OE2 1 
ATOM   1203 N N   . ARG A 1 159 ? 1.093   5.282   19.760  1.00 41.88  ? 159 ARG A N   1 
ATOM   1204 C CA  . ARG A 1 159 ? 2.398   4.960   20.327  1.00 35.22  ? 159 ARG A CA  1 
ATOM   1205 C C   . ARG A 1 159 ? 3.148   6.269   20.547  1.00 42.00  ? 159 ARG A C   1 
ATOM   1206 O O   . ARG A 1 159 ? 3.588   6.909   19.586  1.00 53.62  ? 159 ARG A O   1 
ATOM   1207 C CB  . ARG A 1 159 ? 3.173   4.024   19.404  1.00 32.70  ? 159 ARG A CB  1 
ATOM   1208 C CG  . ARG A 1 159 ? 4.536   3.622   19.928  1.00 38.13  ? 159 ARG A CG  1 
ATOM   1209 C CD  . ARG A 1 159 ? 5.313   2.852   18.877  1.00 35.62  ? 159 ARG A CD  1 
ATOM   1210 N NE  . ARG A 1 159 ? 4.736   1.538   18.619  1.00 41.13  ? 159 ARG A NE  1 
ATOM   1211 C CZ  . ARG A 1 159 ? 4.918   0.851   17.501  1.00 43.40  ? 159 ARG A CZ  1 
ATOM   1212 N NH1 . ARG A 1 159 ? 5.645   1.331   16.505  1.00 41.31  ? 159 ARG A NH1 1 
ATOM   1213 N NH2 . ARG A 1 159 ? 4.354   -0.347  17.377  1.00 44.73  ? 159 ARG A NH2 1 
ATOM   1214 N N   . ARG A 1 160 ? 3.295   6.662   21.808  1.00 40.36  ? 160 ARG A N   1 
ATOM   1215 C CA  . ARG A 1 160 ? 3.773   8.000   22.132  1.00 37.32  ? 160 ARG A CA  1 
ATOM   1216 C C   . ARG A 1 160 ? 5.235   8.190   21.748  1.00 41.00  ? 160 ARG A C   1 
ATOM   1217 O O   . ARG A 1 160 ? 6.082   7.333   22.016  1.00 46.43  ? 160 ARG A O   1 
ATOM   1218 C CB  . ARG A 1 160 ? 3.598   8.267   23.624  1.00 39.50  ? 160 ARG A CB  1 
ATOM   1219 C CG  . ARG A 1 160 ? 2.156   8.329   24.081  1.00 40.39  ? 160 ARG A CG  1 
ATOM   1220 C CD  . ARG A 1 160 ? 2.086   8.402   25.592  1.00 40.78  ? 160 ARG A CD  1 
ATOM   1221 N NE  . ARG A 1 160 ? 2.635   7.199   26.206  1.00 41.56  ? 160 ARG A NE  1 
ATOM   1222 C CZ  . ARG A 1 160 ? 2.904   7.071   27.496  1.00 42.95  ? 160 ARG A CZ  1 
ATOM   1223 N NH1 . ARG A 1 160 ? 2.694   8.062   28.348  1.00 44.85  ? 160 ARG A NH1 1 
ATOM   1224 N NH2 . ARG A 1 160 ? 3.397   5.921   27.946  1.00 39.08  ? 160 ARG A NH2 1 
ATOM   1225 N N   . ASP A 1 161 ? 5.523   9.334   21.128  1.00 44.06  ? 161 ASP A N   1 
ATOM   1226 C CA  . ASP A 1 161 ? 6.882   9.812   20.873  1.00 43.22  ? 161 ASP A CA  1 
ATOM   1227 C C   . ASP A 1 161 ? 7.734   8.757   20.168  1.00 46.42  ? 161 ASP A C   1 
ATOM   1228 O O   . ASP A 1 161 ? 8.776   8.326   20.662  1.00 55.95  ? 161 ASP A O   1 
ATOM   1229 C CB  . ASP A 1 161 ? 7.543   10.267  22.176  1.00 46.26  ? 161 ASP A CB  1 
ATOM   1230 C CG  . ASP A 1 161 ? 6.772   11.375  22.866  1.00 51.89  ? 161 ASP A CG  1 
ATOM   1231 O OD1 . ASP A 1 161 ? 5.882   11.971  22.224  1.00 53.09  ? 161 ASP A OD1 1 
ATOM   1232 O OD2 . ASP A 1 161 ? 7.055   11.651  24.049  1.00 54.28  ? 161 ASP A OD2 1 
ATOM   1233 N N   . SER A 1 162 ? 7.273   8.345   18.987  1.00 35.11  ? 162 SER A N   1 
ATOM   1234 C CA  . SER A 1 162 ? 7.986   7.341   18.207  1.00 38.78  ? 162 SER A CA  1 
ATOM   1235 C C   . SER A 1 162 ? 8.134   7.743   16.743  1.00 39.66  ? 162 SER A C   1 
ATOM   1236 O O   . SER A 1 162 ? 8.334   6.876   15.887  1.00 42.47  ? 162 SER A O   1 
ATOM   1237 C CB  . SER A 1 162 ? 7.293   5.982   18.312  1.00 44.27  ? 162 SER A CB  1 
ATOM   1238 O OG  . SER A 1 162 ? 6.017   6.018   17.708  1.00 46.48  ? 162 SER A OG  1 
ATOM   1239 N N   . GLY A 1 163 ? 8.050   9.033   16.438  1.00 39.46  ? 163 GLY A N   1 
ATOM   1240 C CA  . GLY A 1 163 ? 8.211   9.480   15.067  1.00 38.53  ? 163 GLY A CA  1 
ATOM   1241 C C   . GLY A 1 163 ? 8.392   10.978  15.012  1.00 41.31  ? 163 GLY A C   1 
ATOM   1242 O O   . GLY A 1 163 ? 8.167   11.693  15.993  1.00 47.19  ? 163 GLY A O   1 
ATOM   1243 N N   . PHE A 1 164 ? 8.808   11.445  13.838  1.00 33.86  ? 164 PHE A N   1 
ATOM   1244 C CA  . PHE A 1 164 ? 9.044   12.860  13.587  1.00 29.83  ? 164 PHE A CA  1 
ATOM   1245 C C   . PHE A 1 164 ? 8.115   13.341  12.484  1.00 33.55  ? 164 PHE A C   1 
ATOM   1246 O O   . PHE A 1 164 ? 7.960   12.668  11.460  1.00 44.48  ? 164 PHE A O   1 
ATOM   1247 C CB  . PHE A 1 164 ? 10.499  13.122  13.191  1.00 32.89  ? 164 PHE A CB  1 
ATOM   1248 C CG  . PHE A 1 164 ? 11.480  12.931  14.310  1.00 36.02  ? 164 PHE A CG  1 
ATOM   1249 C CD1 . PHE A 1 164 ? 11.720  13.949  15.216  1.00 39.77  ? 164 PHE A CD1 1 
ATOM   1250 C CD2 . PHE A 1 164 ? 12.177  11.745  14.444  1.00 39.17  ? 164 PHE A CD2 1 
ATOM   1251 C CE1 . PHE A 1 164 ? 12.623  13.781  16.242  1.00 39.03  ? 164 PHE A CE1 1 
ATOM   1252 C CE2 . PHE A 1 164 ? 13.084  11.573  15.468  1.00 39.33  ? 164 PHE A CE2 1 
ATOM   1253 C CZ  . PHE A 1 164 ? 13.307  12.592  16.367  1.00 36.81  ? 164 PHE A CZ  1 
ATOM   1254 N N   . TRP A 1 165 ? 7.498   14.502  12.696  1.00 37.93  ? 165 TRP A N   1 
ATOM   1255 C CA  . TRP A 1 165 ? 6.686   15.162  11.679  1.00 36.10  ? 165 TRP A CA  1 
ATOM   1256 C C   . TRP A 1 165 ? 7.184   16.594  11.547  1.00 40.28  ? 165 TRP A C   1 
ATOM   1257 O O   . TRP A 1 165 ? 6.954   17.417  12.439  1.00 45.85  ? 165 TRP A O   1 
ATOM   1258 C CB  . TRP A 1 165 ? 5.201   15.121  12.039  1.00 39.70  ? 165 TRP A CB  1 
ATOM   1259 C CG  . TRP A 1 165 ? 4.307   15.666  10.970  1.00 38.01  ? 165 TRP A CG  1 
ATOM   1260 C CD1 . TRP A 1 165 ? 3.878   16.951  10.836  1.00 38.18  ? 165 TRP A CD1 1 
ATOM   1261 C CD2 . TRP A 1 165 ? 3.747   14.939  9.871   1.00 36.15  ? 165 TRP A CD2 1 
ATOM   1262 N NE1 . TRP A 1 165 ? 3.075   17.070  9.729   1.00 39.69  ? 165 TRP A NE1 1 
ATOM   1263 C CE2 . TRP A 1 165 ? 2.980   15.848  9.118   1.00 35.71  ? 165 TRP A CE2 1 
ATOM   1264 C CE3 . TRP A 1 165 ? 3.814   13.607  9.454   1.00 39.06  ? 165 TRP A CE3 1 
ATOM   1265 C CZ2 . TRP A 1 165 ? 2.288   15.468  7.973   1.00 39.36  ? 165 TRP A CZ2 1 
ATOM   1266 C CZ3 . TRP A 1 165 ? 3.127   13.233  8.317   1.00 41.11  ? 165 TRP A CZ3 1 
ATOM   1267 C CH2 . TRP A 1 165 ? 2.374   14.160  7.589   1.00 42.29  ? 165 TRP A CH2 1 
ATOM   1268 N N   . LEU A 1 166 ? 7.859   16.886  10.433  1.00 40.19  ? 166 LEU A N   1 
ATOM   1269 C CA  . LEU A 1 166 ? 8.479   18.191  10.197  1.00 37.50  ? 166 LEU A CA  1 
ATOM   1270 C C   . LEU A 1 166 ? 9.428   18.566  11.334  1.00 40.27  ? 166 LEU A C   1 
ATOM   1271 O O   . LEU A 1 166 ? 9.470   19.713  11.780  1.00 44.82  ? 166 LEU A O   1 
ATOM   1272 C CB  . LEU A 1 166 ? 7.427   19.281  9.985   1.00 35.20  ? 166 LEU A CB  1 
ATOM   1273 C CG  . LEU A 1 166 ? 6.430   19.052  8.849   1.00 36.72  ? 166 LEU A CG  1 
ATOM   1274 C CD1 . LEU A 1 166 ? 5.405   20.169  8.808   1.00 38.11  ? 166 LEU A CD1 1 
ATOM   1275 C CD2 . LEU A 1 166 ? 7.153   18.935  7.520   1.00 37.82  ? 166 LEU A CD2 1 
ATOM   1276 N N   . GLY A 1 167 ? 10.193  17.585  11.811  1.00 44.41  ? 167 GLY A N   1 
ATOM   1277 C CA  . GLY A 1 167 ? 11.154  17.804  12.868  1.00 41.87  ? 167 GLY A CA  1 
ATOM   1278 C C   . GLY A 1 167 ? 10.592  17.754  14.269  1.00 41.79  ? 167 GLY A C   1 
ATOM   1279 O O   . GLY A 1 167 ? 11.369  17.768  15.231  1.00 46.87  ? 167 GLY A O   1 
ATOM   1280 N N   . ARG A 1 168 ? 9.274   17.697  14.421  1.00 44.28  ? 168 ARG A N   1 
ATOM   1281 C CA  . ARG A 1 168 ? 8.638   17.667  15.727  1.00 37.78  ? 168 ARG A CA  1 
ATOM   1282 C C   . ARG A 1 168 ? 8.361   16.229  16.143  1.00 42.94  ? 168 ARG A C   1 
ATOM   1283 O O   . ARG A 1 168 ? 7.907   15.412  15.337  1.00 51.21  ? 168 ARG A O   1 
ATOM   1284 C CB  . ARG A 1 168 ? 7.339   18.474  15.699  1.00 42.03  ? 168 ARG A CB  1 
ATOM   1285 C CG  . ARG A 1 168 ? 6.576   18.511  17.009  1.00 47.52  ? 168 ARG A CG  1 
ATOM   1286 C CD  . ARG A 1 168 ? 5.488   19.571  16.961  1.00 47.95  ? 168 ARG A CD  1 
ATOM   1287 N NE  . ARG A 1 168 ? 4.530   19.321  15.892  1.00 52.11  ? 168 ARG A NE  1 
ATOM   1288 C CZ  . ARG A 1 168 ? 3.416   18.616  16.032  1.00 51.54  ? 168 ARG A CZ  1 
ATOM   1289 N NH1 . ARG A 1 168 ? 3.077   18.079  17.192  1.00 49.47  ? 168 ARG A NH1 1 
ATOM   1290 N NH2 . ARG A 1 168 ? 2.619   18.447  14.979  1.00 48.12  ? 168 ARG A NH2 1 
ATOM   1291 N N   . ARG A 1 169 ? 8.645   15.922  17.406  1.00 37.07  ? 169 ARG A N   1 
ATOM   1292 C CA  . ARG A 1 169 ? 8.398   14.586  17.933  1.00 33.80  ? 169 ARG A CA  1 
ATOM   1293 C C   . ARG A 1 169 ? 6.903   14.383  18.147  1.00 39.70  ? 169 ARG A C   1 
ATOM   1294 O O   . ARG A 1 169 ? 6.283   15.083  18.952  1.00 43.71  ? 169 ARG A O   1 
ATOM   1295 C CB  . ARG A 1 169 ? 9.164   14.386  19.237  1.00 36.26  ? 169 ARG A CB  1 
ATOM   1296 C CG  . ARG A 1 169 ? 8.910   13.054  19.915  1.00 36.90  ? 169 ARG A CG  1 
ATOM   1297 C CD  . ARG A 1 169 ? 9.646   11.922  19.229  1.00 41.45  ? 169 ARG A CD  1 
ATOM   1298 N NE  . ARG A 1 169 ? 11.075  11.935  19.513  1.00 36.18  ? 169 ARG A NE  1 
ATOM   1299 C CZ  . ARG A 1 169 ? 11.924  11.002  19.107  1.00 35.84  ? 169 ARG A CZ  1 
ATOM   1300 N NH1 . ARG A 1 169 ? 11.518  9.955   18.409  1.00 31.19  ? 169 ARG A NH1 1 
ATOM   1301 N NH2 . ARG A 1 169 ? 13.213  11.121  19.409  1.00 44.44  ? 169 ARG A NH2 1 
ATOM   1302 N N   . VAL A 1 170 ? 6.326   13.420  17.427  1.00 38.98  ? 170 VAL A N   1 
ATOM   1303 C CA  . VAL A 1 170 ? 4.899   13.139  17.475  1.00 32.93  ? 170 VAL A CA  1 
ATOM   1304 C C   . VAL A 1 170 ? 4.702   11.638  17.640  1.00 35.71  ? 170 VAL A C   1 
ATOM   1305 O O   . VAL A 1 170 ? 5.609   10.837  17.414  1.00 45.16  ? 170 VAL A O   1 
ATOM   1306 C CB  . VAL A 1 170 ? 4.157   13.640  16.219  1.00 31.13  ? 170 VAL A CB  1 
ATOM   1307 C CG1 . VAL A 1 170 ? 4.278   15.147  16.088  1.00 37.90  ? 170 VAL A CG1 1 
ATOM   1308 C CG2 . VAL A 1 170 ? 4.694   12.947  14.980  1.00 37.11  ? 170 VAL A CG2 1 
ATOM   1309 N N   . SER A 1 171 ? 3.492   11.266  18.043  1.00 39.98  ? 171 SER A N   1 
ATOM   1310 C CA  . SER A 1 171 ? 3.117   9.866   18.149  1.00 40.42  ? 171 SER A CA  1 
ATOM   1311 C C   . SER A 1 171 ? 2.646   9.342   16.795  1.00 42.21  ? 171 SER A C   1 
ATOM   1312 O O   . SER A 1 171 ? 2.402   10.101  15.854  1.00 53.65  ? 171 SER A O   1 
ATOM   1313 C CB  . SER A 1 171 ? 2.026   9.683   19.200  1.00 41.99  ? 171 SER A CB  1 
ATOM   1314 O OG  . SER A 1 171 ? 0.816   10.291  18.784  1.00 43.62  ? 171 SER A OG  1 
ATOM   1315 N N   . GLU A 1 172 ? 2.519   8.022   16.699  1.00 37.93  ? 172 GLU A N   1 
ATOM   1316 C CA  . GLU A 1 172 ? 1.989   7.384   15.504  1.00 41.57  ? 172 GLU A CA  1 
ATOM   1317 C C   . GLU A 1 172 ? 0.801   6.510   15.877  1.00 44.32  ? 172 GLU A C   1 
ATOM   1318 O O   . GLU A 1 172 ? 0.779   5.893   16.945  1.00 50.23  ? 172 GLU A O   1 
ATOM   1319 C CB  . GLU A 1 172 ? 3.051   6.544   14.787  1.00 43.19  ? 172 GLU A CB  1 
ATOM   1320 C CG  . GLU A 1 172 ? 3.718   5.494   15.642  1.00 46.26  ? 172 GLU A CG  1 
ATOM   1321 C CD  . GLU A 1 172 ? 4.781   4.729   14.881  1.00 56.43  ? 172 GLU A CD  1 
ATOM   1322 O OE1 . GLU A 1 172 ? 5.092   5.122   13.737  1.00 52.97  ? 172 GLU A OE1 1 
ATOM   1323 O OE2 . GLU A 1 172 ? 5.302   3.730   15.421  1.00 60.00  ? 172 GLU A OE2 1 
ATOM   1324 N N   . THR A 1 173 ? -0.186  6.464   14.987  1.00 38.37  ? 173 THR A N   1 
ATOM   1325 C CA  . THR A 1 173 ? -1.411  5.716   15.224  1.00 31.93  ? 173 THR A CA  1 
ATOM   1326 C C   . THR A 1 173 ? -1.266  4.302   14.679  1.00 38.31  ? 173 THR A C   1 
ATOM   1327 O O   . THR A 1 173 ? -0.852  4.109   13.533  1.00 41.88  ? 173 THR A O   1 
ATOM   1328 C CB  . THR A 1 173 ? -2.602  6.415   14.568  1.00 31.22  ? 173 THR A CB  1 
ATOM   1329 O OG1 . THR A 1 173 ? -2.749  7.729   15.120  1.00 41.51  ? 173 THR A OG1 1 
ATOM   1330 C CG2 . THR A 1 173 ? -3.879  5.631   14.805  1.00 38.03  ? 173 THR A CG2 1 
ATOM   1331 N N   . LEU A 1 174 ? -1.607  3.318   15.504  1.00 36.66  ? 174 LEU A N   1 
ATOM   1332 C CA  . LEU A 1 174 ? -1.581  1.918   15.110  1.00 34.48  ? 174 LEU A CA  1 
ATOM   1333 C C   . LEU A 1 174 ? -2.987  1.492   14.710  1.00 37.62  ? 174 LEU A C   1 
ATOM   1334 O O   . LEU A 1 174 ? -3.952  1.769   15.429  1.00 45.89  ? 174 LEU A O   1 
ATOM   1335 C CB  . LEU A 1 174 ? -1.060  1.036   16.244  1.00 35.44  ? 174 LEU A CB  1 
ATOM   1336 C CG  . LEU A 1 174 ? 0.280   1.437   16.860  1.00 31.16  ? 174 LEU A CG  1 
ATOM   1337 C CD1 . LEU A 1 174 ? 0.648   0.499   17.994  1.00 37.16  ? 174 LEU A CD1 1 
ATOM   1338 C CD2 . LEU A 1 174 ? 1.370   1.456   15.806  1.00 36.43  ? 174 LEU A CD2 1 
ATOM   1339 N N   . MET A 1 175 ? -3.100  0.833   13.561  1.00 39.46  ? 175 MET A N   1 
ATOM   1340 C CA  . MET A 1 175 ? -4.384  0.415   13.025  1.00 36.19  ? 175 MET A CA  1 
ATOM   1341 C C   . MET A 1 175 ? -4.300  -1.037  12.581  1.00 39.50  ? 175 MET A C   1 
ATOM   1342 O O   . MET A 1 175 ? -3.218  -1.546  12.278  1.00 51.27  ? 175 MET A O   1 
ATOM   1343 C CB  . MET A 1 175 ? -4.817  1.298   11.847  1.00 37.60  ? 175 MET A CB  1 
ATOM   1344 C CG  . MET A 1 175 ? -4.775  2.788   12.138  1.00 40.34  ? 175 MET A CG  1 
ATOM   1345 S SD  . MET A 1 175 ? -5.339  3.795   10.757  1.00 50.10  ? 175 MET A SD  1 
ATOM   1346 C CE  . MET A 1 175 ? -7.107  3.544   10.857  1.00 45.05  ? 175 MET A CE  1 
ATOM   1347 N N   . ASP A 1 176 ? -5.452  -1.704  12.555  1.00 38.93  ? 176 ASP A N   1 
ATOM   1348 C CA  . ASP A 1 176 ? -5.515  -3.088  12.112  1.00 36.83  ? 176 ASP A CA  1 
ATOM   1349 C C   . ASP A 1 176 ? -6.827  -3.333  11.381  1.00 42.01  ? 176 ASP A C   1 
ATOM   1350 O O   . ASP A 1 176 ? -7.787  -2.569  11.509  1.00 51.78  ? 176 ASP A O   1 
ATOM   1351 C CB  . ASP A 1 176 ? -5.342  -4.071  13.282  1.00 42.55  ? 176 ASP A CB  1 
ATOM   1352 C CG  . ASP A 1 176 ? -6.383  -3.890  14.380  1.00 49.94  ? 176 ASP A CG  1 
ATOM   1353 O OD1 . ASP A 1 176 ? -7.422  -3.238  14.152  1.00 53.13  ? 176 ASP A OD1 1 
ATOM   1354 O OD2 . ASP A 1 176 ? -6.160  -4.419  15.488  1.00 54.53  ? 176 ASP A OD2 1 
ATOM   1355 N N   . ALA A 1 177 ? -6.849  -4.408  10.598  1.00 39.80  ? 177 ALA A N   1 
ATOM   1356 C CA  . ALA A 1 177 ? -8.028  -4.808  9.847   1.00 35.11  ? 177 ALA A CA  1 
ATOM   1357 C C   . ALA A 1 177 ? -8.212  -6.310  9.972   1.00 37.17  ? 177 ALA A C   1 
ATOM   1358 O O   . ALA A 1 177 ? -7.235  -7.062  10.000  1.00 45.88  ? 177 ALA A O   1 
ATOM   1359 C CB  . ALA A 1 177 ? -7.914  -4.410  8.373   1.00 41.81  ? 177 ALA A CB  1 
ATOM   1360 N N   . VAL A 1 178 ? -9.466  -6.742  10.048  1.00 42.19  ? 178 VAL A N   1 
ATOM   1361 C CA  . VAL A 1 178 ? -9.791  -8.161  10.177  1.00 43.12  ? 178 VAL A CA  1 
ATOM   1362 C C   . VAL A 1 178 ? -10.778 -8.540  9.079   1.00 47.66  ? 178 VAL A C   1 
ATOM   1363 O O   . VAL A 1 178 ? -11.518 -7.674  8.589   1.00 51.63  ? 178 VAL A O   1 
ATOM   1364 C CB  . VAL A 1 178 ? -10.351 -8.481  11.572  1.00 41.79  ? 178 VAL A CB  1 
ATOM   1365 C CG1 . VAL A 1 178 ? -9.288  -8.252  12.630  1.00 41.41  ? 178 VAL A CG1 1 
ATOM   1366 C CG2 . VAL A 1 178 ? -11.578 -7.635  11.859  1.00 46.49  ? 178 VAL A CG2 1 
ATOM   1367 N N   . PRO A 1 179 ? -10.809 -9.806  8.648   1.00 46.26  ? 179 PRO A N   1 
ATOM   1368 C CA  . PRO A 1 179 ? -11.726 -10.185 7.561   1.00 43.85  ? 179 PRO A CA  1 
ATOM   1369 C C   . PRO A 1 179 ? -13.188 -9.892  7.850   1.00 50.07  ? 179 PRO A C   1 
ATOM   1370 O O   . PRO A 1 179 ? -13.927 -9.513  6.933   1.00 54.83  ? 179 PRO A O   1 
ATOM   1371 C CB  . PRO A 1 179 ? -11.469 -11.689 7.417   1.00 45.77  ? 179 PRO A CB  1 
ATOM   1372 C CG  . PRO A 1 179 ? -10.048 -11.843 7.815   1.00 46.48  ? 179 PRO A CG  1 
ATOM   1373 C CD  . PRO A 1 179 ? -9.862  -10.888 8.964   1.00 46.56  ? 179 PRO A CD  1 
ATOM   1374 N N   . GLU A 1 180 ? -13.634 -10.058 9.096   1.00 52.95  ? 180 GLU A N   1 
ATOM   1375 C CA  . GLU A 1 180 ? -15.041 -9.838  9.409   1.00 56.27  ? 180 GLU A CA  1 
ATOM   1376 C C   . GLU A 1 180 ? -15.436 -8.368  9.363   1.00 57.28  ? 180 GLU A C   1 
ATOM   1377 O O   . GLU A 1 180 ? -16.634 -8.068  9.391   1.00 61.78  ? 180 GLU A O   1 
ATOM   1378 C CB  . GLU A 1 180 ? -15.378 -10.422 10.782  1.00 55.77  ? 180 GLU A CB  1 
ATOM   1379 C CG  . GLU A 1 180 ? -14.505 -9.918  11.917  1.00 61.07  ? 180 GLU A CG  1 
ATOM   1380 C CD  . GLU A 1 180 ? -13.289 -10.795 12.154  1.00 65.28  ? 180 GLU A CD  1 
ATOM   1381 O OE1 . GLU A 1 180 ? -12.977 -11.632 11.282  1.00 63.02  ? 180 GLU A OE1 1 
ATOM   1382 O OE2 . GLU A 1 180 ? -12.649 -10.648 13.216  1.00 63.66  ? 180 GLU A OE2 1 
ATOM   1383 N N   . ASP A 1 181 ? -14.471 -7.454  9.293   1.00 53.06  ? 181 ASP A N   1 
ATOM   1384 C CA  . ASP A 1 181 ? -14.745 -6.029  9.175   1.00 54.60  ? 181 ASP A CA  1 
ATOM   1385 C C   . ASP A 1 181 ? -14.494 -5.504  7.767   1.00 54.61  ? 181 ASP A C   1 
ATOM   1386 O O   . ASP A 1 181 ? -14.499 -4.286  7.558   1.00 60.09  ? 181 ASP A O   1 
ATOM   1387 C CB  . ASP A 1 181 ? -13.905 -5.245  10.185  1.00 58.25  ? 181 ASP A CB  1 
ATOM   1388 C CG  . ASP A 1 181 ? -14.592 -5.105  11.527  1.00 61.56  ? 181 ASP A CG  1 
ATOM   1389 O OD1 . ASP A 1 181 ? -15.754 -5.548  11.651  1.00 60.73  ? 181 ASP A OD1 1 
ATOM   1390 O OD2 . ASP A 1 181 ? -13.972 -4.554  12.461  1.00 62.28  ? 181 ASP A OD2 1 
ATOM   1391 N N   . PHE A 1 182 ? -14.276 -6.387  6.804   1.00 50.83  ? 182 PHE A N   1 
ATOM   1392 C CA  . PHE A 1 182 ? -13.975 -5.971  5.438   1.00 52.32  ? 182 PHE A CA  1 
ATOM   1393 C C   . PHE A 1 182 ? -15.226 -5.413  4.770   1.00 55.05  ? 182 PHE A C   1 
ATOM   1394 O O   . PHE A 1 182 ? -16.229 -6.132  4.658   1.00 54.03  ? 182 PHE A O   1 
ATOM   1395 C CB  . PHE A 1 182 ? -13.427 -7.153  4.646   1.00 50.66  ? 182 PHE A CB  1 
ATOM   1396 C CG  . PHE A 1 182 ? -13.129 -6.836  3.212   1.00 49.65  ? 182 PHE A CG  1 
ATOM   1397 C CD1 . PHE A 1 182 ? -12.026 -6.074  2.871   1.00 48.88  ? 182 PHE A CD1 1 
ATOM   1398 C CD2 . PHE A 1 182 ? -13.952 -7.302  2.202   1.00 50.95  ? 182 PHE A CD2 1 
ATOM   1399 C CE1 . PHE A 1 182 ? -11.750 -5.784  1.551   1.00 49.68  ? 182 PHE A CE1 1 
ATOM   1400 C CE2 . PHE A 1 182 ? -13.682 -7.014  0.881   1.00 53.12  ? 182 PHE A CE2 1 
ATOM   1401 C CZ  . PHE A 1 182 ? -12.580 -6.254  0.555   1.00 51.31  ? 182 PHE A CZ  1 
ATOM   1402 N N   . PRO A 1 183 ? -15.220 -4.164  4.318   1.00 58.59  ? 183 PRO A N   1 
ATOM   1403 C CA  . PRO A 1 183 ? -16.414 -3.583  3.701   1.00 56.80  ? 183 PRO A CA  1 
ATOM   1404 C C   . PRO A 1 183 ? -16.495 -3.840  2.205   1.00 59.50  ? 183 PRO A C   1 
ATOM   1405 O O   . PRO A 1 183 ? -15.498 -4.082  1.524   1.00 61.42  ? 183 PRO A O   1 
ATOM   1406 C CB  . PRO A 1 183 ? -16.238 -2.084  3.980   1.00 55.84  ? 183 PRO A CB  1 
ATOM   1407 C CG  . PRO A 1 183 ? -14.761 -1.897  3.934   1.00 56.13  ? 183 PRO A CG  1 
ATOM   1408 C CD  . PRO A 1 183 ? -14.154 -3.162  4.500   1.00 57.50  ? 183 PRO A CD  1 
ATOM   1409 N N   . GLY A 1 184 ? -17.725 -3.786  1.698   1.00 68.59  ? 184 GLY A N   1 
ATOM   1410 C CA  . GLY A 1 184 ? -17.971 -3.818  0.278   1.00 69.43  ? 184 GLY A CA  1 
ATOM   1411 C C   . GLY A 1 184 ? -17.855 -5.200  -0.329  1.00 69.87  ? 184 GLY A C   1 
ATOM   1412 O O   . GLY A 1 184 ? -17.451 -6.166  0.326   1.00 69.45  ? 184 GLY A O   1 
ATOM   1413 N N   . PRO A 1 185 ? -18.217 -5.319  -1.605  1.00 68.92  ? 185 PRO A N   1 
ATOM   1414 C CA  . PRO A 1 185 ? -18.076 -6.603  -2.295  1.00 66.76  ? 185 PRO A CA  1 
ATOM   1415 C C   . PRO A 1 185 ? -16.615 -6.951  -2.528  1.00 66.81  ? 185 PRO A C   1 
ATOM   1416 O O   . PRO A 1 185 ? -15.754 -6.078  -2.656  1.00 66.45  ? 185 PRO A O   1 
ATOM   1417 C CB  . PRO A 1 185 ? -18.812 -6.373  -3.618  1.00 66.04  ? 185 PRO A CB  1 
ATOM   1418 C CG  . PRO A 1 185 ? -18.658 -4.908  -3.858  1.00 66.32  ? 185 PRO A CG  1 
ATOM   1419 C CD  . PRO A 1 185 ? -18.755 -4.274  -2.494  1.00 66.92  ? 185 PRO A CD  1 
ATOM   1420 N N   . SER A 1 186 ? -16.344 -8.250  -2.585  1.00 58.19  ? 186 SER A N   1 
ATOM   1421 C CA  . SER A 1 186 ? -14.995 -8.758  -2.783  1.00 54.54  ? 186 SER A CA  1 
ATOM   1422 C C   . SER A 1 186 ? -14.818 -9.201  -4.228  1.00 58.16  ? 186 SER A C   1 
ATOM   1423 O O   . SER A 1 186 ? -15.622 -9.982  -4.747  1.00 63.84  ? 186 SER A O   1 
ATOM   1424 C CB  . SER A 1 186 ? -14.705 -9.921  -1.832  1.00 56.28  ? 186 SER A CB  1 
ATOM   1425 O OG  . SER A 1 186 ? -13.561 -10.644 -2.246  1.00 61.45  ? 186 SER A OG  1 
ATOM   1426 N N   . VAL A 1 187 ? -13.769 -8.692  -4.875  1.00 51.52  ? 187 VAL A N   1 
ATOM   1427 C CA  . VAL A 1 187 ? -13.474 -9.085  -6.250  1.00 52.62  ? 187 VAL A CA  1 
ATOM   1428 C C   . VAL A 1 187 ? -13.008 -10.537 -6.303  1.00 58.03  ? 187 VAL A C   1 
ATOM   1429 O O   . VAL A 1 187 ? -13.319 -11.273 -7.250  1.00 61.59  ? 187 VAL A O   1 
ATOM   1430 C CB  . VAL A 1 187 ? -12.435 -8.124  -6.855  1.00 52.87  ? 187 VAL A CB  1 
ATOM   1431 C CG1 . VAL A 1 187 ? -11.972 -8.614  -8.216  1.00 56.88  ? 187 VAL A CG1 1 
ATOM   1432 C CG2 . VAL A 1 187 ? -13.009 -6.721  -6.955  1.00 52.03  ? 187 VAL A CG2 1 
ATOM   1433 N N   . VAL A 1 188 ? -12.260 -10.973 -5.286  1.00 50.14  ? 188 VAL A N   1 
ATOM   1434 C CA  . VAL A 1 188 ? -11.725 -12.332 -5.272  1.00 50.87  ? 188 VAL A CA  1 
ATOM   1435 C C   . VAL A 1 188 ? -12.855 -13.355 -5.251  1.00 56.50  ? 188 VAL A C   1 
ATOM   1436 O O   . VAL A 1 188 ? -12.764 -14.414 -5.887  1.00 63.75  ? 188 VAL A O   1 
ATOM   1437 C CB  . VAL A 1 188 ? -10.771 -12.513 -4.078  1.00 51.59  ? 188 VAL A CB  1 
ATOM   1438 C CG1 . VAL A 1 188 ? -10.287 -13.950 -3.992  1.00 57.19  ? 188 VAL A CG1 1 
ATOM   1439 C CG2 . VAL A 1 188 ? -9.597  -11.558 -4.196  1.00 51.74  ? 188 VAL A CG2 1 
ATOM   1440 N N   . ARG A 1 189 ? -13.931 -13.063 -4.519  1.00 54.62  ? 189 ARG A N   1 
ATOM   1441 C CA  . ARG A 1 189 ? -15.085 -13.956 -4.528  1.00 55.73  ? 189 ARG A CA  1 
ATOM   1442 C C   . ARG A 1 189 ? -15.698 -14.047 -5.918  1.00 59.31  ? 189 ARG A C   1 
ATOM   1443 O O   . ARG A 1 189 ? -16.142 -15.121 -6.339  1.00 63.59  ? 189 ARG A O   1 
ATOM   1444 C CB  . ARG A 1 189 ? -16.123 -13.488 -3.509  1.00 58.40  ? 189 ARG A CB  1 
ATOM   1445 C CG  . ARG A 1 189 ? -15.659 -13.615 -2.074  1.00 59.84  ? 189 ARG A CG  1 
ATOM   1446 C CD  . ARG A 1 189 ? -16.734 -13.175 -1.102  1.00 60.13  ? 189 ARG A CD  1 
ATOM   1447 N NE  . ARG A 1 189 ? -16.257 -13.212 0.275   1.00 62.97  ? 189 ARG A NE  1 
ATOM   1448 C CZ  . ARG A 1 189 ? -16.332 -14.276 1.062   1.00 66.16  ? 189 ARG A CZ  1 
ATOM   1449 N NH1 . ARG A 1 189 ? -16.867 -15.411 0.640   1.00 64.54  ? 189 ARG A NH1 1 
ATOM   1450 N NH2 . ARG A 1 189 ? -15.857 -14.201 2.301   1.00 62.68  ? 189 ARG A NH2 1 
ATOM   1451 N N   . GLY A 1 190 ? -15.737 -12.929 -6.644  1.00 58.70  ? 190 GLY A N   1 
ATOM   1452 C CA  . GLY A 1 190 ? -16.173 -12.979 -8.028  1.00 60.22  ? 190 GLY A CA  1 
ATOM   1453 C C   . GLY A 1 190 ? -15.256 -13.823 -8.891  1.00 60.94  ? 190 GLY A C   1 
ATOM   1454 O O   . GLY A 1 190 ? -15.709 -14.497 -9.820  1.00 62.21  ? 190 GLY A O   1 
ATOM   1455 N N   . PHE A 1 191 ? -13.954 -13.787 -8.604  1.00 62.75  ? 191 PHE A N   1 
ATOM   1456 C CA  . PHE A 1 191 ? -13.018 -14.655 -9.316  1.00 59.02  ? 191 PHE A CA  1 
ATOM   1457 C C   . PHE A 1 191 ? -13.301 -16.125 -9.036  1.00 58.87  ? 191 PHE A C   1 
ATOM   1458 O O   . PHE A 1 191 ? -13.270 -16.957 -9.950  1.00 61.83  ? 191 PHE A O   1 
ATOM   1459 C CB  . PHE A 1 191 ? -11.580 -14.311 -8.932  1.00 55.86  ? 191 PHE A CB  1 
ATOM   1460 C CG  . PHE A 1 191 ? -10.950 -13.266 -9.804  1.00 57.54  ? 191 PHE A CG  1 
ATOM   1461 C CD1 . PHE A 1 191 ? -10.442 -13.600 -11.047 1.00 61.37  ? 191 PHE A CD1 1 
ATOM   1462 C CD2 . PHE A 1 191 ? -10.855 -11.954 -9.379  1.00 59.18  ? 191 PHE A CD2 1 
ATOM   1463 C CE1 . PHE A 1 191 ? -9.858  -12.643 -11.852 1.00 63.28  ? 191 PHE A CE1 1 
ATOM   1464 C CE2 . PHE A 1 191 ? -10.272 -10.994 -10.179 1.00 63.33  ? 191 PHE A CE2 1 
ATOM   1465 C CZ  . PHE A 1 191 ? -9.773  -11.338 -11.417 1.00 63.92  ? 191 PHE A CZ  1 
ATOM   1466 N N   . VAL A 1 192 ? -13.578 -16.465 -7.778  1.00 69.05  ? 192 VAL A N   1 
ATOM   1467 C CA  . VAL A 1 192 ? -13.753 -17.866 -7.403  1.00 68.04  ? 192 VAL A CA  1 
ATOM   1468 C C   . VAL A 1 192 ? -15.120 -18.377 -7.837  1.00 68.40  ? 192 VAL A C   1 
ATOM   1469 O O   . VAL A 1 192 ? -15.232 -19.436 -8.467  1.00 71.50  ? 192 VAL A O   1 
ATOM   1470 C CB  . VAL A 1 192 ? -13.540 -18.045 -5.889  1.00 69.94  ? 192 VAL A CB  1 
ATOM   1471 C CG1 . VAL A 1 192 ? -13.879 -19.465 -5.472  1.00 69.38  ? 192 VAL A CG1 1 
ATOM   1472 C CG2 . VAL A 1 192 ? -12.106 -17.707 -5.513  1.00 70.98  ? 192 VAL A CG2 1 
ATOM   1473 N N   . GLU A 1 193 ? -16.177 -17.641 -7.513  1.00 78.33  ? 193 GLU A N   1 
ATOM   1474 C CA  . GLU A 1 193 ? -17.530 -18.059 -7.858  1.00 80.72  ? 193 GLU A CA  1 
ATOM   1475 C C   . GLU A 1 193 ? -17.937 -17.555 -9.239  1.00 83.16  ? 193 GLU A C   1 
ATOM   1476 O O   . GLU A 1 193 ? -19.048 -17.808 -9.702  1.00 83.09  ? 193 GLU A O   1 
ATOM   1477 C CB  . GLU A 1 193 ? -18.528 -17.571 -6.807  1.00 78.44  ? 193 GLU A CB  1 
ATOM   1478 C CG  . GLU A 1 193 ? -18.666 -18.498 -5.611  1.00 79.82  ? 193 GLU A CG  1 
ATOM   1479 C CD  . GLU A 1 193 ? -17.715 -18.148 -4.484  1.00 83.17  ? 193 GLU A CD  1 
ATOM   1480 O OE1 . GLU A 1 193 ? -17.321 -16.969 -4.382  1.00 84.49  ? 193 GLU A OE1 1 
ATOM   1481 O OE2 . GLU A 1 193 ? -17.360 -19.055 -3.701  1.00 84.40  ? 193 GLU A OE2 1 
HETATM 1482 N N1A . COA B 2 .   ? -13.989 11.035  -6.101  1.00 73.04  ? 501 COA A N1A 1 
HETATM 1483 C C2A . COA B 2 .   ? -12.905 11.766  -5.881  1.00 71.86  ? 501 COA A C2A 1 
HETATM 1484 N N3A . COA B 2 .   ? -12.538 12.165  -4.679  1.00 71.84  ? 501 COA A N3A 1 
HETATM 1485 C C4A . COA B 2 .   ? -13.266 11.838  -3.613  1.00 74.27  ? 501 COA A C4A 1 
HETATM 1486 C C5A . COA B 2 .   ? -14.424 11.064  -3.800  1.00 76.97  ? 501 COA A C5A 1 
HETATM 1487 C C6A . COA B 2 .   ? -14.773 10.663  -5.096  1.00 75.90  ? 501 COA A C6A 1 
HETATM 1488 N N6A . COA B 2 .   ? -15.908 9.900   -5.315  1.00 72.37  ? 501 COA A N6A 1 
HETATM 1489 N N7A . COA B 2 .   ? -14.978 10.872  -2.582  1.00 76.39  ? 501 COA A N7A 1 
HETATM 1490 C C8A . COA B 2 .   ? -14.251 11.465  -1.680  1.00 75.62  ? 501 COA A C8A 1 
HETATM 1491 N N9A . COA B 2 .   ? -13.189 12.077  -2.262  1.00 75.59  ? 501 COA A N9A 1 
HETATM 1492 C C1B . COA B 2 .   ? -12.165 12.832  -1.538  1.00 72.46  ? 501 COA A C1B 1 
HETATM 1493 C C2B . COA B 2 .   ? -12.131 12.305  -0.079  1.00 74.25  ? 501 COA A C2B 1 
HETATM 1494 O O2B . COA B 2 .   ? -12.919 13.149  0.763   1.00 72.38  ? 501 COA A O2B 1 
HETATM 1495 C C3B . COA B 2 .   ? -10.633 12.377  0.298   1.00 77.18  ? 501 COA A C3B 1 
HETATM 1496 O O3B . COA B 2 .   ? -10.319 13.607  0.955   1.00 77.98  ? 501 COA A O3B 1 
HETATM 1497 P P3B . COA B 2 .   ? -9.911  13.208  2.455   1.00 88.43  ? 501 COA A P3B 1 
HETATM 1498 O O7A . COA B 2 .   ? -9.167  14.325  3.081   1.00 74.37  ? 501 COA A O7A 1 
HETATM 1499 O O8A . COA B 2 .   ? -11.251 12.903  3.300   1.00 74.54  ? 501 COA A O8A 1 
HETATM 1500 O O9A . COA B 2 .   ? -8.976  11.895  2.404   1.00 73.97  ? 501 COA A O9A 1 
HETATM 1501 C C4B . COA B 2 .   ? -9.912  12.273  -1.060  1.00 74.60  ? 501 COA A C4B 1 
HETATM 1502 O O4B . COA B 2 .   ? -10.861 12.553  -2.098  1.00 74.03  ? 501 COA A O4B 1 
HETATM 1503 C C5B . COA B 2 .   ? -9.392  10.852  -1.235  1.00 68.44  ? 501 COA A C5B 1 
HETATM 1504 O O5B . COA B 2 .   ? -8.059  10.714  -0.758  1.00 69.52  ? 501 COA A O5B 1 
HETATM 1505 P P1A . COA B 2 .   ? -8.080  9.285   -0.031  1.00 75.03  ? 501 COA A P1A 1 
HETATM 1506 O O1A . COA B 2 .   ? -8.343  8.218   -1.022  1.00 69.60  ? 501 COA A O1A 1 
HETATM 1507 O O2A . COA B 2 .   ? -9.280  9.339   1.038   1.00 70.96  ? 501 COA A O2A 1 
HETATM 1508 O O3A . COA B 2 .   ? -6.720  8.997   0.785   1.00 80.15  ? 501 COA A O3A 1 
HETATM 1509 P P2A . COA B 2 .   ? -5.426  9.041   -0.177  1.00 78.55  ? 501 COA A P2A 1 
HETATM 1510 O O4A . COA B 2 .   ? -4.826  10.381  -0.045  1.00 72.86  ? 501 COA A O4A 1 
HETATM 1511 O O5A . COA B 2 .   ? -5.799  8.771   -1.718  1.00 63.49  ? 501 COA A O5A 1 
HETATM 1512 O O6A . COA B 2 .   ? -4.377  7.928   0.322   1.00 71.20  ? 501 COA A O6A 1 
HETATM 1513 C CBP . COA B 2 .   ? -2.011  8.329   0.251   1.00 70.74  ? 501 COA A CBP 1 
HETATM 1514 C CCP . COA B 2 .   ? -3.253  7.952   -0.554  1.00 72.17  ? 501 COA A CCP 1 
HETATM 1515 C CDP . COA B 2 .   ? -1.026  7.159   0.227   1.00 72.23  ? 501 COA A CDP 1 
HETATM 1516 C CEP . COA B 2 .   ? -2.427  8.613   1.696   1.00 67.34  ? 501 COA A CEP 1 
HETATM 1517 C CAP . COA B 2 .   ? -1.417  9.598   -0.369  1.00 69.51  ? 501 COA A CAP 1 
HETATM 1518 O OAP . COA B 2 .   ? -1.996  10.749  0.259   1.00 73.00  ? 501 COA A OAP 1 
HETATM 1519 C C9P . COA B 2 .   ? 0.085   9.655   -0.232  1.00 71.55  ? 501 COA A C9P 1 
HETATM 1520 O O9P . COA B 2 .   ? 0.776   9.391   -1.185  1.00 74.02  ? 501 COA A O9P 1 
HETATM 1521 N N8P . COA B 2 .   ? 0.666   10.019  0.927   1.00 71.17  ? 501 COA A N8P 1 
HETATM 1522 C C7P . COA B 2 .   ? 2.127   10.071  1.018   1.00 71.16  ? 501 COA A C7P 1 
HETATM 1523 C C6P . COA B 2 .   ? 2.682   8.704   1.419   1.00 73.81  ? 501 COA A C6P 1 
HETATM 1524 C C5P . COA B 2 .   ? 2.027   8.263   2.702   1.00 72.28  ? 501 COA A C5P 1 
HETATM 1525 O O5P . COA B 2 .   ? 1.627   9.094   3.488   1.00 73.50  ? 501 COA A O5P 1 
HETATM 1526 N N4P . COA B 2 .   ? 1.875   6.950   2.961   1.00 67.14  ? 501 COA A N4P 1 
HETATM 1527 C C3P . COA B 2 .   ? 1.234   6.507   4.203   1.00 69.18  ? 501 COA A C3P 1 
HETATM 1528 C C2P . COA B 2 .   ? 2.296   6.326   5.289   1.00 71.99  ? 501 COA A C2P 1 
HETATM 1529 S S1P . COA B 2 .   ? 1.757   5.012   6.418   1.00 79.45  ? 501 COA A S1P 1 
# 
